data_9K9S
#
_entry.id   9K9S
#
_cell.length_a   1.00
_cell.length_b   1.00
_cell.length_c   1.00
_cell.angle_alpha   90.00
_cell.angle_beta   90.00
_cell.angle_gamma   90.00
#
_symmetry.space_group_name_H-M   'P 1'
#
loop_
_entity.id
_entity.type
_entity.pdbx_description
1 polymer 'DNA polymerase'
2 polymer E4R
3 polymer 'DNA polymerase processivity factor component A20'
4 polymer 'DNA (25-MER)'
5 polymer 'DNA (4U 38-MER)'
6 non-polymer 'MAGNESIUM ION'
7 non-polymer "THYMIDINE-5'-TRIPHOSPHATE"
#
loop_
_entity_poly.entity_id
_entity_poly.type
_entity_poly.pdbx_seq_one_letter_code
_entity_poly.pdbx_strand_id
1 'polypeptide(L)'
;MWSHPQFEKGSGSWSHPQFEKGSGSMDVRCINWFESHGENRFLYLKSRCRNGETVFIRFPHYFYYVVTDEIYQSLSPPPF
NARPMGKMRTIDIDETISYNLDIKDRKCSVADMWLIEEPKKRSIQNATMDEFFNISWFYISNGISPDGCYSLDEQYLTKI
NNGCYHCDDPRNCFAKEIPRFDIPRSYLFLAIACHFDKKFPSVFINPISHTSYCYIDLSGKRLLFTLINEEMLTEQEIQE
AVDRGCLRIQSLMEMDYERELVLCSEIVLLRIAKQLLELTFDYVVTFNGHNFDLRYITNRLELLTGEKIIFRSPDKKEAV
HLCIYERNQSSHKGVCGMANTTFHVNNNNGTIFFDLYSFIQKSEKLDSYKLDSISKNAFSCMGKVLNRGVREMTFIGDDT
TDAKGKADTFAKVLTTGNYVTVDEDIICKVIRKDILENGFKVVLSCPTLPNDIYKLSFGKDDIDLAQMYKDYNLNIALDM
ARYCIHDACLCQYLWEYYGVETKTDAGAATYVLPQSMVFEYRASTIIKGPLLKLLLETKTILVRSETKQKFPYEGGKVFA
PKQKMFSNNVLIFDYNSLYPNVCIFGNLSPETLVGVVVSTNRLEEEINNQLLLQKYPPPRYITVHCEPRLPNLISEIAIF
DRSIEGTIPRLLRTFLAERARYKKMLKQATSSTEKAIYDSMQYTYKIVANSVYGLMGFRNSALYSYASAKSCTSIGRRMI
LYLESVLNGAELSNGMLRFANTLSNPFYMDDRDINPIVKTSLPIDYRFRFRSVYGDTDSVFTEIDSQDVDKSIEIAKELE
RLINSRVLFNNFKIEFEAVYKNLIMQSKKKYTTMKYSASSNSKSVPERINKGTSETRRDVSKFHKNMIKTYKTRLSEMLS
EGRMNSNQVCIDILRSLETDLRSEFDSRSSPLELFMLSRMHHSNYKSADNPNMYLVTEYNKNNPETIELGERYYFAYICP
ANVPWTKKLVNIKTYETIIDRSFKLGSNQRIFYEVYFKRLTSEIVNLLDNKVLCISFFQRMFGSRPTFYEA
;
A
2 'polypeptide(L)'
;MNSVTISHAPYTITYHDDWEPVMSQLVEFYNEVASWLLRDETSPIPDKFFIQLKQPLRNKRVCVCGIDPYPKDGTGVPFE
SPNFTKKSIKEIASSISRLTGVIDYKGYNLNIIDGVIPWNYYLSCKLGETKSHAIYWDKISKLLLQHITKHVSVLYCLGK
TDFSNIRAKLESPVTTIVGYHPAARDHQFEKDRSFEIINVLLELDNKTPINWAQGFIY
;
B
3 'polypeptide(L)'
;MTSSADLTNLKELLSLYKSLRFSDSVAIEKYNSLVEWGTSTYWKIGVQKVTNVETSISDYYDEVKNKPFNIDPGYYIFLP
VYFGSVFIYSKGKNMVELGSGNSFQIPDEIRSACNKVLDSDNGIDFLRFVLLNNRWIMEDAISKYQSPVNIFKLASEYGL
NIPNYLEIEIEEDTLFDDELYSIMERSFDDTFPKISISYIKLGELKRQVVDFFKFSFMYIESIKVDRIGDNIFIPSVITK
SGKKILVKDVDHLIRSKVREHTFVKVKKKNTFSILYDYDGNGTETRGEVIKRIIDTIGRDYYVNGKYFSKVGIAGLKQLT
NKLDINECATVDELVDEINKSGTVKRKIKNQSVFDLSRECLGYPEADFITLVNNMRFKIENCKVVNFNIENTNCLNNPSI
ETIYGNFNQFVSIFNTVTDVKKRLFE
;
C
4 'polydeoxyribonucleotide'
;(DA)(DG)(DC)(DT)(DA)(DT)(DG)(DA)(DC)(DC)(DA)(DT)(DG)(DA)(DT)(DT)(DA)(DC)(DG)(DA)
(DA)(DT)(DT)(DG)(DC)
;
P
5 'polydeoxyribonucleotide'
;(DC)(DT)(DG)(ORP)(DA)(DC)(DG)(DA)(DA)(DT)(DT)(DA)(DA)(DG)(DC)(DA)(DA)(DT)(DT)
(DC)(DG)(DT)(DA)(DA)(DT)(DC)(DA)(DT)(DG)(DG)(DT)(DC)(DA)(DT)(DA)(DG)(DC)(DT)
;
T
#
loop_
_chem_comp.id
_chem_comp.type
_chem_comp.name
_chem_comp.formula
DA DNA linking 2'-DEOXYADENOSINE-5'-MONOPHOSPHATE 'C10 H14 N5 O6 P'
DC DNA linking 2'-DEOXYCYTIDINE-5'-MONOPHOSPHATE 'C9 H14 N3 O7 P'
DG DNA linking 2'-DEOXYGUANOSINE-5'-MONOPHOSPHATE 'C10 H14 N5 O7 P'
DT DNA linking THYMIDINE-5'-MONOPHOSPHATE 'C10 H15 N2 O8 P'
MG non-polymer 'MAGNESIUM ION' 'Mg 2'
ORP saccharide 2-DEOXY-5-PHOSPHONO-RIBOSE 'C5 H11 O7 P'
TTP non-polymer THYMIDINE-5'-TRIPHOSPHATE 'C10 H17 N2 O14 P3'
#
# COMPACT_ATOMS: atom_id res chain seq x y z
N SER A 25 15.29 31.72 34.07
CA SER A 25 15.30 31.78 32.61
C SER A 25 16.72 31.95 32.08
N MET A 26 16.95 33.01 31.32
CA MET A 26 18.26 33.35 30.74
C MET A 26 18.68 32.20 29.83
N ASP A 27 19.74 31.47 30.15
CA ASP A 27 20.25 30.44 29.26
C ASP A 27 19.51 29.12 29.51
N VAL A 28 18.92 28.56 28.46
CA VAL A 28 18.13 27.34 28.56
C VAL A 28 18.45 26.42 27.40
N ARG A 29 18.53 25.13 27.69
CA ARG A 29 18.59 24.08 26.68
C ARG A 29 17.27 23.32 26.67
N CYS A 30 16.72 23.11 25.49
CA CYS A 30 15.41 22.51 25.32
C CYS A 30 15.47 21.00 25.50
N ILE A 31 14.39 20.44 26.06
CA ILE A 31 14.26 19.02 26.28
C ILE A 31 13.06 18.43 25.56
N ASN A 32 11.91 19.09 25.62
CA ASN A 32 10.71 18.55 25.02
C ASN A 32 9.75 19.68 24.69
N TRP A 33 8.89 19.42 23.70
CA TRP A 33 7.76 20.28 23.37
C TRP A 33 6.50 19.42 23.35
N PHE A 34 5.41 19.94 23.91
CA PHE A 34 4.19 19.16 24.03
C PHE A 34 3.00 20.10 24.11
N GLU A 35 1.81 19.53 23.84
CA GLU A 35 0.57 20.27 23.77
C GLU A 35 -0.34 19.97 24.94
N SER A 36 -1.31 20.85 25.15
CA SER A 36 -2.36 20.65 26.15
C SER A 36 -3.71 20.72 25.46
N HIS A 37 -4.59 19.79 25.78
CA HIS A 37 -5.85 19.62 25.07
C HIS A 37 -7.04 19.86 25.99
N GLY A 38 -6.96 20.91 26.79
CA GLY A 38 -8.04 21.28 27.70
C GLY A 38 -9.02 22.24 27.07
N GLU A 39 -9.61 23.10 27.92
CA GLU A 39 -10.54 24.11 27.42
C GLU A 39 -9.84 25.07 26.50
N ASN A 40 -8.64 25.51 26.86
CA ASN A 40 -7.81 26.35 26.01
C ASN A 40 -6.61 25.55 25.52
N ARG A 41 -6.19 25.83 24.29
CA ARG A 41 -5.12 25.10 23.65
C ARG A 41 -3.82 25.89 23.76
N PHE A 42 -2.77 25.23 24.23
CA PHE A 42 -1.48 25.86 24.46
C PHE A 42 -0.37 24.95 23.94
N LEU A 43 0.84 25.51 23.89
CA LEU A 43 2.03 24.77 23.54
C LEU A 43 3.08 25.02 24.61
N TYR A 44 3.79 23.97 25.00
CA TYR A 44 4.69 24.03 26.14
C TYR A 44 6.10 23.67 25.73
N LEU A 45 7.07 24.41 26.29
CA LEU A 45 8.48 24.10 26.15
C LEU A 45 9.08 23.83 27.52
N LYS A 46 9.77 22.71 27.63
CA LYS A 46 10.48 22.31 28.84
C LYS A 46 11.97 22.47 28.60
N SER A 47 12.66 23.10 29.55
CA SER A 47 14.08 23.38 29.35
C SER A 47 14.80 23.31 30.68
N ARG A 48 16.12 23.21 30.61
CA ARG A 48 16.94 23.27 31.81
C ARG A 48 18.02 24.34 31.67
N CYS A 49 18.35 24.96 32.80
CA CYS A 49 19.36 26.01 32.87
C CYS A 49 20.72 25.39 33.16
N ARG A 50 21.72 26.24 33.40
CA ARG A 50 23.07 25.74 33.66
C ARG A 50 23.18 25.07 35.02
N ASN A 51 22.61 25.69 36.05
CA ASN A 51 22.70 25.13 37.40
C ASN A 51 21.92 23.83 37.52
N GLY A 52 20.76 23.75 36.88
CA GLY A 52 19.96 22.55 36.93
C GLY A 52 18.48 22.82 37.14
N GLU A 53 18.10 24.10 37.16
CA GLU A 53 16.71 24.46 37.31
C GLU A 53 15.92 24.15 36.06
N THR A 54 14.69 23.68 36.24
CA THR A 54 13.79 23.36 35.14
C THR A 54 12.84 24.52 34.91
N VAL A 55 12.71 24.94 33.66
CA VAL A 55 11.90 26.09 33.29
C VAL A 55 10.88 25.66 32.26
N PHE A 56 9.64 26.08 32.45
CA PHE A 56 8.55 25.83 31.51
C PHE A 56 8.09 27.16 30.90
N ILE A 57 7.88 27.16 29.59
CA ILE A 57 7.38 28.34 28.89
C ILE A 57 6.15 27.96 28.09
N ARG A 58 5.12 28.81 28.15
CA ARG A 58 3.82 28.55 27.54
C ARG A 58 3.57 29.52 26.40
N PHE A 59 3.08 29.01 25.27
CA PHE A 59 2.80 29.74 24.06
C PHE A 59 1.34 29.55 23.63
N PRO A 60 0.65 30.62 23.24
CA PRO A 60 -0.63 30.44 22.56
C PRO A 60 -0.43 29.72 21.25
N HIS A 61 -1.37 28.85 20.92
CA HIS A 61 -1.19 27.90 19.83
C HIS A 61 -2.30 28.08 18.80
N TYR A 62 -1.90 28.37 17.56
CA TYR A 62 -2.79 28.86 16.52
C TYR A 62 -2.97 27.83 15.41
N PHE A 63 -3.93 28.10 14.54
CA PHE A 63 -4.15 27.39 13.29
C PHE A 63 -3.66 28.28 12.16
N TYR A 64 -2.81 27.72 11.28
CA TYR A 64 -2.10 28.53 10.29
C TYR A 64 -2.67 28.30 8.90
N TYR A 65 -2.90 29.38 8.18
CA TYR A 65 -3.38 29.31 6.80
C TYR A 65 -2.61 30.29 5.94
N VAL A 66 -2.53 29.99 4.64
CA VAL A 66 -1.80 30.81 3.67
C VAL A 66 -2.78 31.28 2.61
N VAL A 67 -2.86 32.59 2.41
CA VAL A 67 -3.82 33.18 1.48
C VAL A 67 -3.11 34.21 0.61
N THR A 68 -3.78 34.60 -0.47
CA THR A 68 -3.32 35.67 -1.32
C THR A 68 -3.80 37.02 -0.79
N ASP A 69 -3.31 38.09 -1.41
CA ASP A 69 -3.74 39.42 -1.01
C ASP A 69 -5.21 39.64 -1.32
N GLU A 70 -5.67 39.16 -2.48
CA GLU A 70 -7.08 39.31 -2.84
C GLU A 70 -7.99 38.60 -1.87
N ILE A 71 -7.62 37.38 -1.47
CA ILE A 71 -8.41 36.66 -0.48
C ILE A 71 -8.31 37.33 0.89
N TYR A 72 -7.14 37.89 1.20
CA TYR A 72 -6.96 38.57 2.48
C TYR A 72 -7.86 39.79 2.59
N GLN A 73 -8.02 40.53 1.51
CA GLN A 73 -8.88 41.71 1.51
C GLN A 73 -10.33 41.37 1.23
N SER A 74 -10.74 40.11 1.38
CA SER A 74 -12.12 39.71 1.15
C SER A 74 -12.60 38.71 2.21
N LEU A 75 -11.92 38.63 3.35
CA LEU A 75 -12.33 37.73 4.41
C LEU A 75 -13.48 38.36 5.18
N SER A 76 -14.60 37.64 5.31
CA SER A 76 -15.81 38.26 5.84
C SER A 76 -15.65 38.69 7.30
N PRO A 77 -15.27 37.83 8.24
CA PRO A 77 -14.77 38.33 9.52
C PRO A 77 -13.26 38.46 9.48
N PRO A 78 -12.72 39.61 9.85
CA PRO A 78 -11.28 39.82 9.77
C PRO A 78 -10.53 38.80 10.60
N PRO A 79 -9.36 38.34 10.15
CA PRO A 79 -8.62 37.33 10.88
C PRO A 79 -8.05 37.87 12.19
N PHE A 80 -7.71 36.93 13.08
CA PHE A 80 -7.12 37.32 14.36
C PHE A 80 -5.80 38.06 14.16
N ASN A 81 -4.93 37.52 13.32
CA ASN A 81 -3.65 38.16 13.03
C ASN A 81 -3.11 37.64 11.72
N ALA A 82 -2.41 38.51 11.00
CA ALA A 82 -1.84 38.18 9.71
C ALA A 82 -0.45 38.79 9.58
N ARG A 83 0.47 38.03 8.98
CA ARG A 83 1.83 38.47 8.78
C ARG A 83 2.20 38.37 7.31
N PRO A 84 2.85 39.39 6.74
CA PRO A 84 3.18 39.35 5.31
C PRO A 84 4.37 38.45 5.02
N MET A 85 4.23 37.60 4.01
CA MET A 85 5.30 36.71 3.59
C MET A 85 6.05 37.20 2.36
N GLY A 86 5.54 38.22 1.68
CA GLY A 86 6.18 38.74 0.50
C GLY A 86 5.60 38.19 -0.79
N LYS A 87 6.37 38.35 -1.85
CA LYS A 87 5.97 37.88 -3.18
C LYS A 87 6.38 36.43 -3.36
N MET A 88 5.42 35.58 -3.70
CA MET A 88 5.65 34.17 -3.89
C MET A 88 5.13 33.76 -5.26
N ARG A 89 5.71 32.69 -5.79
CA ARG A 89 5.41 32.17 -7.11
C ARG A 89 4.72 30.82 -7.00
N THR A 90 3.53 30.72 -7.58
CA THR A 90 2.73 29.50 -7.57
C THR A 90 2.84 28.81 -8.92
N ILE A 91 3.15 27.50 -8.89
CA ILE A 91 3.36 26.71 -10.09
C ILE A 91 2.44 25.50 -10.07
N ASP A 92 1.82 25.20 -11.20
CA ASP A 92 0.99 24.02 -11.36
C ASP A 92 1.86 22.84 -11.79
N ILE A 93 1.87 21.78 -10.99
CA ILE A 93 2.82 20.69 -11.19
C ILE A 93 2.12 19.46 -11.73
N ASP A 94 1.03 19.64 -12.45
CA ASP A 94 0.36 18.53 -13.12
C ASP A 94 1.03 18.22 -14.44
N GLU A 95 0.92 16.96 -14.86
CA GLU A 95 1.62 16.45 -16.03
C GLU A 95 0.63 16.08 -17.12
N THR A 96 0.89 16.55 -18.33
CA THR A 96 0.04 16.25 -19.48
C THR A 96 0.90 15.80 -20.65
N ILE A 97 0.33 14.97 -21.49
CA ILE A 97 1.04 14.33 -22.61
C ILE A 97 0.76 15.12 -23.87
N SER A 98 1.81 15.43 -24.62
CA SER A 98 1.71 16.24 -25.83
C SER A 98 2.10 15.43 -27.05
N TYR A 99 1.36 15.63 -28.14
CA TYR A 99 1.54 14.84 -29.35
C TYR A 99 2.37 15.54 -30.41
N ASN A 100 2.81 16.77 -30.17
CA ASN A 100 3.69 17.48 -31.09
C ASN A 100 4.61 18.36 -30.26
N LEU A 101 5.38 19.21 -30.93
CA LEU A 101 6.38 20.01 -30.24
C LEU A 101 5.90 21.39 -29.86
N ASP A 102 4.62 21.71 -30.08
CA ASP A 102 4.05 22.96 -29.60
C ASP A 102 3.56 22.74 -28.18
N ILE A 103 4.49 22.82 -27.24
CA ILE A 103 4.21 22.56 -25.84
C ILE A 103 3.84 23.88 -25.17
N LYS A 104 2.72 23.88 -24.46
CA LYS A 104 2.29 25.06 -23.73
C LYS A 104 3.10 25.24 -22.46
N ASP A 105 3.29 26.48 -22.07
CA ASP A 105 4.08 26.79 -20.88
C ASP A 105 3.32 26.43 -19.61
N ARG A 106 4.07 26.15 -18.55
CA ARG A 106 3.48 25.84 -17.27
C ARG A 106 2.83 27.07 -16.66
N LYS A 107 1.76 26.84 -15.91
CA LYS A 107 1.00 27.93 -15.30
C LYS A 107 1.75 28.44 -14.09
N CYS A 108 2.32 29.64 -14.20
CA CYS A 108 3.08 30.25 -13.11
C CYS A 108 2.51 31.63 -12.81
N SER A 109 2.25 31.90 -11.54
CA SER A 109 1.73 33.18 -11.10
C SER A 109 2.61 33.73 -9.98
N VAL A 110 2.60 35.05 -9.81
CA VAL A 110 3.35 35.71 -8.75
C VAL A 110 2.41 36.63 -8.01
N ALA A 111 2.40 36.54 -6.68
CA ALA A 111 1.46 37.33 -5.89
C ALA A 111 1.98 37.55 -4.48
N ASP A 112 1.47 38.60 -3.85
CA ASP A 112 1.76 38.89 -2.45
C ASP A 112 0.94 37.97 -1.56
N MET A 113 1.59 37.33 -0.60
CA MET A 113 0.96 36.30 0.20
C MET A 113 0.94 36.68 1.66
N TRP A 114 -0.06 36.16 2.39
CA TRP A 114 -0.26 36.44 3.80
C TRP A 114 -0.41 35.15 4.57
N LEU A 115 0.10 35.13 5.78
CA LEU A 115 0.02 33.99 6.69
C LEU A 115 -0.87 34.39 7.85
N ILE A 116 -2.04 33.77 7.95
CA ILE A 116 -3.05 34.13 8.93
C ILE A 116 -3.08 33.08 10.03
N GLU A 117 -3.20 33.53 11.26
CA GLU A 117 -3.27 32.68 12.44
C GLU A 117 -4.63 32.85 13.10
N GLU A 118 -5.31 31.73 13.37
CA GLU A 118 -6.64 31.75 13.93
C GLU A 118 -6.70 30.89 15.18
N PRO A 119 -7.31 31.37 16.27
CA PRO A 119 -7.45 30.53 17.46
C PRO A 119 -8.25 29.27 17.23
N LYS A 120 -9.28 29.30 16.38
CA LYS A 120 -10.12 28.16 16.11
C LYS A 120 -10.11 27.85 14.62
N LYS A 121 -10.47 26.61 14.29
CA LYS A 121 -10.39 26.15 12.91
C LYS A 121 -11.33 26.94 12.02
N ARG A 122 -10.88 27.20 10.79
CA ARG A 122 -11.64 27.96 9.82
C ARG A 122 -11.55 27.26 8.48
N SER A 123 -12.55 27.48 7.62
CA SER A 123 -12.59 26.91 6.28
C SER A 123 -12.46 28.05 5.27
N ILE A 124 -11.32 28.10 4.59
CA ILE A 124 -11.05 29.11 3.58
C ILE A 124 -10.99 28.43 2.23
N GLN A 125 -11.66 29.00 1.23
CA GLN A 125 -11.92 28.28 -0.01
C GLN A 125 -10.62 28.02 -0.79
N ASN A 126 -9.82 29.05 -1.01
CA ASN A 126 -8.66 28.95 -1.87
C ASN A 126 -7.36 29.16 -1.12
N ALA A 127 -7.24 28.55 0.05
CA ALA A 127 -5.98 28.56 0.79
C ALA A 127 -5.04 27.49 0.26
N THR A 128 -3.76 27.81 0.23
CA THR A 128 -2.74 26.92 -0.29
C THR A 128 -1.75 26.55 0.80
N MET A 129 -0.83 25.64 0.46
CA MET A 129 0.18 25.11 1.39
C MET A 129 -0.49 24.47 2.61
N ASP A 130 -1.37 23.52 2.33
CA ASP A 130 -2.22 22.94 3.35
C ASP A 130 -1.80 21.55 3.79
N GLU A 131 -0.60 21.11 3.43
CA GLU A 131 -0.12 19.78 3.79
C GLU A 131 0.89 19.81 4.93
N PHE A 132 1.09 20.96 5.56
CA PHE A 132 2.10 21.11 6.60
C PHE A 132 1.44 21.27 7.96
N PHE A 133 2.10 20.72 8.97
CA PHE A 133 1.56 20.73 10.33
C PHE A 133 1.61 22.13 10.93
N ASN A 134 0.94 22.27 12.07
CA ASN A 134 0.94 23.54 12.77
C ASN A 134 2.24 23.78 13.54
N ILE A 135 2.80 22.71 14.13
CA ILE A 135 4.04 22.86 14.89
C ILE A 135 5.18 23.23 13.95
N SER A 136 5.16 22.72 12.72
CA SER A 136 6.16 23.11 11.74
C SER A 136 6.07 24.59 11.42
N TRP A 137 4.85 25.10 11.27
CA TRP A 137 4.67 26.52 11.03
C TRP A 137 5.19 27.34 12.21
N PHE A 138 4.88 26.91 13.43
CA PHE A 138 5.40 27.60 14.61
C PHE A 138 6.92 27.70 14.56
N TYR A 139 7.58 26.56 14.39
CA TYR A 139 9.04 26.54 14.41
C TYR A 139 9.62 27.40 13.30
N ILE A 140 9.16 27.20 12.06
CA ILE A 140 9.83 27.83 10.92
C ILE A 140 9.52 29.31 10.87
N SER A 141 8.26 29.70 11.05
CA SER A 141 7.90 31.11 10.99
C SER A 141 8.47 31.89 12.18
N ASN A 142 8.71 31.22 13.31
CA ASN A 142 9.27 31.94 14.44
C ASN A 142 10.80 31.84 14.53
N GLY A 143 11.43 31.09 13.63
CA GLY A 143 12.88 30.95 13.68
C GLY A 143 13.42 30.22 14.89
N ILE A 144 12.79 29.10 15.26
CA ILE A 144 13.16 28.34 16.45
C ILE A 144 13.53 26.93 16.05
N SER A 145 14.58 26.39 16.66
CA SER A 145 14.93 25.00 16.52
C SER A 145 14.49 24.20 17.73
N PRO A 146 13.91 23.01 17.55
CA PRO A 146 13.40 22.26 18.70
C PRO A 146 14.47 21.79 19.67
N ASP A 147 15.74 21.77 19.27
CA ASP A 147 16.78 21.17 20.10
C ASP A 147 17.96 22.11 20.34
N GLY A 148 17.71 23.42 20.38
CA GLY A 148 18.78 24.39 20.52
C GLY A 148 18.89 24.97 21.93
N CYS A 149 19.96 25.75 22.12
CA CYS A 149 20.21 26.47 23.34
C CYS A 149 19.99 27.96 23.09
N TYR A 150 19.26 28.62 23.98
CA TYR A 150 18.85 30.00 23.78
C TYR A 150 19.11 30.83 25.03
N SER A 151 19.17 32.13 24.84
CA SER A 151 19.31 33.11 25.92
C SER A 151 18.07 33.98 25.88
N LEU A 152 17.03 33.56 26.59
CA LEU A 152 15.77 34.28 26.58
C LEU A 152 15.91 35.63 27.26
N ASP A 153 15.09 36.57 26.83
CA ASP A 153 15.01 37.88 27.47
C ASP A 153 13.70 38.00 28.22
N GLU A 154 13.79 38.39 29.49
CA GLU A 154 12.62 38.41 30.37
C GLU A 154 11.64 39.52 30.04
N GLN A 155 12.00 40.44 29.16
CA GLN A 155 11.10 41.54 28.81
C GLN A 155 9.82 41.04 28.17
N TYR A 156 9.89 39.91 27.45
CA TYR A 156 8.73 39.35 26.77
C TYR A 156 8.14 38.15 27.50
N LEU A 157 8.52 37.92 28.76
CA LEU A 157 8.05 36.79 29.53
C LEU A 157 7.31 37.26 30.77
N THR A 158 6.26 36.55 31.14
CA THR A 158 5.45 36.85 32.32
C THR A 158 5.36 35.60 33.17
N LYS A 159 5.62 35.75 34.47
CA LYS A 159 5.59 34.61 35.38
C LYS A 159 4.14 34.32 35.78
N ILE A 160 3.68 33.10 35.48
CA ILE A 160 2.35 32.67 35.85
C ILE A 160 2.35 31.64 36.97
N ASN A 161 3.47 30.97 37.22
CA ASN A 161 3.53 29.99 38.30
C ASN A 161 5.00 29.77 38.64
N ASN A 162 5.23 29.10 39.77
CA ASN A 162 6.60 28.81 40.20
C ASN A 162 7.22 27.84 39.21
N GLY A 163 8.10 28.36 38.36
CA GLY A 163 8.71 27.56 37.31
C GLY A 163 7.98 27.58 35.99
N CYS A 164 6.98 28.43 35.81
CA CYS A 164 6.22 28.47 34.56
C CYS A 164 5.97 29.91 34.15
N TYR A 165 6.45 30.27 32.96
CA TYR A 165 6.31 31.59 32.35
C TYR A 165 5.43 31.51 31.11
N HIS A 166 5.00 32.68 30.65
CA HIS A 166 4.14 32.81 29.48
C HIS A 166 4.78 33.78 28.48
N CYS A 167 4.79 33.38 27.21
CA CYS A 167 5.38 34.19 26.15
C CYS A 167 4.34 34.48 25.08
N ASP A 168 4.26 35.74 24.66
CA ASP A 168 3.34 36.13 23.60
C ASP A 168 4.03 36.51 22.30
N ASP A 169 5.34 36.71 22.31
CA ASP A 169 6.11 37.12 21.13
C ASP A 169 7.30 36.19 20.99
N PRO A 170 7.08 34.97 20.50
CA PRO A 170 8.19 34.00 20.43
C PRO A 170 9.31 34.39 19.48
N ARG A 171 9.07 35.29 18.53
CA ARG A 171 10.13 35.67 17.61
C ARG A 171 11.20 36.50 18.30
N ASN A 172 10.80 37.45 19.14
CA ASN A 172 11.76 38.28 19.86
C ASN A 172 12.36 37.55 21.07
N CYS A 173 11.59 36.69 21.72
CA CYS A 173 12.09 35.98 22.89
C CYS A 173 13.24 35.04 22.53
N PHE A 174 13.14 34.35 21.40
CA PHE A 174 14.12 33.38 20.97
C PHE A 174 15.08 33.93 19.92
N ALA A 175 15.40 35.22 19.99
CA ALA A 175 16.22 35.85 18.97
C ALA A 175 17.70 35.52 19.09
N LYS A 176 18.18 35.25 20.30
CA LYS A 176 19.59 35.02 20.55
C LYS A 176 19.87 33.53 20.74
N GLU A 177 20.76 33.00 19.92
CA GLU A 177 21.17 31.60 19.99
C GLU A 177 22.58 31.52 20.58
N ILE A 178 22.83 30.50 21.38
CA ILE A 178 24.11 30.37 22.07
C ILE A 178 24.62 28.95 21.87
N PRO A 179 25.93 28.73 22.04
CA PRO A 179 26.48 27.39 21.87
C PRO A 179 25.95 26.42 22.92
N ARG A 180 26.02 25.13 22.58
CA ARG A 180 25.46 24.07 23.41
C ARG A 180 26.24 23.90 24.70
N PHE A 181 25.52 23.55 25.76
CA PHE A 181 26.14 23.21 27.04
C PHE A 181 25.44 21.98 27.60
N ASP A 182 26.19 21.22 28.41
CA ASP A 182 25.69 19.97 28.95
C ASP A 182 24.83 20.21 30.18
N ILE A 183 23.84 19.34 30.35
CA ILE A 183 22.89 19.47 31.47
C ILE A 183 22.65 18.10 32.08
N PRO A 184 22.30 18.07 33.36
CA PRO A 184 21.92 16.81 34.00
C PRO A 184 20.52 16.36 33.57
N ARG A 185 20.27 15.06 33.72
CA ARG A 185 19.01 14.46 33.33
C ARG A 185 18.62 13.39 34.35
N SER A 186 17.33 13.06 34.38
CA SER A 186 16.76 12.12 35.34
C SER A 186 16.02 10.99 34.61
N TYR A 187 16.14 9.78 35.13
CA TYR A 187 15.59 8.59 34.48
C TYR A 187 14.93 7.67 35.49
N LEU A 188 13.89 6.96 35.03
CA LEU A 188 13.31 5.85 35.78
C LEU A 188 13.12 4.65 34.87
N PHE A 189 13.78 3.54 35.20
CA PHE A 189 13.58 2.26 34.53
C PHE A 189 12.88 1.31 35.50
N LEU A 190 11.92 0.54 34.99
CA LEU A 190 11.07 -0.24 35.87
C LEU A 190 10.71 -1.57 35.24
N ALA A 191 10.41 -2.55 36.09
CA ALA A 191 9.87 -3.84 35.66
C ALA A 191 9.03 -4.43 36.76
N ILE A 192 8.10 -5.31 36.40
CA ILE A 192 7.24 -5.97 37.36
C ILE A 192 7.18 -7.46 37.07
N ALA A 193 6.85 -8.23 38.09
CA ALA A 193 6.66 -9.67 37.97
C ALA A 193 5.38 -10.05 38.70
N CYS A 194 4.50 -10.78 38.00
CA CYS A 194 3.17 -11.12 38.47
C CYS A 194 2.99 -12.62 38.60
N HIS A 195 2.17 -13.02 39.56
CA HIS A 195 1.88 -14.42 39.82
C HIS A 195 0.93 -14.97 38.76
N PHE A 196 1.10 -16.24 38.41
CA PHE A 196 0.18 -16.88 37.49
C PHE A 196 0.10 -18.37 37.77
N ASP A 197 -1.03 -18.96 37.37
CA ASP A 197 -1.38 -20.33 37.71
C ASP A 197 -1.01 -21.33 36.61
N LYS A 198 -1.55 -21.14 35.40
CA LYS A 198 -1.28 -22.06 34.31
C LYS A 198 -0.97 -21.39 32.99
N LYS A 199 -1.09 -20.07 32.89
CA LYS A 199 -0.88 -19.34 31.66
C LYS A 199 -0.57 -17.89 32.02
N PHE A 200 -0.71 -17.01 31.05
CA PHE A 200 -0.58 -15.57 31.30
C PHE A 200 -1.39 -15.16 32.53
N PRO A 201 -0.97 -14.13 33.26
CA PRO A 201 -1.75 -13.65 34.40
C PRO A 201 -3.00 -12.90 33.98
N SER A 202 -3.90 -12.72 34.95
CA SER A 202 -5.10 -11.93 34.79
C SER A 202 -5.19 -10.94 35.95
N VAL A 203 -5.60 -9.71 35.66
CA VAL A 203 -5.62 -8.66 36.66
C VAL A 203 -6.71 -8.84 37.70
N PHE A 204 -7.65 -9.76 37.47
CA PHE A 204 -8.75 -9.98 38.39
C PHE A 204 -8.49 -11.12 39.36
N ILE A 205 -7.47 -11.94 39.14
CA ILE A 205 -7.24 -13.10 39.99
C ILE A 205 -5.82 -13.12 40.54
N ASN A 206 -4.89 -12.51 39.82
CA ASN A 206 -3.48 -12.72 40.10
C ASN A 206 -2.82 -11.46 40.61
N PRO A 207 -2.14 -11.50 41.75
CA PRO A 207 -1.51 -10.30 42.30
C PRO A 207 -0.10 -10.07 41.75
N ILE A 208 0.39 -8.86 41.99
CA ILE A 208 1.76 -8.49 41.65
C ILE A 208 2.69 -9.01 42.72
N SER A 209 3.72 -9.74 42.31
CA SER A 209 4.68 -10.32 43.25
C SER A 209 5.88 -9.43 43.50
N HIS A 210 6.48 -8.89 42.43
CA HIS A 210 7.69 -8.11 42.56
C HIS A 210 7.60 -6.85 41.71
N THR A 211 8.23 -5.76 42.20
CA THR A 211 8.38 -4.54 41.41
C THR A 211 9.79 -4.01 41.59
N SER A 212 10.51 -3.80 40.48
CA SER A 212 11.90 -3.40 40.51
C SER A 212 12.10 -2.06 39.82
N TYR A 213 12.94 -1.20 40.41
CA TYR A 213 13.19 0.15 39.94
C TYR A 213 14.67 0.47 39.92
N CYS A 214 15.10 1.14 38.85
CA CYS A 214 16.38 1.82 38.75
C CYS A 214 16.11 3.31 38.57
N TYR A 215 16.68 4.11 39.46
CA TYR A 215 16.33 5.52 39.64
C TYR A 215 17.57 6.38 39.53
N ILE A 216 17.54 7.37 38.65
CA ILE A 216 18.65 8.32 38.51
C ILE A 216 18.06 9.72 38.63
N ASP A 217 18.53 10.48 39.60
CA ASP A 217 18.06 11.83 39.84
C ASP A 217 18.99 12.85 39.20
N LEU A 218 18.71 14.14 39.43
CA LEU A 218 19.49 15.20 38.81
C LEU A 218 20.88 15.35 39.40
N SER A 219 21.15 14.73 40.56
CA SER A 219 22.45 14.79 41.19
C SER A 219 23.38 13.67 40.77
N GLY A 220 22.95 12.80 39.86
CA GLY A 220 23.77 11.71 39.38
C GLY A 220 23.71 10.44 40.20
N LYS A 221 22.94 10.41 41.29
CA LYS A 221 22.88 9.24 42.14
C LYS A 221 22.06 8.13 41.49
N ARG A 222 22.61 6.91 41.51
CA ARG A 222 21.97 5.75 40.92
C ARG A 222 21.51 4.81 42.02
N LEU A 223 20.21 4.52 42.05
CA LEU A 223 19.64 3.68 43.10
C LEU A 223 18.89 2.51 42.49
N LEU A 224 19.07 1.33 43.06
CA LEU A 224 18.36 0.12 42.65
C LEU A 224 17.57 -0.41 43.83
N PHE A 225 16.26 -0.60 43.64
CA PHE A 225 15.49 -1.17 44.74
C PHE A 225 14.35 -2.04 44.22
N THR A 226 14.06 -3.08 44.98
CA THR A 226 13.03 -4.06 44.65
C THR A 226 12.05 -4.21 45.82
N LEU A 227 10.76 -4.14 45.50
CA LEU A 227 9.69 -4.33 46.47
C LEU A 227 9.07 -5.71 46.26
N ILE A 228 8.90 -6.43 47.37
CA ILE A 228 8.42 -7.80 47.38
C ILE A 228 7.07 -7.83 48.10
N ASN A 229 6.07 -8.43 47.47
CA ASN A 229 4.77 -8.58 48.11
C ASN A 229 4.86 -9.61 49.22
N GLU A 230 4.53 -9.20 50.45
CA GLU A 230 4.62 -10.08 51.60
C GLU A 230 3.34 -10.85 51.86
N GLU A 231 2.27 -10.57 51.12
CA GLU A 231 1.01 -11.26 51.37
C GLU A 231 1.03 -12.71 50.95
N MET A 232 1.94 -13.10 50.06
CA MET A 232 2.07 -14.49 49.66
C MET A 232 3.25 -15.18 50.33
N LEU A 233 3.52 -14.83 51.59
CA LEU A 233 4.54 -15.48 52.40
C LEU A 233 3.98 -15.72 53.80
N THR A 234 4.55 -16.70 54.48
CA THR A 234 4.17 -17.01 55.85
C THR A 234 4.87 -16.05 56.83
N GLU A 235 4.31 -15.95 58.03
CA GLU A 235 4.85 -15.02 59.02
C GLU A 235 6.26 -15.38 59.44
N GLN A 236 6.52 -16.68 59.63
CA GLN A 236 7.88 -17.11 59.97
C GLN A 236 8.87 -16.74 58.88
N GLU A 237 8.45 -16.86 57.62
CA GLU A 237 9.32 -16.47 56.51
C GLU A 237 9.58 -14.96 56.53
N ILE A 238 8.57 -14.17 56.89
CA ILE A 238 8.77 -12.72 56.98
C ILE A 238 9.78 -12.38 58.06
N GLN A 239 9.65 -13.02 59.22
CA GLN A 239 10.60 -12.77 60.30
C GLN A 239 12.00 -13.21 59.90
N GLU A 240 12.12 -14.34 59.21
CA GLU A 240 13.42 -14.80 58.74
C GLU A 240 14.03 -13.82 57.74
N ALA A 241 13.21 -13.28 56.84
CA ALA A 241 13.71 -12.31 55.87
C ALA A 241 14.18 -11.04 56.56
N VAL A 242 13.44 -10.57 57.56
CA VAL A 242 13.85 -9.38 58.28
C VAL A 242 15.16 -9.62 59.02
N ASP A 243 15.30 -10.79 59.64
CA ASP A 243 16.57 -11.13 60.29
C ASP A 243 17.69 -11.32 59.29
N ARG A 244 17.38 -11.63 58.03
CA ARG A 244 18.40 -11.83 57.02
C ARG A 244 18.98 -10.52 56.51
N GLY A 245 18.23 -9.42 56.58
CA GLY A 245 18.75 -8.14 56.14
C GLY A 245 17.76 -7.22 55.45
N CYS A 246 16.56 -7.72 55.18
CA CYS A 246 15.55 -6.92 54.49
C CYS A 246 14.89 -5.93 55.46
N LEU A 247 14.09 -5.04 54.90
CA LEU A 247 13.39 -4.02 55.67
C LEU A 247 11.90 -4.16 55.45
N ARG A 248 11.13 -4.09 56.54
CA ARG A 248 9.70 -4.28 56.52
C ARG A 248 9.01 -2.95 56.79
N ILE A 249 8.06 -2.59 55.93
CA ILE A 249 7.35 -1.32 56.05
C ILE A 249 5.86 -1.59 56.06
N GLN A 250 5.14 -0.80 56.86
CA GLN A 250 3.69 -0.87 56.96
C GLN A 250 2.98 0.32 56.35
N SER A 251 3.71 1.37 55.99
CA SER A 251 3.11 2.59 55.48
C SER A 251 3.99 3.18 54.39
N LEU A 252 3.38 4.01 53.56
CA LEU A 252 4.08 4.60 52.43
C LEU A 252 5.12 5.63 52.87
N MET A 253 4.94 6.22 54.05
CA MET A 253 5.83 7.29 54.50
C MET A 253 7.11 6.79 55.12
N GLU A 254 7.29 5.48 55.29
CA GLU A 254 8.48 4.92 55.90
C GLU A 254 9.26 4.05 54.93
N MET A 255 9.35 4.49 53.68
CA MET A 255 10.11 3.79 52.65
C MET A 255 11.33 4.63 52.29
N ASP A 256 12.51 4.01 52.35
CA ASP A 256 13.74 4.67 51.92
C ASP A 256 14.29 3.93 50.70
N TYR A 257 14.66 4.70 49.69
CA TYR A 257 15.15 4.17 48.43
C TYR A 257 16.57 3.62 48.52
N GLU A 258 17.26 3.85 49.64
CA GLU A 258 18.63 3.39 49.79
C GLU A 258 18.72 1.95 50.24
N ARG A 259 17.59 1.27 50.46
CA ARG A 259 17.58 -0.14 50.82
C ARG A 259 17.34 -0.97 49.56
N GLU A 260 18.13 -2.02 49.38
CA GLU A 260 18.05 -2.82 48.16
C GLU A 260 16.75 -3.61 48.10
N LEU A 261 16.41 -4.32 49.17
CA LEU A 261 15.23 -5.17 49.22
C LEU A 261 14.27 -4.64 50.27
N VAL A 262 13.02 -4.41 49.88
CA VAL A 262 11.98 -3.99 50.80
C VAL A 262 10.76 -4.86 50.56
N LEU A 263 10.25 -5.43 51.66
CA LEU A 263 9.03 -6.28 51.58
C LEU A 263 7.87 -5.48 52.18
N CYS A 264 6.70 -5.58 51.55
CA CYS A 264 5.52 -4.86 52.01
C CYS A 264 4.28 -5.55 51.43
N SER A 265 3.12 -4.95 51.64
CA SER A 265 1.87 -5.47 51.10
C SER A 265 1.62 -4.91 49.71
N GLU A 266 0.54 -5.40 49.08
CA GLU A 266 0.29 -5.02 47.69
C GLU A 266 -0.18 -3.58 47.57
N ILE A 267 -1.01 -3.13 48.51
CA ILE A 267 -1.49 -1.75 48.48
C ILE A 267 -0.33 -0.78 48.62
N VAL A 268 0.60 -1.05 49.53
CA VAL A 268 1.74 -0.16 49.71
C VAL A 268 2.62 -0.14 48.47
N LEU A 269 2.80 -1.30 47.84
CA LEU A 269 3.59 -1.37 46.62
C LEU A 269 2.96 -0.55 45.50
N LEU A 270 1.64 -0.66 45.33
CA LEU A 270 0.96 0.10 44.30
C LEU A 270 0.99 1.60 44.61
N ARG A 271 0.89 1.97 45.89
CA ARG A 271 0.98 3.37 46.25
C ARG A 271 2.37 3.92 45.96
N ILE A 272 3.42 3.15 46.23
CA ILE A 272 4.78 3.57 45.90
C ILE A 272 4.93 3.76 44.40
N ALA A 273 4.36 2.83 43.62
CA ALA A 273 4.42 2.97 42.16
C ALA A 273 3.69 4.24 41.69
N LYS A 274 2.53 4.52 42.27
CA LYS A 274 1.78 5.71 41.89
C LYS A 274 2.55 6.98 42.26
N GLN A 275 3.20 6.98 43.42
CA GLN A 275 4.03 8.12 43.81
C GLN A 275 5.19 8.32 42.85
N LEU A 276 5.82 7.24 42.42
CA LEU A 276 6.97 7.37 41.53
C LEU A 276 6.56 7.83 40.15
N LEU A 277 5.44 7.32 39.63
CA LEU A 277 5.07 7.63 38.25
C LEU A 277 4.48 9.02 38.07
N GLU A 278 4.22 9.74 39.15
CA GLU A 278 3.68 11.09 39.08
C GLU A 278 4.76 12.15 39.21
N LEU A 279 6.03 11.77 39.32
CA LEU A 279 7.11 12.73 39.37
C LEU A 279 7.46 13.21 37.97
N THR A 280 8.25 14.28 37.92
CA THR A 280 8.62 14.89 36.64
C THR A 280 10.00 14.39 36.20
N PHE A 281 10.04 13.12 35.86
CA PHE A 281 11.23 12.56 35.22
C PHE A 281 11.33 13.05 33.79
N ASP A 282 12.55 13.03 33.26
CA ASP A 282 12.72 13.26 31.83
C ASP A 282 12.29 12.06 31.01
N TYR A 283 12.67 10.86 31.44
CA TYR A 283 12.33 9.63 30.73
C TYR A 283 11.90 8.55 31.71
N VAL A 284 10.77 7.93 31.40
CA VAL A 284 10.34 6.69 32.04
C VAL A 284 10.39 5.60 30.99
N VAL A 285 11.28 4.62 31.16
CA VAL A 285 11.62 3.67 30.12
C VAL A 285 11.18 2.28 30.53
N THR A 286 10.50 1.59 29.62
CA THR A 286 10.03 0.23 29.87
C THR A 286 10.23 -0.62 28.62
N PHE A 287 10.15 -1.93 28.80
CA PHE A 287 10.12 -2.89 27.69
C PHE A 287 8.76 -3.54 27.69
N ASN A 288 7.95 -3.25 26.66
CA ASN A 288 6.58 -3.74 26.57
C ASN A 288 5.78 -3.38 27.81
N GLY A 289 5.97 -2.16 28.28
CA GLY A 289 5.31 -1.70 29.49
C GLY A 289 3.99 -1.03 29.24
N HIS A 290 3.87 -0.35 28.10
CA HIS A 290 2.64 0.36 27.79
C HIS A 290 1.48 -0.60 27.55
N ASN A 291 1.76 -1.86 27.27
CA ASN A 291 0.71 -2.85 27.06
C ASN A 291 0.56 -3.83 28.21
N PHE A 292 1.60 -4.07 28.99
CA PHE A 292 1.51 -5.00 30.11
C PHE A 292 1.77 -4.36 31.46
N ASP A 293 2.90 -3.68 31.65
CA ASP A 293 3.31 -3.28 32.99
C ASP A 293 2.43 -2.16 33.55
N LEU A 294 2.41 -1.01 32.86
CA LEU A 294 1.65 0.13 33.36
C LEU A 294 0.16 -0.16 33.34
N ARG A 295 -0.31 -0.89 32.33
CA ARG A 295 -1.71 -1.28 32.27
C ARG A 295 -2.10 -2.13 33.48
N TYR A 296 -1.28 -3.13 33.79
CA TYR A 296 -1.53 -3.98 34.94
C TYR A 296 -1.50 -3.18 36.24
N ILE A 297 -0.53 -2.27 36.38
CA ILE A 297 -0.43 -1.48 37.60
C ILE A 297 -1.67 -0.61 37.78
N THR A 298 -2.07 0.09 36.72
CA THR A 298 -3.24 0.96 36.81
C THR A 298 -4.50 0.16 37.13
N ASN A 299 -4.72 -0.95 36.43
CA ASN A 299 -5.93 -1.73 36.64
C ASN A 299 -5.97 -2.32 38.05
N ARG A 300 -4.84 -2.86 38.52
CA ARG A 300 -4.83 -3.45 39.85
C ARG A 300 -5.02 -2.38 40.93
N LEU A 301 -4.43 -1.20 40.74
CA LEU A 301 -4.62 -0.12 41.70
C LEU A 301 -6.07 0.32 41.76
N GLU A 302 -6.73 0.36 40.59
CA GLU A 302 -8.14 0.73 40.57
C GLU A 302 -9.02 -0.37 41.17
N LEU A 303 -8.61 -1.63 41.05
CA LEU A 303 -9.40 -2.71 41.62
C LEU A 303 -9.30 -2.73 43.14
N LEU A 304 -8.09 -2.64 43.68
CA LEU A 304 -7.90 -2.83 45.11
C LEU A 304 -8.36 -1.60 45.89
N THR A 305 -7.72 -0.46 45.67
CA THR A 305 -8.20 0.82 46.15
C THR A 305 -9.08 1.43 45.06
N GLY A 306 -9.41 2.70 45.22
CA GLY A 306 -10.09 3.43 44.18
C GLY A 306 -9.24 4.49 43.49
N GLU A 307 -7.94 4.54 43.76
CA GLU A 307 -7.11 5.66 43.39
C GLU A 307 -6.76 5.62 41.90
N LYS A 308 -6.26 6.76 41.42
CA LYS A 308 -5.87 6.91 40.02
C LYS A 308 -4.54 7.65 39.96
N ILE A 309 -3.80 7.41 38.89
CA ILE A 309 -2.54 8.11 38.64
C ILE A 309 -2.85 9.37 37.84
N ILE A 310 -2.55 10.53 38.43
CA ILE A 310 -2.99 11.82 37.90
C ILE A 310 -1.78 12.60 37.41
N PHE A 311 -1.88 13.10 36.18
CA PHE A 311 -0.88 13.97 35.58
C PHE A 311 -1.42 15.39 35.54
N ARG A 312 -0.54 16.36 35.76
CA ARG A 312 -0.92 17.76 35.81
C ARG A 312 -0.04 18.57 34.87
N SER A 313 -0.64 19.62 34.29
CA SER A 313 0.06 20.49 33.38
C SER A 313 0.99 21.44 34.14
N PRO A 314 1.98 22.02 33.47
CA PRO A 314 2.92 22.90 34.17
C PRO A 314 2.29 24.12 34.81
N ASP A 315 1.10 24.54 34.36
CA ASP A 315 0.40 25.69 34.94
C ASP A 315 -0.64 25.27 35.97
N LYS A 316 -0.73 23.98 36.29
CA LYS A 316 -1.66 23.46 37.30
C LYS A 316 -3.11 23.77 36.93
N LYS A 317 -3.40 23.79 35.63
CA LYS A 317 -4.73 24.12 35.14
C LYS A 317 -5.46 22.95 34.51
N GLU A 318 -4.76 21.85 34.25
CA GLU A 318 -5.37 20.67 33.65
C GLU A 318 -4.92 19.43 34.42
N ALA A 319 -5.83 18.48 34.57
CA ALA A 319 -5.52 17.21 35.22
C ALA A 319 -6.06 16.07 34.36
N VAL A 320 -5.26 15.03 34.17
CA VAL A 320 -5.67 13.87 33.41
C VAL A 320 -5.35 12.61 34.20
N HIS A 321 -6.03 11.53 33.85
CA HIS A 321 -5.80 10.22 34.43
C HIS A 321 -5.04 9.34 33.44
N LEU A 322 -4.18 8.49 33.97
CA LEU A 322 -3.42 7.57 33.12
C LEU A 322 -4.36 6.61 32.42
N CYS A 323 -4.28 6.57 31.10
CA CYS A 323 -5.13 5.69 30.30
C CYS A 323 -4.40 5.42 28.99
N ILE A 324 -3.91 4.21 28.83
CA ILE A 324 -3.11 3.85 27.65
C ILE A 324 -4.03 3.75 26.45
N TYR A 325 -3.61 4.32 25.33
CA TYR A 325 -4.41 4.29 24.11
C TYR A 325 -3.64 3.62 22.98
N GLU A 326 -4.38 3.26 21.94
CA GLU A 326 -3.86 2.42 20.86
C GLU A 326 -3.92 3.18 19.55
N ARG A 327 -2.83 3.13 18.79
CA ARG A 327 -2.74 3.72 17.47
C ARG A 327 -2.55 2.61 16.46
N ASN A 328 -3.40 2.58 15.45
CA ASN A 328 -3.38 1.56 14.41
C ASN A 328 -2.88 2.17 13.11
N GLN A 329 -1.90 1.52 12.50
CA GLN A 329 -1.30 1.97 11.24
C GLN A 329 -1.62 0.95 10.15
N SER A 330 -2.17 1.45 9.05
CA SER A 330 -2.59 0.62 7.93
C SER A 330 -1.55 0.67 6.81
N SER A 331 -1.70 -0.24 5.87
CA SER A 331 -0.76 -0.38 4.76
C SER A 331 -1.23 0.45 3.57
N HIS A 332 -0.27 0.80 2.72
CA HIS A 332 -0.55 1.53 1.49
C HIS A 332 -0.58 0.62 0.27
N LYS A 333 -0.42 -0.69 0.45
CA LYS A 333 -0.52 -1.63 -0.65
C LYS A 333 -2.00 -1.97 -0.88
N GLY A 334 -2.25 -3.02 -1.66
CA GLY A 334 -3.62 -3.34 -2.04
C GLY A 334 -4.47 -3.70 -0.83
N VAL A 335 -5.75 -3.32 -0.90
CA VAL A 335 -6.76 -3.56 0.13
C VAL A 335 -6.47 -2.66 1.33
N CYS A 336 -5.26 -2.12 1.39
CA CYS A 336 -4.77 -1.32 2.52
C CYS A 336 -4.75 -2.16 3.78
N GLY A 337 -5.78 -2.09 4.60
CA GLY A 337 -5.87 -2.97 5.75
C GLY A 337 -4.88 -2.65 6.86
N MET A 338 -5.20 -3.06 8.08
CA MET A 338 -4.36 -2.73 9.22
C MET A 338 -3.12 -3.60 9.25
N ALA A 339 -2.00 -3.00 9.62
CA ALA A 339 -0.71 -3.69 9.60
C ALA A 339 0.14 -3.50 10.85
N ASN A 340 -0.18 -2.55 11.73
CA ASN A 340 0.61 -2.39 12.93
C ASN A 340 -0.22 -1.73 14.02
N THR A 341 0.14 -2.00 15.27
CA THR A 341 -0.50 -1.39 16.43
C THR A 341 0.58 -0.94 17.41
N THR A 342 0.30 0.15 18.12
CA THR A 342 1.26 0.69 19.07
C THR A 342 0.47 1.31 20.22
N PHE A 343 1.05 1.32 21.41
CA PHE A 343 0.36 1.79 22.60
C PHE A 343 1.11 2.95 23.23
N HIS A 344 0.36 3.95 23.70
CA HIS A 344 0.93 5.20 24.16
C HIS A 344 0.27 5.65 25.46
N VAL A 345 1.00 6.49 26.19
CA VAL A 345 0.55 7.11 27.43
C VAL A 345 0.06 8.52 27.12
N ASN A 346 -0.91 8.98 27.90
CA ASN A 346 -1.60 10.24 27.66
C ASN A 346 -1.24 11.31 28.69
N ASN A 347 0.03 11.35 29.10
CA ASN A 347 0.46 12.34 30.09
C ASN A 347 0.61 13.71 29.46
N ASN A 348 0.48 14.74 30.29
CA ASN A 348 0.53 16.12 29.84
C ASN A 348 1.48 16.96 30.70
N ASN A 349 2.54 16.34 31.22
CA ASN A 349 3.47 17.04 32.10
C ASN A 349 4.86 17.19 31.50
N GLY A 350 5.10 16.67 30.30
CA GLY A 350 6.39 16.80 29.65
C GLY A 350 7.27 15.57 29.72
N THR A 351 6.95 14.62 30.60
CA THR A 351 7.73 13.40 30.70
C THR A 351 7.54 12.54 29.45
N ILE A 352 8.62 11.92 29.00
CA ILE A 352 8.59 11.02 27.86
C ILE A 352 8.53 9.60 28.37
N PHE A 353 7.45 8.90 28.04
CA PHE A 353 7.28 7.49 28.36
C PHE A 353 7.71 6.69 27.14
N PHE A 354 8.87 6.04 27.24
CA PHE A 354 9.51 5.37 26.11
C PHE A 354 9.41 3.86 26.29
N ASP A 355 8.96 3.18 25.24
CA ASP A 355 8.87 1.73 25.22
C ASP A 355 9.89 1.21 24.21
N LEU A 356 10.88 0.46 24.71
CA LEU A 356 11.93 -0.03 23.84
C LEU A 356 11.44 -1.08 22.85
N TYR A 357 10.32 -1.73 23.16
CA TYR A 357 9.81 -2.81 22.31
C TYR A 357 9.43 -2.28 20.93
N SER A 358 8.63 -1.21 20.89
CA SER A 358 8.22 -0.65 19.61
C SER A 358 9.41 -0.09 18.84
N PHE A 359 10.32 0.57 19.55
CA PHE A 359 11.50 1.15 18.90
C PHE A 359 12.34 0.08 18.23
N ILE A 360 12.63 -1.01 18.95
CA ILE A 360 13.45 -2.06 18.38
C ILE A 360 12.69 -2.79 17.27
N GLN A 361 11.37 -2.91 17.40
CA GLN A 361 10.59 -3.50 16.31
C GLN A 361 10.74 -2.70 15.03
N LYS A 362 10.66 -1.38 15.11
CA LYS A 362 10.77 -0.54 13.93
C LYS A 362 12.20 -0.38 13.44
N SER A 363 13.19 -0.63 14.29
CA SER A 363 14.58 -0.33 13.94
C SER A 363 15.29 -1.49 13.25
N GLU A 364 15.41 -2.63 13.91
CA GLU A 364 16.16 -3.76 13.38
C GLU A 364 15.23 -4.95 13.12
N LYS A 365 15.73 -5.91 12.34
CA LYS A 365 14.93 -7.05 11.89
C LYS A 365 15.55 -8.35 12.40
N LEU A 366 14.81 -9.06 13.24
CA LEU A 366 15.24 -10.30 13.89
C LEU A 366 14.14 -11.35 13.75
N ASP A 367 14.44 -12.55 14.23
CA ASP A 367 13.47 -13.65 14.17
C ASP A 367 12.36 -13.44 15.20
N SER A 368 12.74 -13.08 16.42
CA SER A 368 11.79 -12.81 17.49
C SER A 368 12.19 -11.53 18.21
N TYR A 369 11.20 -10.84 18.77
CA TYR A 369 11.42 -9.58 19.46
C TYR A 369 11.14 -9.68 20.95
N LYS A 370 11.32 -10.86 21.52
CA LYS A 370 11.29 -10.99 22.97
C LYS A 370 12.59 -10.44 23.57
N LEU A 371 12.57 -10.23 24.88
CA LEU A 371 13.73 -9.62 25.52
C LEU A 371 14.95 -10.52 25.46
N ASP A 372 14.74 -11.83 25.56
CA ASP A 372 15.87 -12.76 25.52
C ASP A 372 16.59 -12.72 24.19
N SER A 373 15.84 -12.66 23.08
CA SER A 373 16.47 -12.61 21.76
C SER A 373 17.25 -11.32 21.58
N ILE A 374 16.70 -10.20 22.02
CA ILE A 374 17.40 -8.92 21.89
C ILE A 374 18.66 -8.92 22.75
N SER A 375 18.58 -9.47 23.95
CA SER A 375 19.77 -9.55 24.80
C SER A 375 20.84 -10.43 24.17
N LYS A 376 20.44 -11.57 23.60
CA LYS A 376 21.41 -12.44 22.95
C LYS A 376 22.05 -11.76 21.75
N ASN A 377 21.26 -11.01 21.00
CA ASN A 377 21.79 -10.33 19.82
C ASN A 377 22.69 -9.16 20.18
N ALA A 378 22.47 -8.54 21.34
CA ALA A 378 23.19 -7.32 21.69
C ALA A 378 24.46 -7.58 22.50
N PHE A 379 24.36 -8.36 23.57
CA PHE A 379 25.44 -8.51 24.54
C PHE A 379 26.07 -9.89 24.37
N SER A 380 27.05 -9.99 23.49
CA SER A 380 27.76 -11.23 23.24
C SER A 380 29.25 -10.94 23.14
N CYS A 381 30.07 -11.80 23.72
CA CYS A 381 31.51 -11.61 23.73
C CYS A 381 32.21 -12.94 23.59
N MET A 382 33.43 -12.89 23.05
CA MET A 382 34.26 -14.07 22.90
C MET A 382 35.10 -14.21 24.16
N GLY A 383 35.25 -15.44 24.64
CA GLY A 383 35.90 -15.70 25.90
C GLY A 383 36.94 -16.80 25.80
N LYS A 384 38.01 -16.64 26.57
CA LYS A 384 39.12 -17.60 26.61
C LYS A 384 38.99 -18.49 27.83
N VAL A 385 39.22 -19.78 27.63
CA VAL A 385 39.14 -20.75 28.71
C VAL A 385 40.40 -20.65 29.56
N LEU A 386 40.22 -20.51 30.87
CA LEU A 386 41.35 -20.38 31.79
C LEU A 386 41.49 -21.56 32.73
N ASN A 387 40.40 -22.23 33.07
CA ASN A 387 40.44 -23.39 33.95
C ASN A 387 39.31 -24.34 33.60
N ARG A 388 39.45 -25.59 34.02
CA ARG A 388 38.48 -26.63 33.76
C ARG A 388 38.35 -27.47 35.02
N GLY A 389 37.75 -28.64 34.88
CA GLY A 389 37.66 -29.57 35.99
C GLY A 389 36.32 -29.49 36.69
N VAL A 390 35.97 -30.60 37.36
CA VAL A 390 34.69 -30.81 38.04
C VAL A 390 33.56 -30.30 37.14
N ARG A 391 32.49 -29.76 37.73
CA ARG A 391 31.33 -29.30 36.95
C ARG A 391 31.31 -27.79 36.74
N GLU A 392 32.48 -27.17 36.56
CA GLU A 392 32.55 -25.73 36.35
C GLU A 392 33.69 -25.40 35.39
N MET A 393 33.58 -24.23 34.77
CA MET A 393 34.58 -23.76 33.81
C MET A 393 34.78 -22.27 33.99
N THR A 394 36.01 -21.81 33.85
CA THR A 394 36.37 -20.41 34.05
C THR A 394 36.70 -19.76 32.71
N PHE A 395 36.07 -18.63 32.43
CA PHE A 395 36.29 -17.86 31.22
C PHE A 395 36.82 -16.48 31.56
N ILE A 396 37.63 -15.93 30.66
CA ILE A 396 38.19 -14.60 30.80
C ILE A 396 37.92 -13.81 29.52
N GLY A 397 37.62 -12.53 29.67
CA GLY A 397 37.35 -11.67 28.54
C GLY A 397 38.10 -10.36 28.64
N ASP A 398 38.75 -9.95 27.56
CA ASP A 398 39.70 -8.85 27.63
C ASP A 398 39.75 -8.22 26.26
N ASP A 399 40.41 -7.06 26.17
CA ASP A 399 40.53 -6.35 24.90
C ASP A 399 41.30 -7.15 23.86
N THR A 400 42.02 -8.18 24.27
CA THR A 400 42.83 -8.98 23.35
C THR A 400 42.12 -10.26 22.94
N THR A 401 40.80 -10.33 23.09
CA THR A 401 40.08 -11.56 22.76
C THR A 401 39.05 -11.35 21.65
N ASP A 402 38.21 -10.34 21.73
CA ASP A 402 37.15 -10.14 20.74
C ASP A 402 37.35 -8.89 19.92
N ALA A 403 37.36 -7.72 20.55
CA ALA A 403 37.37 -6.43 19.87
C ALA A 403 37.48 -5.34 20.92
N LYS A 404 37.49 -4.08 20.51
CA LYS A 404 37.66 -2.98 21.44
C LYS A 404 36.27 -2.54 21.93
N GLY A 405 35.99 -2.79 23.21
CA GLY A 405 34.78 -2.35 23.85
C GLY A 405 33.75 -3.42 24.12
N LYS A 406 33.86 -4.59 23.48
CA LYS A 406 32.89 -5.65 23.73
C LYS A 406 32.99 -6.19 25.14
N ALA A 407 34.22 -6.38 25.64
CA ALA A 407 34.41 -6.88 26.99
C ALA A 407 33.84 -5.93 28.02
N ASP A 408 33.97 -4.64 27.79
CA ASP A 408 33.45 -3.66 28.74
C ASP A 408 31.93 -3.70 28.83
N THR A 409 31.24 -3.82 27.68
CA THR A 409 29.79 -3.93 27.70
C THR A 409 29.34 -5.23 28.34
N PHE A 410 30.04 -6.33 28.04
CA PHE A 410 29.71 -7.60 28.69
C PHE A 410 29.90 -7.50 30.19
N ALA A 411 30.95 -6.82 30.64
CA ALA A 411 31.17 -6.65 32.07
C ALA A 411 30.10 -5.78 32.70
N LYS A 412 29.64 -4.76 31.99
CA LYS A 412 28.55 -3.93 32.48
C LYS A 412 27.29 -4.74 32.69
N VAL A 413 26.97 -5.61 31.73
CA VAL A 413 25.74 -6.40 31.85
C VAL A 413 25.92 -7.54 32.86
N LEU A 414 27.15 -7.99 33.09
CA LEU A 414 27.41 -9.07 34.03
C LEU A 414 27.24 -8.64 35.49
N THR A 415 27.14 -7.34 35.76
CA THR A 415 26.96 -6.88 37.13
C THR A 415 25.67 -7.40 37.74
N THR A 416 24.64 -7.62 36.92
CA THR A 416 23.35 -8.08 37.40
C THR A 416 22.89 -9.38 36.76
N GLY A 417 23.60 -9.89 35.75
CA GLY A 417 23.15 -11.08 35.06
C GLY A 417 23.29 -12.33 35.88
N ASN A 418 22.48 -13.33 35.54
CA ASN A 418 22.41 -14.57 36.29
C ASN A 418 22.71 -15.81 35.47
N TYR A 419 22.40 -15.82 34.18
CA TYR A 419 22.60 -16.98 33.34
C TYR A 419 23.31 -16.58 32.05
N VAL A 420 24.23 -17.43 31.59
CA VAL A 420 25.02 -17.17 30.40
C VAL A 420 24.90 -18.35 29.45
N THR A 421 24.79 -18.05 28.16
CA THR A 421 24.68 -19.07 27.12
C THR A 421 26.02 -19.24 26.43
N VAL A 422 26.50 -20.47 26.39
CA VAL A 422 27.78 -20.82 25.80
C VAL A 422 27.54 -21.58 24.51
N ASP A 423 28.22 -21.16 23.44
CA ASP A 423 28.26 -21.84 22.14
C ASP A 423 26.82 -21.98 21.64
N GLU A 424 26.04 -20.91 21.83
CA GLU A 424 24.72 -20.74 21.23
C GLU A 424 23.71 -21.80 21.66
N ASP A 425 24.12 -22.76 22.46
CA ASP A 425 23.19 -23.83 22.83
C ASP A 425 23.14 -24.13 24.31
N ILE A 426 24.27 -24.08 25.01
CA ILE A 426 24.32 -24.49 26.42
C ILE A 426 23.93 -23.31 27.29
N ILE A 427 23.15 -23.57 28.33
CA ILE A 427 22.74 -22.54 29.28
C ILE A 427 23.36 -22.87 30.63
N CYS A 428 24.03 -21.90 31.25
CA CYS A 428 24.79 -22.11 32.46
C CYS A 428 24.49 -21.02 33.48
N LYS A 429 24.68 -21.35 34.74
CA LYS A 429 24.41 -20.45 35.85
C LYS A 429 25.73 -19.92 36.41
N VAL A 430 25.75 -18.62 36.71
CA VAL A 430 26.98 -17.97 37.16
C VAL A 430 27.23 -18.32 38.62
N ILE A 431 28.47 -18.70 38.93
CA ILE A 431 28.89 -18.99 40.29
C ILE A 431 29.69 -17.86 40.89
N ARG A 432 30.63 -17.30 40.13
CA ARG A 432 31.46 -16.19 40.58
C ARG A 432 31.74 -15.26 39.42
N LYS A 433 31.88 -13.97 39.73
CA LYS A 433 32.15 -12.95 38.73
C LYS A 433 33.09 -11.90 39.29
N ASP A 434 34.10 -11.53 38.49
CA ASP A 434 35.04 -10.47 38.85
C ASP A 434 35.14 -9.48 37.70
N ILE A 435 35.14 -8.19 38.03
CA ILE A 435 35.24 -7.11 37.06
C ILE A 435 36.66 -6.57 37.06
N LEU A 436 37.28 -6.55 35.90
CA LEU A 436 38.66 -6.08 35.76
C LEU A 436 38.69 -4.70 35.12
N GLU A 437 39.91 -4.22 34.87
CA GLU A 437 40.06 -2.89 34.28
C GLU A 437 39.73 -2.89 32.80
N ASN A 438 39.92 -4.03 32.12
CA ASN A 438 39.69 -4.09 30.68
C ASN A 438 38.77 -5.25 30.27
N GLY A 439 38.17 -5.95 31.23
CA GLY A 439 37.33 -7.07 30.88
C GLY A 439 36.62 -7.70 32.06
N PHE A 440 36.52 -9.03 32.06
CA PHE A 440 35.78 -9.74 33.08
C PHE A 440 36.37 -11.13 33.27
N LYS A 441 36.06 -11.72 34.42
CA LYS A 441 36.38 -13.11 34.70
C LYS A 441 35.15 -13.78 35.28
N VAL A 442 34.70 -14.87 34.68
CA VAL A 442 33.47 -15.51 35.11
C VAL A 442 33.73 -17.00 35.34
N VAL A 443 33.00 -17.56 36.31
CA VAL A 443 33.01 -18.99 36.57
C VAL A 443 31.59 -19.51 36.40
N LEU A 444 31.43 -20.49 35.52
CA LEU A 444 30.11 -21.01 35.17
C LEU A 444 30.02 -22.49 35.49
N SER A 445 28.79 -22.99 35.57
CA SER A 445 28.52 -24.40 35.88
C SER A 445 28.11 -25.08 34.58
N CYS A 446 29.09 -25.56 33.84
CA CYS A 446 28.87 -26.21 32.56
C CYS A 446 29.75 -27.44 32.47
N PRO A 447 29.40 -28.41 31.62
CA PRO A 447 30.26 -29.58 31.44
C PRO A 447 31.58 -29.20 30.79
N THR A 448 32.49 -30.18 30.77
CA THR A 448 33.82 -29.95 30.22
C THR A 448 33.74 -29.72 28.71
N LEU A 449 34.44 -28.69 28.24
CA LEU A 449 34.40 -28.30 26.84
C LEU A 449 35.82 -28.32 26.28
N PRO A 450 36.09 -29.06 25.20
CA PRO A 450 37.46 -29.21 24.69
C PRO A 450 37.85 -28.19 23.62
N ASN A 451 38.08 -26.96 24.05
CA ASN A 451 38.57 -25.91 23.15
C ASN A 451 39.15 -24.79 23.99
N ASP A 452 39.59 -23.73 23.31
CA ASP A 452 40.23 -22.60 23.97
C ASP A 452 39.43 -21.32 23.93
N ILE A 453 38.60 -21.11 22.91
CA ILE A 453 37.82 -19.90 22.76
C ILE A 453 36.37 -20.28 22.49
N TYR A 454 35.44 -19.69 23.26
CA TYR A 454 34.02 -19.91 23.05
C TYR A 454 33.32 -18.56 22.97
N LYS A 455 32.02 -18.60 22.65
CA LYS A 455 31.19 -17.41 22.56
C LYS A 455 30.17 -17.44 23.67
N LEU A 456 30.14 -16.39 24.47
CA LEU A 456 29.20 -16.25 25.57
C LEU A 456 28.22 -15.13 25.25
N SER A 457 26.97 -15.33 25.64
CA SER A 457 25.93 -14.34 25.40
C SER A 457 24.95 -14.37 26.56
N PHE A 458 24.19 -13.29 26.70
CA PHE A 458 23.16 -13.19 27.73
C PHE A 458 21.81 -13.46 27.08
N GLY A 459 21.19 -14.57 27.45
CA GLY A 459 19.96 -14.98 26.81
C GLY A 459 18.96 -15.65 27.73
N LYS A 460 18.45 -16.80 27.29
CA LYS A 460 17.38 -17.49 27.99
C LYS A 460 17.84 -18.02 29.34
N ASP A 461 16.88 -18.14 30.25
CA ASP A 461 17.08 -18.72 31.57
C ASP A 461 16.26 -19.99 31.67
N ASP A 462 16.84 -21.04 32.25
CA ASP A 462 16.16 -22.33 32.36
C ASP A 462 15.53 -22.44 33.75
N ILE A 463 14.41 -21.75 33.92
CA ILE A 463 13.63 -21.82 35.15
C ILE A 463 12.17 -21.97 34.77
N ASP A 464 11.45 -22.78 35.54
CA ASP A 464 10.01 -22.98 35.35
C ASP A 464 9.29 -22.05 36.31
N LEU A 465 8.80 -20.92 35.80
CA LEU A 465 8.19 -19.92 36.65
C LEU A 465 6.91 -20.42 37.31
N ALA A 466 6.10 -21.15 36.54
CA ALA A 466 4.84 -21.66 37.08
C ALA A 466 5.09 -22.62 38.23
N GLN A 467 6.07 -23.51 38.08
CA GLN A 467 6.40 -24.43 39.16
C GLN A 467 6.88 -23.67 40.39
N MET A 468 7.69 -22.63 40.18
CA MET A 468 8.20 -21.85 41.30
C MET A 468 7.06 -21.18 42.06
N TYR A 469 6.07 -20.64 41.34
CA TYR A 469 4.91 -20.08 42.03
C TYR A 469 4.05 -21.14 42.69
N LYS A 470 4.09 -22.39 42.19
CA LYS A 470 3.29 -23.45 42.79
C LYS A 470 3.72 -23.72 44.23
N ASP A 471 5.03 -23.80 44.48
CA ASP A 471 5.56 -23.96 45.83
C ASP A 471 6.48 -22.77 46.10
N TYR A 472 6.01 -21.84 46.92
CA TYR A 472 6.62 -20.53 47.09
C TYR A 472 7.17 -20.41 48.50
N ASN A 473 8.45 -20.05 48.62
CA ASN A 473 9.05 -19.79 49.91
C ASN A 473 9.99 -18.59 49.82
N LEU A 474 10.83 -18.40 50.83
CA LEU A 474 11.67 -17.20 50.87
C LEU A 474 12.76 -17.24 49.80
N ASN A 475 13.36 -18.41 49.59
CA ASN A 475 14.46 -18.51 48.62
C ASN A 475 14.00 -18.19 47.20
N ILE A 476 12.84 -18.71 46.81
CA ILE A 476 12.32 -18.39 45.49
C ILE A 476 11.98 -16.92 45.38
N ALA A 477 11.49 -16.31 46.47
CA ALA A 477 11.22 -14.88 46.45
C ALA A 477 12.49 -14.08 46.18
N LEU A 478 13.58 -14.42 46.87
CA LEU A 478 14.83 -13.68 46.66
C LEU A 478 15.39 -13.89 45.26
N ASP A 479 15.31 -15.12 44.74
CA ASP A 479 15.77 -15.37 43.38
C ASP A 479 14.95 -14.59 42.35
N MET A 480 13.63 -14.55 42.53
CA MET A 480 12.79 -13.77 41.63
C MET A 480 13.11 -12.29 41.73
N ALA A 481 13.48 -11.84 42.93
CA ALA A 481 13.92 -10.45 43.09
C ALA A 481 15.16 -10.17 42.25
N ARG A 482 16.13 -11.08 42.26
CA ARG A 482 17.34 -10.89 41.46
C ARG A 482 17.01 -10.87 39.97
N TYR A 483 16.15 -11.78 39.52
CA TYR A 483 15.77 -11.78 38.11
C TYR A 483 15.06 -10.48 37.72
N CYS A 484 14.19 -9.98 38.59
CA CYS A 484 13.46 -8.76 38.27
C CYS A 484 14.37 -7.54 38.23
N ILE A 485 15.34 -7.46 39.13
CA ILE A 485 16.27 -6.33 39.09
C ILE A 485 17.13 -6.39 37.84
N HIS A 486 17.51 -7.59 37.40
CA HIS A 486 18.21 -7.70 36.12
C HIS A 486 17.33 -7.23 34.97
N ASP A 487 16.05 -7.59 35.00
CA ASP A 487 15.14 -7.16 33.94
C ASP A 487 15.04 -5.64 33.90
N ALA A 488 14.99 -5.00 35.07
CA ALA A 488 14.93 -3.54 35.11
C ALA A 488 16.20 -2.91 34.56
N CYS A 489 17.37 -3.47 34.91
CA CYS A 489 18.62 -2.88 34.44
C CYS A 489 18.87 -3.13 32.96
N LEU A 490 18.28 -4.18 32.39
CA LEU A 490 18.44 -4.43 30.96
C LEU A 490 17.89 -3.28 30.13
N CYS A 491 16.87 -2.59 30.62
CA CYS A 491 16.33 -1.45 29.90
C CYS A 491 17.37 -0.36 29.76
N GLN A 492 18.11 -0.06 30.84
CA GLN A 492 19.16 0.93 30.76
C GLN A 492 20.29 0.48 29.85
N TYR A 493 20.68 -0.80 29.94
CA TYR A 493 21.75 -1.28 29.08
C TYR A 493 21.38 -1.15 27.60
N LEU A 494 20.15 -1.53 27.24
CA LEU A 494 19.71 -1.38 25.87
C LEU A 494 19.56 0.08 25.46
N TRP A 495 19.14 0.94 26.40
CA TRP A 495 19.02 2.36 26.11
C TRP A 495 20.37 2.97 25.77
N GLU A 496 21.43 2.54 26.46
CA GLU A 496 22.76 3.04 26.15
C GLU A 496 23.35 2.38 24.91
N TYR A 497 23.02 1.10 24.65
CA TYR A 497 23.60 0.40 23.51
C TYR A 497 23.11 0.97 22.19
N TYR A 498 21.84 1.35 22.11
CA TYR A 498 21.24 1.81 20.87
C TYR A 498 21.34 3.31 20.67
N GLY A 499 21.88 4.05 21.64
CA GLY A 499 22.08 5.48 21.46
C GLY A 499 20.83 6.29 21.23
N VAL A 500 19.81 6.09 22.07
CA VAL A 500 18.52 6.74 21.83
C VAL A 500 18.62 8.26 21.96
N GLU A 501 19.46 8.75 22.88
CA GLU A 501 19.54 10.18 23.10
C GLU A 501 20.14 10.91 21.90
N THR A 502 21.25 10.39 21.37
CA THR A 502 21.86 11.02 20.19
C THR A 502 20.92 11.01 19.01
N LYS A 503 20.24 9.88 18.78
CA LYS A 503 19.31 9.79 17.68
C LYS A 503 18.16 10.77 17.85
N THR A 504 17.65 10.91 19.08
CA THR A 504 16.57 11.86 19.34
C THR A 504 17.00 13.28 19.04
N ASP A 505 18.18 13.68 19.52
CA ASP A 505 18.65 15.04 19.28
C ASP A 505 18.84 15.31 17.79
N ALA A 506 19.49 14.39 17.09
CA ALA A 506 19.74 14.58 15.67
C ALA A 506 18.43 14.64 14.88
N GLY A 507 17.48 13.76 15.20
CA GLY A 507 16.21 13.78 14.50
C GLY A 507 15.43 15.04 14.76
N ALA A 508 15.43 15.53 16.00
CA ALA A 508 14.74 16.78 16.29
C ALA A 508 15.37 17.93 15.53
N ALA A 509 16.69 17.97 15.44
CA ALA A 509 17.34 19.04 14.70
C ALA A 509 17.02 18.97 13.20
N THR A 510 17.06 17.77 12.62
CA THR A 510 16.97 17.66 11.17
C THR A 510 15.52 17.71 10.67
N TYR A 511 14.60 17.04 11.35
CA TYR A 511 13.22 16.94 10.89
C TYR A 511 12.34 18.09 11.35
N VAL A 512 12.85 18.98 12.21
CA VAL A 512 12.09 20.07 12.80
C VAL A 512 10.82 19.51 13.44
N LEU A 513 10.99 18.59 14.38
CA LEU A 513 9.91 17.91 15.09
C LEU A 513 10.23 17.90 16.57
N PRO A 514 9.21 17.80 17.43
CA PRO A 514 9.47 17.67 18.86
C PRO A 514 10.14 16.36 19.18
N GLN A 515 10.85 16.34 20.31
CA GLN A 515 11.62 15.16 20.70
C GLN A 515 10.72 13.94 20.89
N SER A 516 9.49 14.14 21.30
CA SER A 516 8.58 13.04 21.57
C SER A 516 7.90 12.50 20.32
N MET A 517 8.17 13.07 19.16
CA MET A 517 7.54 12.66 17.91
C MET A 517 8.54 12.17 16.87
N VAL A 518 9.82 12.04 17.25
CA VAL A 518 10.84 11.73 16.25
C VAL A 518 10.68 10.31 15.73
N PHE A 519 10.31 9.37 16.60
CA PHE A 519 10.20 7.96 16.23
C PHE A 519 8.76 7.51 16.05
N GLU A 520 7.90 8.37 15.50
CA GLU A 520 6.47 8.08 15.42
C GLU A 520 5.92 8.03 14.00
N TYR A 521 6.59 8.62 13.02
CA TYR A 521 6.05 8.74 11.67
C TYR A 521 7.07 8.22 10.66
N ARG A 522 6.60 8.06 9.43
CA ARG A 522 7.37 7.55 8.32
C ARG A 522 7.90 8.69 7.45
N ALA A 523 8.40 8.34 6.27
CA ALA A 523 9.11 9.31 5.42
C ALA A 523 8.21 10.45 4.97
N SER A 524 6.91 10.21 4.82
CA SER A 524 6.03 11.24 4.29
C SER A 524 5.84 12.41 5.25
N THR A 525 6.13 12.22 6.54
CA THR A 525 6.00 13.30 7.51
C THR A 525 7.33 13.91 7.92
N ILE A 526 8.42 13.14 7.93
CA ILE A 526 9.69 13.65 8.43
C ILE A 526 10.44 14.49 7.41
N ILE A 527 9.95 14.60 6.18
CA ILE A 527 10.56 15.45 5.18
C ILE A 527 9.81 16.75 4.97
N LYS A 528 8.75 17.00 5.75
CA LYS A 528 7.92 18.17 5.51
C LYS A 528 8.52 19.44 6.10
N GLY A 529 9.22 19.36 7.22
CA GLY A 529 9.87 20.51 7.80
C GLY A 529 10.93 21.11 6.90
N PRO A 530 11.92 20.29 6.51
CA PRO A 530 12.92 20.78 5.54
C PRO A 530 12.31 21.22 4.22
N LEU A 531 11.26 20.55 3.75
CA LEU A 531 10.59 20.96 2.52
C LEU A 531 9.98 22.35 2.67
N LEU A 532 9.32 22.60 3.80
CA LEU A 532 8.71 23.92 4.03
C LEU A 532 9.76 25.00 4.13
N LYS A 533 10.87 24.71 4.82
CA LYS A 533 11.96 25.68 4.89
C LYS A 533 12.50 25.99 3.50
N LEU A 534 12.70 24.96 2.69
CA LEU A 534 13.18 25.13 1.33
C LEU A 534 12.22 25.99 0.51
N LEU A 535 10.92 25.70 0.60
CA LEU A 535 9.93 26.44 -0.18
C LEU A 535 9.89 27.90 0.23
N LEU A 536 9.96 28.16 1.54
CA LEU A 536 9.94 29.55 1.99
C LEU A 536 11.20 30.28 1.57
N GLU A 537 12.35 29.59 1.54
CA GLU A 537 13.58 30.23 1.09
C GLU A 537 13.53 30.53 -0.40
N THR A 538 13.00 29.62 -1.20
CA THR A 538 12.95 29.78 -2.65
C THR A 538 11.75 30.58 -3.11
N LYS A 539 10.76 30.82 -2.24
CA LYS A 539 9.54 31.56 -2.55
C LYS A 539 8.74 30.85 -3.65
N THR A 540 8.32 29.62 -3.35
CA THR A 540 7.67 28.76 -4.33
C THR A 540 6.54 27.99 -3.65
N ILE A 541 5.42 27.87 -4.36
CA ILE A 541 4.28 27.05 -3.96
C ILE A 541 3.93 26.15 -5.13
N LEU A 542 3.53 24.91 -4.84
CA LEU A 542 3.20 23.92 -5.85
C LEU A 542 1.75 23.50 -5.69
N VAL A 543 0.99 23.51 -6.78
CA VAL A 543 -0.43 23.22 -6.78
C VAL A 543 -0.75 22.14 -7.79
N ARG A 544 -1.87 21.46 -7.56
CA ARG A 544 -2.39 20.44 -8.46
C ARG A 544 -3.82 20.78 -8.82
N SER A 545 -4.20 20.49 -10.07
CA SER A 545 -5.55 20.75 -10.54
C SER A 545 -6.31 19.47 -10.85
N GLU A 546 -5.84 18.66 -11.77
CA GLU A 546 -6.51 17.42 -12.13
C GLU A 546 -5.95 16.23 -11.35
N THR A 547 -6.64 15.11 -11.48
CA THR A 547 -6.35 13.91 -10.71
C THR A 547 -5.10 13.21 -11.23
N LYS A 548 -4.59 12.30 -10.42
CA LYS A 548 -3.32 11.62 -10.68
C LYS A 548 -3.60 10.22 -11.18
N GLN A 549 -2.88 9.82 -12.24
CA GLN A 549 -3.02 8.50 -12.83
C GLN A 549 -1.75 7.70 -12.61
N LYS A 550 -1.92 6.42 -12.29
CA LYS A 550 -0.81 5.54 -11.98
C LYS A 550 -0.61 4.53 -13.10
N PHE A 551 0.63 4.38 -13.55
CA PHE A 551 1.02 3.43 -14.58
C PHE A 551 2.22 2.64 -14.09
N PRO A 552 2.40 1.42 -14.59
CA PRO A 552 3.61 0.67 -14.26
C PRO A 552 4.85 1.29 -14.87
N TYR A 553 5.99 1.07 -14.22
CA TYR A 553 7.26 1.50 -14.80
C TYR A 553 8.39 0.60 -14.32
N GLU A 554 9.44 0.53 -15.12
CA GLU A 554 10.54 -0.38 -14.94
C GLU A 554 11.50 0.14 -13.88
N GLY A 555 12.43 -0.73 -13.47
CA GLY A 555 13.34 -0.46 -12.38
C GLY A 555 14.79 -0.70 -12.80
N GLY A 556 15.57 -1.16 -11.82
CA GLY A 556 16.97 -1.40 -12.05
C GLY A 556 17.22 -2.59 -12.96
N LYS A 557 18.46 -2.70 -13.43
CA LYS A 557 18.87 -3.78 -14.31
C LYS A 557 19.77 -4.74 -13.55
N VAL A 558 19.46 -6.03 -13.65
CA VAL A 558 20.23 -7.09 -13.01
C VAL A 558 20.78 -7.99 -14.10
N PHE A 559 22.09 -8.22 -14.09
CA PHE A 559 22.72 -9.09 -15.06
C PHE A 559 22.62 -10.54 -14.64
N ALA A 560 22.56 -11.43 -15.62
CA ALA A 560 22.58 -12.86 -15.35
C ALA A 560 24.00 -13.31 -15.07
N PRO A 561 24.26 -13.99 -13.96
CA PRO A 561 25.63 -14.42 -13.66
C PRO A 561 26.13 -15.43 -14.68
N LYS A 562 27.42 -15.36 -14.97
CA LYS A 562 27.97 -16.12 -16.09
C LYS A 562 28.33 -17.54 -15.71
N GLN A 563 28.73 -17.79 -14.46
CA GLN A 563 29.00 -19.15 -14.01
C GLN A 563 28.39 -19.33 -12.62
N LYS A 564 28.73 -20.46 -12.00
CA LYS A 564 28.34 -20.79 -10.65
C LYS A 564 29.50 -20.65 -9.66
N MET A 565 30.61 -21.32 -9.93
CA MET A 565 31.81 -21.24 -9.12
C MET A 565 32.90 -20.51 -9.91
N PHE A 566 33.76 -19.80 -9.19
CA PHE A 566 34.70 -18.90 -9.85
C PHE A 566 36.15 -19.29 -9.67
N SER A 567 36.61 -19.47 -8.43
CA SER A 567 38.00 -19.80 -8.14
C SER A 567 38.96 -18.74 -8.68
N ASN A 568 38.51 -17.49 -8.71
CA ASN A 568 39.34 -16.36 -9.08
C ASN A 568 38.83 -15.14 -8.32
N ASN A 569 39.72 -14.21 -8.05
CA ASN A 569 39.34 -13.03 -7.29
C ASN A 569 38.32 -12.20 -8.07
N VAL A 570 37.34 -11.66 -7.35
CA VAL A 570 36.31 -10.81 -7.94
C VAL A 570 36.33 -9.48 -7.21
N LEU A 571 36.37 -8.39 -7.97
CA LEU A 571 36.45 -7.03 -7.44
C LEU A 571 35.07 -6.38 -7.58
N ILE A 572 34.59 -5.78 -6.49
CA ILE A 572 33.26 -5.19 -6.46
C ILE A 572 33.38 -3.68 -6.59
N PHE A 573 32.66 -3.11 -7.55
CA PHE A 573 32.62 -1.67 -7.73
C PHE A 573 31.18 -1.19 -7.61
N ASP A 574 30.96 -0.12 -6.84
CA ASP A 574 29.62 0.37 -6.56
C ASP A 574 29.54 1.87 -6.80
N TYR A 575 28.33 2.36 -7.01
CA TYR A 575 28.10 3.80 -7.11
C TYR A 575 27.82 4.38 -5.72
N ASN A 576 27.88 5.70 -5.62
CA ASN A 576 27.65 6.42 -4.38
C ASN A 576 26.34 7.18 -4.50
N SER A 577 25.29 6.70 -3.83
CA SER A 577 24.00 7.37 -3.80
C SER A 577 23.46 7.61 -5.22
N LEU A 578 23.18 6.49 -5.89
CA LEU A 578 22.95 6.54 -7.34
C LEU A 578 21.72 7.36 -7.70
N TYR A 579 20.58 7.05 -7.09
CA TYR A 579 19.35 7.71 -7.51
C TYR A 579 19.29 9.18 -7.06
N PRO A 580 19.70 9.52 -5.84
CA PRO A 580 19.82 10.95 -5.51
C PRO A 580 20.75 11.71 -6.44
N ASN A 581 21.88 11.12 -6.81
CA ASN A 581 22.81 11.81 -7.69
C ASN A 581 22.26 11.91 -9.11
N VAL A 582 21.49 10.92 -9.55
CA VAL A 582 20.82 10.99 -10.84
C VAL A 582 19.80 12.12 -10.84
N CYS A 583 19.04 12.25 -9.75
CA CYS A 583 18.06 13.33 -9.66
C CYS A 583 18.74 14.69 -9.65
N ILE A 584 19.88 14.80 -8.96
CA ILE A 584 20.60 16.07 -8.96
C ILE A 584 21.17 16.38 -10.34
N PHE A 585 21.71 15.37 -11.02
CA PHE A 585 22.33 15.57 -12.32
C PHE A 585 21.30 15.98 -13.37
N GLY A 586 20.19 15.25 -13.44
CA GLY A 586 19.18 15.56 -14.43
C GLY A 586 18.19 16.63 -14.04
N ASN A 587 18.30 17.17 -12.82
CA ASN A 587 17.38 18.18 -12.31
C ASN A 587 15.94 17.70 -12.39
N LEU A 588 15.72 16.48 -11.89
CA LEU A 588 14.42 15.83 -12.01
C LEU A 588 13.53 16.27 -10.87
N SER A 589 12.64 17.21 -11.14
CA SER A 589 11.64 17.68 -10.20
C SER A 589 10.33 17.87 -10.96
N PRO A 590 9.19 17.77 -10.27
CA PRO A 590 7.91 17.93 -10.96
C PRO A 590 7.71 19.28 -11.61
N GLU A 591 8.36 20.33 -11.12
CA GLU A 591 8.17 21.67 -11.66
C GLU A 591 9.21 22.06 -12.71
N THR A 592 10.23 21.24 -12.92
CA THR A 592 11.24 21.51 -13.94
C THR A 592 11.02 20.70 -15.20
N LEU A 593 9.90 20.01 -15.31
CA LEU A 593 9.59 19.16 -16.45
C LEU A 593 8.90 19.99 -17.51
N VAL A 594 9.55 20.17 -18.66
CA VAL A 594 8.97 20.95 -19.74
C VAL A 594 7.78 20.21 -20.35
N GLY A 595 7.95 18.93 -20.63
CA GLY A 595 6.84 18.18 -21.17
C GLY A 595 7.26 16.80 -21.64
N VAL A 596 6.25 16.02 -21.99
CA VAL A 596 6.39 14.67 -22.52
C VAL A 596 5.83 14.65 -23.93
N VAL A 597 6.66 14.22 -24.87
CA VAL A 597 6.31 14.12 -26.28
C VAL A 597 6.16 12.65 -26.64
N VAL A 598 5.01 12.28 -27.18
CA VAL A 598 4.73 10.90 -27.55
C VAL A 598 4.41 10.84 -29.04
N SER A 599 4.40 9.62 -29.55
CA SER A 599 4.13 9.37 -30.96
C SER A 599 3.55 7.98 -31.12
N THR A 600 2.68 7.83 -32.11
CA THR A 600 2.00 6.56 -32.36
C THR A 600 2.51 5.84 -33.60
N ASN A 601 3.49 6.38 -34.30
CA ASN A 601 4.04 5.75 -35.50
C ASN A 601 5.40 6.36 -35.79
N ARG A 602 6.13 5.75 -36.72
CA ARG A 602 7.52 6.13 -36.92
C ARG A 602 7.68 7.45 -37.70
N LEU A 603 6.73 7.80 -38.55
CA LEU A 603 6.84 9.05 -39.29
C LEU A 603 6.84 10.24 -38.33
N GLU A 604 5.83 10.30 -37.46
CA GLU A 604 5.79 11.35 -36.45
C GLU A 604 6.98 11.26 -35.50
N GLU A 605 7.45 10.05 -35.22
CA GLU A 605 8.60 9.91 -34.32
C GLU A 605 9.83 10.57 -34.92
N GLU A 606 10.07 10.34 -36.21
CA GLU A 606 11.24 10.95 -36.85
C GLU A 606 11.09 12.47 -36.89
N ILE A 607 9.91 12.96 -37.28
CA ILE A 607 9.70 14.41 -37.33
C ILE A 607 9.95 15.03 -35.96
N ASN A 608 9.39 14.42 -34.92
CA ASN A 608 9.52 14.94 -33.57
C ASN A 608 10.96 14.91 -33.10
N ASN A 609 11.70 13.85 -33.42
CA ASN A 609 13.09 13.78 -32.99
C ASN A 609 13.92 14.87 -33.63
N GLN A 610 13.76 15.09 -34.94
CA GLN A 610 14.50 16.16 -35.59
C GLN A 610 14.15 17.52 -35.02
N LEU A 611 12.86 17.77 -34.75
CA LEU A 611 12.50 19.07 -34.19
C LEU A 611 13.01 19.23 -32.77
N LEU A 612 12.96 18.16 -31.97
CA LEU A 612 13.27 18.25 -30.55
C LEU A 612 14.76 18.43 -30.31
N LEU A 613 15.60 17.83 -31.15
CA LEU A 613 17.03 17.99 -30.92
C LEU A 613 17.51 19.42 -31.13
N GLN A 614 16.71 20.26 -31.78
CA GLN A 614 17.10 21.64 -32.02
C GLN A 614 16.27 22.68 -31.28
N LYS A 615 15.05 22.34 -30.86
CA LYS A 615 14.32 23.27 -30.01
C LYS A 615 14.84 23.28 -28.58
N TYR A 616 15.41 22.17 -28.12
CA TYR A 616 15.88 22.01 -26.74
C TYR A 616 17.32 21.51 -26.75
N PRO A 617 18.29 22.42 -26.85
CA PRO A 617 19.67 21.99 -27.04
C PRO A 617 20.23 21.30 -25.81
N PRO A 618 21.27 20.48 -25.98
CA PRO A 618 21.73 19.59 -24.90
C PRO A 618 22.19 20.32 -23.63
N PRO A 619 23.07 21.33 -23.72
CA PRO A 619 23.72 21.80 -22.48
C PRO A 619 22.75 22.29 -21.41
N ARG A 620 21.61 22.87 -21.78
CA ARG A 620 20.64 23.39 -20.83
C ARG A 620 19.47 22.46 -20.59
N TYR A 621 18.97 21.80 -21.62
CA TYR A 621 17.86 20.87 -21.48
C TYR A 621 18.36 19.43 -21.57
N ILE A 622 17.73 18.54 -20.83
CA ILE A 622 18.06 17.11 -20.90
C ILE A 622 16.82 16.34 -21.35
N THR A 623 17.02 15.46 -22.33
CA THR A 623 15.95 14.64 -22.90
C THR A 623 16.18 13.19 -22.52
N VAL A 624 15.15 12.54 -22.01
CA VAL A 624 15.22 11.15 -21.55
C VAL A 624 14.21 10.33 -22.34
N HIS A 625 14.69 9.24 -22.94
CA HIS A 625 13.84 8.30 -23.64
C HIS A 625 13.39 7.21 -22.68
N CYS A 626 12.15 6.76 -22.86
CA CYS A 626 11.53 5.86 -21.90
C CYS A 626 10.65 4.86 -22.62
N GLU A 627 10.19 3.86 -21.88
CA GLU A 627 9.21 2.93 -22.39
C GLU A 627 7.84 3.59 -22.44
N PRO A 628 7.03 3.30 -23.44
CA PRO A 628 5.76 4.03 -23.60
C PRO A 628 4.77 3.74 -22.48
N ARG A 629 3.89 4.72 -22.27
CA ARG A 629 2.94 4.68 -21.16
C ARG A 629 1.79 3.72 -21.43
N LEU A 630 1.28 3.69 -22.66
CA LEU A 630 0.11 2.92 -23.05
C LEU A 630 0.44 1.99 -24.21
N PRO A 631 -0.36 0.94 -24.41
CA PRO A 631 -0.07 -0.01 -25.50
C PRO A 631 0.06 0.61 -26.88
N ASN A 632 -0.78 1.59 -27.22
CA ASN A 632 -0.75 2.12 -28.59
C ASN A 632 0.52 2.91 -28.86
N LEU A 633 1.00 3.68 -27.88
CA LEU A 633 2.17 4.53 -28.09
C LEU A 633 3.42 3.71 -28.33
N ILE A 634 4.26 4.19 -29.23
CA ILE A 634 5.52 3.52 -29.57
C ILE A 634 6.74 4.34 -29.20
N SER A 635 6.57 5.51 -28.61
CA SER A 635 7.69 6.35 -28.22
C SER A 635 7.28 7.26 -27.08
N GLU A 636 8.27 7.78 -26.36
CA GLU A 636 8.03 8.71 -25.27
C GLU A 636 9.34 9.41 -24.92
N ILE A 637 9.32 10.74 -24.91
CA ILE A 637 10.49 11.54 -24.56
C ILE A 637 10.07 12.55 -23.50
N ALA A 638 10.87 12.68 -22.45
CA ALA A 638 10.63 13.68 -21.43
C ALA A 638 11.74 14.72 -21.45
N ILE A 639 11.38 15.99 -21.33
CA ILE A 639 12.34 17.09 -21.39
C ILE A 639 12.38 17.79 -20.04
N PHE A 640 13.58 18.02 -19.52
CA PHE A 640 13.80 18.68 -18.23
C PHE A 640 14.73 19.87 -18.40
N ASP A 641 14.44 20.94 -17.65
CA ASP A 641 15.20 22.18 -17.67
C ASP A 641 16.22 22.21 -16.55
N ARG A 642 17.37 22.82 -16.81
CA ARG A 642 18.47 22.85 -15.85
C ARG A 642 18.94 24.27 -15.54
N SER A 643 18.18 25.29 -15.91
CA SER A 643 18.61 26.66 -15.65
C SER A 643 18.43 27.02 -14.18
N ILE A 644 17.32 26.61 -13.57
CA ILE A 644 17.02 26.91 -12.17
C ILE A 644 16.93 25.59 -11.43
N GLU A 645 17.61 25.50 -10.29
CA GLU A 645 17.59 24.27 -9.51
C GLU A 645 16.18 23.98 -9.00
N GLY A 646 15.86 22.69 -8.92
CA GLY A 646 14.54 22.26 -8.50
C GLY A 646 14.42 22.13 -7.00
N THR A 647 13.31 21.56 -6.57
CA THR A 647 13.00 21.41 -5.16
C THR A 647 13.47 20.06 -4.61
N ILE A 648 13.22 18.98 -5.34
CA ILE A 648 13.70 17.66 -4.90
C ILE A 648 15.22 17.59 -4.83
N PRO A 649 15.98 18.08 -5.80
CA PRO A 649 17.44 18.07 -5.66
C PRO A 649 17.95 18.77 -4.40
N ARG A 650 17.33 19.87 -3.97
CA ARG A 650 17.80 20.56 -2.79
C ARG A 650 17.56 19.73 -1.52
N LEU A 651 16.39 19.09 -1.42
CA LEU A 651 16.15 18.16 -0.33
C LEU A 651 17.20 17.05 -0.30
N LEU A 652 17.49 16.49 -1.48
CA LEU A 652 18.47 15.41 -1.55
C LEU A 652 19.84 15.89 -1.12
N ARG A 653 20.21 17.11 -1.49
CA ARG A 653 21.50 17.65 -1.07
C ARG A 653 21.57 17.80 0.44
N THR A 654 20.47 18.25 1.07
CA THR A 654 20.44 18.36 2.52
C THR A 654 20.70 17.01 3.18
N PHE A 655 19.96 15.98 2.75
CA PHE A 655 20.13 14.67 3.39
C PHE A 655 21.51 14.07 3.10
N LEU A 656 22.04 14.32 1.90
CA LEU A 656 23.37 13.82 1.57
C LEU A 656 24.43 14.47 2.45
N ALA A 657 24.29 15.76 2.74
CA ALA A 657 25.22 16.43 3.65
C ALA A 657 25.15 15.84 5.05
N GLU A 658 23.94 15.57 5.53
CA GLU A 658 23.82 14.93 6.84
C GLU A 658 24.53 13.58 6.87
N ARG A 659 24.33 12.77 5.83
CA ARG A 659 24.97 11.46 5.79
C ARG A 659 26.48 11.57 5.75
N ALA A 660 27.01 12.54 4.99
CA ALA A 660 28.45 12.71 4.94
C ALA A 660 29.01 13.08 6.31
N ARG A 661 28.30 13.95 7.03
CA ARG A 661 28.73 14.31 8.37
C ARG A 661 28.82 13.08 9.28
N TYR A 662 27.80 12.22 9.24
CA TYR A 662 27.83 11.09 10.15
C TYR A 662 28.80 10.00 9.70
N LYS A 663 29.07 9.87 8.40
CA LYS A 663 30.15 8.97 7.97
C LYS A 663 31.49 9.46 8.49
N LYS A 664 31.73 10.77 8.40
CA LYS A 664 32.99 11.32 8.91
C LYS A 664 33.12 11.06 10.40
N MET A 665 32.03 11.23 11.15
CA MET A 665 32.10 10.94 12.58
C MET A 665 32.31 9.46 12.86
N LEU A 666 31.78 8.58 12.01
CA LEU A 666 32.03 7.14 12.18
C LEU A 666 33.48 6.80 11.94
N LYS A 667 34.13 7.49 11.01
CA LYS A 667 35.52 7.18 10.68
C LYS A 667 36.45 7.36 11.88
N GLN A 668 36.12 8.28 12.78
CA GLN A 668 36.99 8.58 13.92
C GLN A 668 36.62 7.80 15.18
N ALA A 669 35.64 6.91 15.13
CA ALA A 669 35.21 6.19 16.31
C ALA A 669 36.16 5.03 16.62
N THR A 670 36.28 4.72 17.91
CA THR A 670 37.16 3.66 18.39
C THR A 670 36.39 2.51 19.03
N SER A 671 35.49 2.79 19.96
CA SER A 671 34.76 1.75 20.64
C SER A 671 33.68 1.15 19.73
N SER A 672 33.13 0.02 20.16
CA SER A 672 32.13 -0.67 19.34
C SER A 672 30.78 0.04 19.38
N THR A 673 30.38 0.54 20.55
CA THR A 673 29.07 1.16 20.68
C THR A 673 28.95 2.40 19.80
N GLU A 674 29.95 3.27 19.86
CA GLU A 674 29.92 4.49 19.05
C GLU A 674 29.92 4.16 17.57
N LYS A 675 30.71 3.18 17.17
CA LYS A 675 30.75 2.75 15.78
C LYS A 675 29.37 2.29 15.31
N ALA A 676 28.72 1.45 16.12
CA ALA A 676 27.40 0.95 15.76
C ALA A 676 26.39 2.09 15.67
N ILE A 677 26.43 3.02 16.62
CA ILE A 677 25.48 4.13 16.61
C ILE A 677 25.64 4.97 15.35
N TYR A 678 26.88 5.32 15.01
CA TYR A 678 27.09 6.19 13.86
C TYR A 678 26.78 5.49 12.55
N ASP A 679 27.06 4.19 12.47
CA ASP A 679 26.66 3.42 11.30
C ASP A 679 25.15 3.44 11.13
N SER A 680 24.41 3.27 12.23
CA SER A 680 22.95 3.31 12.14
C SER A 680 22.46 4.67 11.68
N MET A 681 23.06 5.75 12.17
CA MET A 681 22.61 7.08 11.77
C MET A 681 22.84 7.34 10.29
N GLN A 682 24.01 6.98 9.78
CA GLN A 682 24.26 7.21 8.35
C GLN A 682 23.35 6.33 7.50
N TYR A 683 23.08 5.10 7.95
CA TYR A 683 22.13 4.25 7.23
C TYR A 683 20.74 4.89 7.18
N THR A 684 20.31 5.48 8.29
CA THR A 684 19.00 6.12 8.33
C THR A 684 18.91 7.26 7.32
N TYR A 685 19.96 8.07 7.24
CA TYR A 685 19.94 9.18 6.29
C TYR A 685 19.94 8.68 4.84
N LYS A 686 20.68 7.60 4.57
CA LYS A 686 20.64 6.99 3.25
C LYS A 686 19.24 6.54 2.88
N ILE A 687 18.56 5.87 3.81
CA ILE A 687 17.22 5.36 3.51
C ILE A 687 16.24 6.51 3.30
N VAL A 688 16.39 7.60 4.05
CA VAL A 688 15.52 8.75 3.84
C VAL A 688 15.74 9.35 2.44
N ALA A 689 16.99 9.46 2.02
CA ALA A 689 17.26 10.00 0.69
C ALA A 689 16.64 9.13 -0.40
N ASN A 690 16.68 7.81 -0.23
CA ASN A 690 16.04 6.95 -1.23
C ASN A 690 14.52 7.01 -1.15
N SER A 691 13.98 7.19 0.05
CA SER A 691 12.55 7.34 0.22
C SER A 691 12.02 8.58 -0.49
N VAL A 692 12.85 9.62 -0.63
CA VAL A 692 12.39 10.79 -1.36
C VAL A 692 12.06 10.45 -2.81
N TYR A 693 12.95 9.71 -3.47
CA TYR A 693 12.67 9.24 -4.83
C TYR A 693 11.44 8.34 -4.86
N GLY A 694 11.37 7.40 -3.91
CA GLY A 694 10.21 6.52 -3.86
C GLY A 694 8.90 7.28 -3.73
N LEU A 695 8.89 8.32 -2.90
CA LEU A 695 7.71 9.16 -2.77
C LEU A 695 7.41 9.87 -4.08
N MET A 696 8.44 10.32 -4.77
CA MET A 696 8.23 10.93 -6.08
C MET A 696 7.61 9.95 -7.05
N GLY A 697 7.69 8.65 -6.77
CA GLY A 697 6.91 7.68 -7.54
C GLY A 697 5.66 7.12 -6.88
N PHE A 698 5.17 7.75 -5.81
CA PHE A 698 4.04 7.25 -5.03
C PHE A 698 2.80 8.07 -5.34
N ARG A 699 1.69 7.38 -5.62
CA ARG A 699 0.53 8.04 -6.22
C ARG A 699 -0.19 8.96 -5.25
N ASN A 700 -0.32 8.57 -3.99
CA ASN A 700 -1.07 9.36 -3.02
C ASN A 700 -0.21 10.41 -2.33
N SER A 701 0.93 10.78 -2.92
CA SER A 701 1.84 11.73 -2.32
C SER A 701 1.75 13.09 -3.01
N ALA A 702 2.16 14.12 -2.30
CA ALA A 702 2.13 15.47 -2.84
C ALA A 702 3.23 15.69 -3.86
N LEU A 703 4.34 14.96 -3.74
CA LEU A 703 5.48 15.11 -4.64
C LEU A 703 5.41 14.12 -5.81
N TYR A 704 4.22 13.71 -6.21
CA TYR A 704 4.08 12.68 -7.22
C TYR A 704 4.47 13.21 -8.60
N SER A 705 5.32 12.45 -9.29
CA SER A 705 5.75 12.81 -10.64
C SER A 705 6.17 11.51 -11.33
N TYR A 706 5.30 11.02 -12.21
CA TYR A 706 5.56 9.77 -12.91
C TYR A 706 6.77 9.89 -13.84
N ALA A 707 6.85 11.00 -14.57
CA ALA A 707 7.93 11.20 -15.53
C ALA A 707 9.29 11.24 -14.83
N SER A 708 9.36 11.88 -13.67
CA SER A 708 10.63 12.00 -12.98
C SER A 708 11.14 10.66 -12.49
N ALA A 709 10.26 9.82 -11.92
CA ALA A 709 10.67 8.50 -11.47
C ALA A 709 11.12 7.64 -12.64
N LYS A 710 10.35 7.64 -13.73
CA LYS A 710 10.74 6.91 -14.92
C LYS A 710 12.12 7.35 -15.42
N SER A 711 12.35 8.66 -15.47
CA SER A 711 13.61 9.16 -16.00
C SER A 711 14.78 8.82 -15.09
N CYS A 712 14.58 8.88 -13.77
CA CYS A 712 15.63 8.50 -12.84
C CYS A 712 16.04 7.05 -13.07
N THR A 713 15.05 6.17 -13.21
CA THR A 713 15.37 4.76 -13.45
C THR A 713 16.08 4.56 -14.78
N SER A 714 15.65 5.27 -15.83
CA SER A 714 16.29 5.13 -17.13
C SER A 714 17.74 5.56 -17.09
N ILE A 715 18.03 6.69 -16.43
CA ILE A 715 19.40 7.16 -16.36
C ILE A 715 20.26 6.20 -15.55
N GLY A 716 19.69 5.61 -14.49
CA GLY A 716 20.44 4.60 -13.75
C GLY A 716 20.83 3.41 -14.61
N ARG A 717 19.88 2.91 -15.41
CA ARG A 717 20.19 1.80 -16.29
C ARG A 717 21.27 2.16 -17.30
N ARG A 718 21.18 3.37 -17.88
CA ARG A 718 22.22 3.79 -18.82
C ARG A 718 23.58 3.86 -18.15
N MET A 719 23.64 4.36 -16.92
CA MET A 719 24.93 4.47 -16.23
C MET A 719 25.53 3.11 -15.95
N ILE A 720 24.73 2.15 -15.49
CA ILE A 720 25.33 0.85 -15.21
C ILE A 720 25.76 0.16 -16.50
N LEU A 721 24.99 0.32 -17.59
CA LEU A 721 25.42 -0.30 -18.84
C LEU A 721 26.72 0.35 -19.34
N TYR A 722 26.85 1.65 -19.17
CA TYR A 722 28.08 2.34 -19.58
C TYR A 722 29.28 1.80 -18.80
N LEU A 723 29.15 1.67 -17.48
CA LEU A 723 30.26 1.15 -16.69
C LEU A 723 30.60 -0.28 -17.07
N GLU A 724 29.59 -1.13 -17.27
CA GLU A 724 29.86 -2.51 -17.64
C GLU A 724 30.54 -2.61 -19.00
N SER A 725 30.12 -1.78 -19.96
CA SER A 725 30.76 -1.79 -21.28
C SER A 725 32.20 -1.33 -21.18
N VAL A 726 32.48 -0.34 -20.34
CA VAL A 726 33.86 0.12 -20.19
C VAL A 726 34.73 -0.95 -19.53
N LEU A 727 34.17 -1.70 -18.57
CA LEU A 727 34.98 -2.62 -17.78
C LEU A 727 35.10 -4.03 -18.37
N ASN A 728 34.14 -4.46 -19.17
CA ASN A 728 34.15 -5.84 -19.68
C ASN A 728 35.27 -6.02 -20.69
N GLY A 729 36.14 -7.00 -20.44
CA GLY A 729 37.24 -7.26 -21.34
C GLY A 729 38.26 -6.15 -21.44
N ALA A 730 38.58 -5.53 -20.31
CA ALA A 730 39.55 -4.45 -20.27
C ALA A 730 40.87 -4.96 -19.71
N GLU A 731 41.97 -4.54 -20.29
CA GLU A 731 43.24 -5.13 -19.86
C GLU A 731 44.27 -4.07 -19.57
N LEU A 732 45.17 -4.38 -18.64
CA LEU A 732 46.31 -3.52 -18.37
C LEU A 732 47.59 -4.27 -18.69
N SER A 733 48.47 -3.59 -19.41
CA SER A 733 49.78 -4.10 -19.80
C SER A 733 50.75 -2.93 -19.80
N ASN A 734 52.02 -3.22 -19.56
CA ASN A 734 53.03 -2.20 -19.25
C ASN A 734 52.48 -1.41 -18.06
N GLY A 735 52.56 -0.09 -18.08
CA GLY A 735 51.91 0.69 -17.04
C GLY A 735 50.70 1.38 -17.62
N MET A 736 50.00 0.67 -18.50
CA MET A 736 48.95 1.22 -19.32
C MET A 736 47.66 0.43 -19.15
N LEU A 737 46.53 1.15 -19.15
CA LEU A 737 45.21 0.56 -19.03
C LEU A 737 44.42 0.85 -20.30
N ARG A 738 43.84 -0.20 -20.87
CA ARG A 738 42.98 -0.10 -22.04
C ARG A 738 41.59 -0.59 -21.67
N PHE A 739 40.61 0.29 -21.81
CA PHE A 739 39.20 -0.04 -21.63
C PHE A 739 38.63 -0.62 -22.93
N ALA A 740 37.47 -1.26 -22.81
CA ALA A 740 36.89 -1.93 -23.97
C ALA A 740 36.35 -0.95 -24.99
N ASN A 741 35.76 0.15 -24.53
CA ASN A 741 35.07 1.06 -25.44
C ASN A 741 35.56 2.49 -25.28
N THR A 742 34.87 3.43 -25.91
CA THR A 742 35.21 4.85 -25.85
C THR A 742 34.53 5.48 -24.64
N LEU A 743 35.29 6.26 -23.87
CA LEU A 743 34.77 6.93 -22.68
C LEU A 743 33.96 8.15 -23.11
N SER A 744 32.82 7.88 -23.73
CA SER A 744 31.95 8.92 -24.26
C SER A 744 30.69 9.01 -23.39
N ASN A 745 30.31 10.23 -23.07
CA ASN A 745 29.11 10.49 -22.30
C ASN A 745 27.90 9.94 -23.04
N PRO A 746 27.12 9.05 -22.43
CA PRO A 746 25.98 8.44 -23.13
C PRO A 746 24.77 9.35 -23.29
N PHE A 747 24.86 10.63 -22.93
CA PHE A 747 23.72 11.54 -23.05
C PHE A 747 23.95 12.64 -24.08
N TYR A 748 25.12 13.27 -24.07
CA TYR A 748 25.42 14.30 -25.06
C TYR A 748 26.93 14.49 -25.14
N MET A 749 27.37 15.15 -26.21
CA MET A 749 28.78 15.45 -26.38
C MET A 749 29.22 16.47 -25.35
N ASP A 750 30.45 16.31 -24.85
CA ASP A 750 31.00 17.19 -23.84
C ASP A 750 32.45 17.48 -24.21
N ASP A 751 33.14 18.17 -23.31
CA ASP A 751 34.50 18.63 -23.57
C ASP A 751 35.57 17.67 -23.03
N ARG A 752 35.18 16.53 -22.50
CA ARG A 752 36.14 15.59 -21.95
C ARG A 752 36.86 14.83 -23.04
N ASP A 753 37.97 14.20 -22.67
CA ASP A 753 38.68 13.30 -23.56
C ASP A 753 37.96 11.96 -23.64
N ILE A 754 38.12 11.29 -24.78
CA ILE A 754 37.42 10.04 -25.06
C ILE A 754 38.40 8.91 -25.35
N ASN A 755 39.65 9.09 -25.02
CA ASN A 755 40.68 8.11 -25.34
C ASN A 755 40.65 6.96 -24.35
N PRO A 756 40.55 5.71 -24.81
CA PRO A 756 40.61 4.56 -23.90
C PRO A 756 42.03 4.13 -23.52
N ILE A 757 43.02 4.96 -23.79
CA ILE A 757 44.42 4.71 -23.46
C ILE A 757 44.76 5.57 -22.24
N VAL A 758 44.98 4.94 -21.09
CA VAL A 758 45.19 5.69 -19.86
C VAL A 758 46.48 5.22 -19.19
N LYS A 759 47.27 6.19 -18.73
CA LYS A 759 48.51 5.89 -18.04
C LYS A 759 48.24 5.59 -16.57
N THR A 760 48.86 4.53 -16.07
CA THR A 760 48.69 4.09 -14.69
C THR A 760 49.99 4.27 -13.92
N SER A 761 49.89 4.18 -12.59
CA SER A 761 51.01 4.28 -11.69
C SER A 761 51.47 2.93 -11.16
N LEU A 762 51.01 1.84 -11.76
CA LEU A 762 51.34 0.50 -11.30
C LEU A 762 52.66 0.04 -11.90
N PRO A 763 53.26 -1.01 -11.33
CA PRO A 763 54.50 -1.54 -11.89
C PRO A 763 54.34 -2.00 -13.34
N ILE A 764 55.43 -1.85 -14.09
CA ILE A 764 55.38 -2.12 -15.53
C ILE A 764 55.14 -3.59 -15.82
N ASP A 765 55.77 -4.48 -15.05
CA ASP A 765 55.71 -5.90 -15.35
C ASP A 765 54.32 -6.51 -15.17
N TYR A 766 53.39 -5.80 -14.55
CA TYR A 766 52.04 -6.31 -14.38
C TYR A 766 51.35 -6.48 -15.73
N ARG A 767 50.49 -7.50 -15.81
CA ARG A 767 49.73 -7.75 -17.02
C ARG A 767 48.48 -8.54 -16.63
N PHE A 768 47.31 -7.93 -16.75
CA PHE A 768 46.09 -8.59 -16.29
C PHE A 768 44.92 -8.23 -17.20
N ARG A 769 43.90 -9.09 -17.15
CA ARG A 769 42.68 -8.96 -17.94
C ARG A 769 41.47 -8.97 -17.01
N PHE A 770 40.47 -8.17 -17.34
CA PHE A 770 39.28 -8.02 -16.51
C PHE A 770 38.04 -8.30 -17.34
N ARG A 771 37.12 -9.06 -16.74
CA ARG A 771 35.86 -9.49 -17.35
C ARG A 771 34.73 -9.36 -16.34
N SER A 772 33.59 -8.87 -16.78
CA SER A 772 32.44 -8.65 -15.90
C SER A 772 31.56 -9.89 -15.86
N VAL A 773 31.02 -10.18 -14.67
CA VAL A 773 30.29 -11.41 -14.42
C VAL A 773 28.89 -11.17 -13.88
N TYR A 774 28.72 -10.23 -12.95
CA TYR A 774 27.43 -10.00 -12.31
C TYR A 774 27.26 -8.51 -12.02
N GLY A 775 26.01 -8.12 -11.79
CA GLY A 775 25.70 -6.75 -11.44
C GLY A 775 24.26 -6.53 -11.04
N ASP A 776 24.03 -5.81 -9.95
CA ASP A 776 22.69 -5.49 -9.48
C ASP A 776 22.57 -3.98 -9.32
N THR A 777 21.67 -3.38 -10.10
CA THR A 777 21.47 -1.94 -10.12
C THR A 777 22.79 -1.20 -10.33
N ASP A 778 23.33 -0.59 -9.27
CA ASP A 778 24.56 0.21 -9.38
C ASP A 778 25.79 -0.56 -8.90
N SER A 779 26.06 -1.72 -9.48
CA SER A 779 27.23 -2.47 -9.06
C SER A 779 27.75 -3.33 -10.19
N VAL A 780 29.07 -3.49 -10.25
CA VAL A 780 29.71 -4.36 -11.23
C VAL A 780 30.67 -5.29 -10.49
N PHE A 781 30.59 -6.58 -10.82
CA PHE A 781 31.51 -7.60 -10.34
C PHE A 781 32.52 -7.85 -11.46
N THR A 782 33.77 -7.49 -11.24
CA THR A 782 34.81 -7.62 -12.25
C THR A 782 35.76 -8.74 -11.85
N GLU A 783 35.88 -9.76 -12.69
CA GLU A 783 36.77 -10.87 -12.40
C GLU A 783 38.17 -10.57 -12.90
N ILE A 784 39.17 -10.93 -12.09
CA ILE A 784 40.57 -10.72 -12.41
C ILE A 784 41.28 -12.06 -12.39
N ASP A 785 42.14 -12.29 -13.38
CA ASP A 785 42.85 -13.56 -13.50
C ASP A 785 44.05 -13.59 -12.57
N SER A 786 43.76 -13.60 -11.27
CA SER A 786 44.80 -13.64 -10.26
C SER A 786 44.21 -14.24 -8.99
N GLN A 787 45.11 -14.63 -8.08
CA GLN A 787 44.71 -15.25 -6.83
C GLN A 787 45.14 -14.47 -5.60
N ASP A 788 46.27 -13.78 -5.65
CA ASP A 788 46.74 -13.04 -4.49
C ASP A 788 45.90 -11.80 -4.27
N VAL A 789 45.69 -11.46 -2.99
CA VAL A 789 44.77 -10.37 -2.66
C VAL A 789 45.46 -9.02 -2.49
N ASP A 790 46.77 -9.01 -2.18
CA ASP A 790 47.47 -7.73 -2.10
C ASP A 790 47.55 -7.07 -3.47
N LYS A 791 47.98 -7.81 -4.48
CA LYS A 791 48.03 -7.27 -5.83
C LYS A 791 46.65 -6.88 -6.31
N SER A 792 45.64 -7.70 -6.01
CA SER A 792 44.28 -7.39 -6.43
C SER A 792 43.80 -6.09 -5.80
N ILE A 793 44.08 -5.89 -4.51
CA ILE A 793 43.64 -4.68 -3.84
C ILE A 793 44.34 -3.45 -4.42
N GLU A 794 45.65 -3.57 -4.69
CA GLU A 794 46.37 -2.44 -5.28
C GLU A 794 45.83 -2.09 -6.67
N ILE A 795 45.62 -3.11 -7.50
CA ILE A 795 45.07 -2.87 -8.83
C ILE A 795 43.69 -2.24 -8.73
N ALA A 796 42.88 -2.69 -7.78
CA ALA A 796 41.54 -2.15 -7.63
C ALA A 796 41.57 -0.69 -7.21
N LYS A 797 42.50 -0.33 -6.32
CA LYS A 797 42.59 1.07 -5.90
C LYS A 797 42.98 1.96 -7.09
N GLU A 798 43.96 1.53 -7.87
CA GLU A 798 44.34 2.32 -9.04
C GLU A 798 43.19 2.42 -10.05
N LEU A 799 42.47 1.32 -10.26
CA LEU A 799 41.35 1.33 -11.18
C LEU A 799 40.25 2.29 -10.71
N GLU A 800 39.97 2.30 -9.41
CA GLU A 800 38.98 3.23 -8.90
C GLU A 800 39.40 4.68 -9.14
N ARG A 801 40.67 4.99 -8.87
CA ARG A 801 41.14 6.35 -9.11
C ARG A 801 40.98 6.74 -10.56
N LEU A 802 41.40 5.86 -11.48
CA LEU A 802 41.31 6.18 -12.90
C LEU A 802 39.87 6.32 -13.36
N ILE A 803 38.98 5.44 -12.90
CA ILE A 803 37.57 5.52 -13.28
C ILE A 803 36.95 6.83 -12.82
N ASN A 804 37.22 7.22 -11.58
CA ASN A 804 36.64 8.46 -11.08
C ASN A 804 37.22 9.67 -11.81
N SER A 805 38.50 9.63 -12.17
CA SER A 805 39.10 10.79 -12.81
C SER A 805 38.68 10.93 -14.27
N ARG A 806 38.59 9.82 -15.01
CA ARG A 806 38.47 9.90 -16.46
C ARG A 806 37.17 9.32 -17.01
N VAL A 807 36.71 8.18 -16.50
CA VAL A 807 35.52 7.54 -17.06
C VAL A 807 34.27 8.33 -16.72
N LEU A 808 34.14 8.75 -15.47
CA LEU A 808 32.91 9.35 -14.99
C LEU A 808 32.99 10.88 -15.06
N PHE A 809 31.88 11.53 -14.71
CA PHE A 809 31.76 12.96 -14.91
C PHE A 809 30.72 13.52 -13.95
N ASN A 810 30.78 14.83 -13.76
CA ASN A 810 29.83 15.60 -12.95
C ASN A 810 29.83 15.01 -11.54
N ASN A 811 28.68 14.70 -10.95
CA ASN A 811 28.59 14.25 -9.57
C ASN A 811 28.50 12.73 -9.44
N PHE A 812 28.97 11.99 -10.43
CA PHE A 812 28.96 10.54 -10.40
C PHE A 812 30.31 10.02 -9.94
N LYS A 813 30.30 9.14 -8.95
CA LYS A 813 31.53 8.65 -8.33
C LYS A 813 31.33 7.23 -7.85
N ILE A 814 32.35 6.39 -8.05
CA ILE A 814 32.28 4.99 -7.69
C ILE A 814 33.28 4.69 -6.58
N GLU A 815 33.04 3.57 -5.91
CA GLU A 815 33.82 3.11 -4.77
C GLU A 815 34.20 1.65 -4.98
N PHE A 816 35.37 1.30 -4.46
CA PHE A 816 35.85 -0.08 -4.46
C PHE A 816 35.47 -0.70 -3.12
N GLU A 817 34.57 -1.68 -3.17
CA GLU A 817 34.01 -2.23 -1.93
C GLU A 817 34.93 -3.27 -1.30
N ALA A 818 35.18 -4.37 -1.99
CA ALA A 818 35.86 -5.49 -1.37
C ALA A 818 36.41 -6.42 -2.45
N VAL A 819 37.12 -7.45 -1.99
CA VAL A 819 37.58 -8.55 -2.83
C VAL A 819 36.86 -9.81 -2.37
N TYR A 820 36.25 -10.52 -3.30
CA TYR A 820 35.50 -11.72 -3.01
C TYR A 820 36.29 -12.94 -3.46
N LYS A 821 36.42 -13.92 -2.58
CA LYS A 821 37.05 -15.20 -2.88
C LYS A 821 36.03 -16.31 -2.73
N ASN A 822 36.18 -17.33 -3.57
CA ASN A 822 35.31 -18.50 -3.56
C ASN A 822 33.84 -18.09 -3.74
N LEU A 823 33.60 -17.26 -4.74
CA LEU A 823 32.25 -16.78 -5.01
C LEU A 823 31.41 -17.90 -5.60
N ILE A 824 30.32 -18.25 -4.92
CA ILE A 824 29.35 -19.22 -5.42
C ILE A 824 28.05 -18.48 -5.68
N MET A 825 27.58 -18.56 -6.92
CA MET A 825 26.36 -17.88 -7.37
C MET A 825 25.30 -18.93 -7.65
N GLN A 826 24.19 -18.87 -6.92
CA GLN A 826 23.10 -19.78 -7.24
C GLN A 826 22.14 -19.18 -8.26
N SER A 827 21.66 -17.98 -8.01
CA SER A 827 20.68 -17.32 -8.86
C SER A 827 21.04 -15.86 -8.95
N LYS A 828 20.10 -15.04 -9.44
CA LYS A 828 20.37 -13.63 -9.68
C LYS A 828 20.50 -12.81 -8.41
N LYS A 829 20.08 -13.32 -7.26
CA LYS A 829 20.24 -12.55 -6.03
C LYS A 829 20.65 -13.43 -4.85
N LYS A 830 21.39 -14.50 -5.11
CA LYS A 830 21.78 -15.46 -4.07
C LYS A 830 23.23 -15.86 -4.28
N TYR A 831 24.10 -15.48 -3.36
CA TYR A 831 25.50 -15.86 -3.50
C TYR A 831 26.18 -15.91 -2.14
N THR A 832 27.22 -16.74 -2.06
CA THR A 832 28.04 -16.86 -0.85
C THR A 832 29.50 -16.66 -1.21
N THR A 833 30.25 -16.03 -0.32
CA THR A 833 31.66 -15.76 -0.61
C THR A 833 32.41 -15.45 0.68
N MET A 834 33.73 -15.29 0.53
CA MET A 834 34.60 -14.78 1.59
C MET A 834 35.06 -13.38 1.18
N LYS A 835 34.93 -12.43 2.10
CA LYS A 835 35.12 -11.02 1.80
C LYS A 835 36.37 -10.49 2.47
N TYR A 836 37.19 -9.79 1.70
CA TYR A 836 38.30 -9.00 2.20
C TYR A 836 37.99 -7.52 1.97
N SER A 837 38.06 -6.72 3.02
CA SER A 837 37.76 -5.31 2.90
C SER A 837 38.88 -4.58 2.15
N ALA A 838 38.60 -3.33 1.78
CA ALA A 838 39.59 -2.54 1.06
C ALA A 838 40.81 -2.25 1.92
N SER A 839 40.61 -2.07 3.21
CA SER A 839 41.72 -1.83 4.13
C SER A 839 42.12 -3.15 4.80
N SER A 840 42.62 -4.06 3.98
CA SER A 840 42.97 -5.39 4.45
C SER A 840 44.14 -5.92 3.64
N ASN A 841 44.81 -6.93 4.18
CA ASN A 841 45.95 -7.56 3.54
C ASN A 841 45.71 -9.06 3.47
N SER A 842 46.69 -9.79 2.94
CA SER A 842 46.56 -11.23 2.81
C SER A 842 46.48 -11.91 4.17
N LYS A 843 47.30 -11.46 5.12
CA LYS A 843 47.32 -12.05 6.46
C LYS A 843 46.26 -11.43 7.37
N SER A 844 45.02 -11.43 6.90
CA SER A 844 43.90 -10.90 7.66
C SER A 844 42.72 -11.85 7.53
N VAL A 845 41.97 -12.00 8.61
CA VAL A 845 40.85 -12.95 8.59
C VAL A 845 39.72 -12.41 7.72
N PRO A 846 39.19 -13.17 6.80
CA PRO A 846 38.10 -12.70 5.94
C PRO A 846 36.77 -12.78 6.67
N GLU A 847 35.70 -12.44 5.95
CA GLU A 847 34.36 -12.48 6.49
C GLU A 847 33.47 -13.36 5.61
N ARG A 848 32.73 -14.27 6.22
CA ARG A 848 31.76 -15.04 5.45
C ARG A 848 30.56 -14.17 5.13
N ILE A 849 30.19 -14.12 3.85
CA ILE A 849 29.07 -13.31 3.39
C ILE A 849 28.08 -14.21 2.67
N ASN A 850 26.83 -14.19 3.13
CA ASN A 850 25.71 -14.84 2.47
C ASN A 850 24.72 -13.77 2.05
N LYS A 851 24.24 -13.83 0.82
CA LYS A 851 23.31 -12.85 0.29
C LYS A 851 22.15 -13.57 -0.36
N GLY A 852 21.00 -13.55 0.31
CA GLY A 852 19.78 -14.12 -0.21
C GLY A 852 19.62 -15.62 -0.07
N THR A 853 20.59 -16.31 0.52
CA THR A 853 20.56 -17.76 0.57
C THR A 853 19.65 -18.24 1.70
N SER A 854 19.52 -19.56 1.83
CA SER A 854 18.69 -20.14 2.88
C SER A 854 19.44 -20.20 4.20
N GLU A 855 20.06 -19.09 4.58
CA GLU A 855 20.65 -18.91 5.89
C GLU A 855 20.28 -17.59 6.54
N THR A 856 19.89 -16.59 5.76
CA THR A 856 19.46 -15.30 6.28
C THR A 856 17.95 -15.14 6.30
N ARG A 857 17.23 -16.01 5.60
CA ARG A 857 15.77 -15.92 5.58
C ARG A 857 15.19 -16.31 6.93
N ARG A 858 14.19 -15.57 7.36
CA ARG A 858 13.53 -15.79 8.64
C ARG A 858 12.42 -16.81 8.55
N ASP A 859 12.36 -17.58 7.48
CA ASP A 859 11.27 -18.54 7.29
C ASP A 859 11.77 -19.87 6.75
N VAL A 860 12.98 -20.28 7.10
CA VAL A 860 13.46 -21.52 6.52
C VAL A 860 13.44 -22.64 7.55
N SER A 861 14.37 -22.59 8.52
CA SER A 861 14.44 -23.54 9.64
C SER A 861 15.71 -23.26 10.42
N LYS A 862 15.95 -24.01 11.50
CA LYS A 862 17.29 -24.13 12.05
C LYS A 862 17.93 -25.47 11.73
N PHE A 863 17.13 -26.48 11.41
CA PHE A 863 17.62 -27.76 10.92
C PHE A 863 18.12 -27.64 9.49
N HIS A 864 17.34 -26.94 8.65
CA HIS A 864 17.70 -26.72 7.26
C HIS A 864 19.04 -26.01 7.14
N LYS A 865 19.26 -24.98 7.95
CA LYS A 865 20.48 -24.20 7.85
C LYS A 865 21.71 -25.04 8.21
N ASN A 866 21.63 -25.81 9.29
CA ASN A 866 22.76 -26.63 9.70
C ASN A 866 23.08 -27.69 8.65
N MET A 867 22.05 -28.35 8.12
CA MET A 867 22.32 -29.35 7.09
C MET A 867 22.89 -28.71 5.83
N ILE A 868 22.37 -27.55 5.43
CA ILE A 868 22.90 -26.87 4.25
C ILE A 868 24.37 -26.54 4.45
N LYS A 869 24.73 -26.11 5.66
CA LYS A 869 26.11 -25.71 5.91
C LYS A 869 27.04 -26.92 5.85
N THR A 870 26.68 -27.99 6.54
CA THR A 870 27.57 -29.15 6.56
C THR A 870 27.71 -29.75 5.16
N TYR A 871 26.62 -29.80 4.39
CA TYR A 871 26.70 -30.41 3.07
C TYR A 871 27.42 -29.51 2.06
N LYS A 872 27.25 -28.19 2.16
CA LYS A 872 28.02 -27.29 1.31
C LYS A 872 29.51 -27.43 1.59
N THR A 873 29.90 -27.49 2.87
CA THR A 873 31.31 -27.64 3.20
C THR A 873 31.84 -28.98 2.70
N ARG A 874 31.07 -30.06 2.88
CA ARG A 874 31.52 -31.36 2.41
C ARG A 874 31.68 -31.38 0.89
N LEU A 875 30.74 -30.77 0.16
CA LEU A 875 30.84 -30.72 -1.28
C LEU A 875 32.04 -29.90 -1.73
N SER A 876 32.30 -28.77 -1.06
CA SER A 876 33.46 -27.96 -1.41
C SER A 876 34.76 -28.74 -1.17
N GLU A 877 34.83 -29.47 -0.06
CA GLU A 877 36.01 -30.28 0.22
C GLU A 877 36.20 -31.36 -0.84
N MET A 878 35.11 -32.03 -1.22
CA MET A 878 35.21 -33.08 -2.23
C MET A 878 35.60 -32.52 -3.58
N LEU A 879 35.08 -31.34 -3.93
CA LEU A 879 35.45 -30.71 -5.19
C LEU A 879 36.92 -30.29 -5.17
N SER A 880 37.41 -29.83 -4.03
CA SER A 880 38.83 -29.52 -3.91
C SER A 880 39.67 -30.76 -4.10
N GLU A 881 39.32 -31.85 -3.44
CA GLU A 881 40.01 -33.12 -3.65
C GLU A 881 39.81 -33.62 -5.07
N GLY A 882 38.58 -33.98 -5.41
CA GLY A 882 38.22 -34.29 -6.78
C GLY A 882 38.34 -35.77 -7.13
N ARG A 883 37.21 -36.47 -7.21
CA ARG A 883 37.19 -37.83 -7.74
C ARG A 883 36.35 -37.93 -9.01
N MET A 884 35.05 -37.61 -8.93
CA MET A 884 34.12 -37.60 -10.07
C MET A 884 34.46 -38.70 -11.09
N ASN A 885 34.47 -39.94 -10.63
CA ASN A 885 34.79 -41.05 -11.52
C ASN A 885 33.75 -41.15 -12.63
N SER A 886 32.52 -41.51 -12.29
CA SER A 886 31.38 -41.35 -13.19
C SER A 886 30.33 -40.43 -12.59
N ASN A 887 29.77 -40.79 -11.44
CA ASN A 887 28.82 -39.96 -10.70
C ASN A 887 29.06 -40.09 -9.20
N GLN A 888 30.34 -40.10 -8.80
CA GLN A 888 30.66 -40.42 -7.41
C GLN A 888 30.09 -39.40 -6.45
N VAL A 889 30.21 -38.11 -6.79
CA VAL A 889 29.75 -37.05 -5.89
C VAL A 889 28.26 -37.17 -5.62
N CYS A 890 27.47 -37.36 -6.68
CA CYS A 890 26.03 -37.41 -6.52
C CYS A 890 25.60 -38.61 -5.69
N ILE A 891 26.17 -39.78 -5.96
CA ILE A 891 25.80 -40.98 -5.21
C ILE A 891 26.18 -40.83 -3.75
N ASP A 892 27.39 -40.33 -3.48
CA ASP A 892 27.82 -40.15 -2.10
C ASP A 892 26.90 -39.19 -1.35
N ILE A 893 26.59 -38.04 -1.98
CA ILE A 893 25.74 -37.05 -1.32
C ILE A 893 24.36 -37.62 -1.07
N LEU A 894 23.77 -38.29 -2.07
CA LEU A 894 22.42 -38.81 -1.89
C LEU A 894 22.36 -39.89 -0.82
N ARG A 895 23.35 -40.79 -0.78
CA ARG A 895 23.37 -41.82 0.24
C ARG A 895 23.53 -41.20 1.64
N SER A 896 24.43 -40.23 1.78
CA SER A 896 24.62 -39.59 3.07
C SER A 896 23.34 -38.87 3.52
N LEU A 897 22.68 -38.17 2.61
CA LEU A 897 21.46 -37.47 2.95
C LEU A 897 20.36 -38.44 3.36
N GLU A 898 20.22 -39.54 2.63
CA GLU A 898 19.21 -40.53 2.98
C GLU A 898 19.46 -41.11 4.36
N THR A 899 20.73 -41.44 4.65
CA THR A 899 21.06 -41.98 5.96
C THR A 899 20.76 -40.98 7.06
N ASP A 900 21.15 -39.71 6.87
CA ASP A 900 20.90 -38.71 7.90
C ASP A 900 19.42 -38.49 8.13
N LEU A 901 18.64 -38.41 7.06
CA LEU A 901 17.21 -38.17 7.21
C LEU A 901 16.52 -39.35 7.88
N ARG A 902 16.89 -40.57 7.50
CA ARG A 902 16.29 -41.75 8.14
C ARG A 902 16.66 -41.80 9.62
N SER A 903 17.91 -41.48 9.96
CA SER A 903 18.31 -41.47 11.36
C SER A 903 17.53 -40.44 12.16
N GLU A 904 17.35 -39.23 11.59
CA GLU A 904 16.58 -38.21 12.29
C GLU A 904 15.14 -38.63 12.47
N PHE A 905 14.55 -39.26 11.46
CA PHE A 905 13.17 -39.72 11.56
C PHE A 905 13.01 -40.79 12.62
N ASP A 906 13.95 -41.73 12.70
CA ASP A 906 13.81 -42.85 13.63
C ASP A 906 14.13 -42.45 15.07
N SER A 907 15.26 -41.77 15.28
CA SER A 907 15.70 -41.47 16.63
C SER A 907 14.84 -40.39 17.28
N ARG A 908 14.52 -39.33 16.53
CA ARG A 908 13.74 -38.20 17.03
C ARG A 908 14.41 -37.52 18.21
N SER A 909 15.70 -37.22 18.04
CA SER A 909 16.49 -36.61 19.10
C SER A 909 16.57 -35.10 18.98
N SER A 910 16.33 -34.54 17.81
CA SER A 910 16.37 -33.09 17.64
C SER A 910 15.17 -32.45 18.31
N PRO A 911 15.35 -31.40 19.10
CA PRO A 911 14.23 -30.78 19.79
C PRO A 911 13.30 -30.02 18.86
N LEU A 912 12.26 -29.40 19.43
CA LEU A 912 11.31 -28.63 18.65
C LEU A 912 11.88 -27.29 18.19
N GLU A 913 12.87 -26.75 18.90
CA GLU A 913 13.37 -25.43 18.59
C GLU A 913 14.04 -25.39 17.23
N LEU A 914 14.54 -26.51 16.75
CA LEU A 914 15.13 -26.57 15.42
C LEU A 914 14.10 -26.57 14.31
N PHE A 915 12.82 -26.71 14.65
CA PHE A 915 11.76 -26.85 13.65
C PHE A 915 10.75 -25.72 13.72
N MET A 916 11.12 -24.58 14.27
CA MET A 916 10.22 -23.44 14.41
C MET A 916 10.46 -22.44 13.29
N LEU A 917 9.39 -22.00 12.65
CA LEU A 917 9.41 -20.93 11.68
C LEU A 917 8.68 -19.72 12.23
N SER A 918 8.89 -18.56 11.63
CA SER A 918 8.36 -17.31 12.16
C SER A 918 7.60 -16.56 11.08
N ARG A 919 6.58 -15.81 11.51
CA ARG A 919 5.76 -15.05 10.59
C ARG A 919 5.12 -13.87 11.31
N MET A 920 4.83 -12.82 10.55
CA MET A 920 4.18 -11.63 11.08
C MET A 920 2.67 -11.70 10.89
N HIS A 921 1.95 -11.09 11.81
CA HIS A 921 0.49 -11.04 11.77
C HIS A 921 0.02 -9.69 11.26
N HIS A 922 -0.94 -9.71 10.35
CA HIS A 922 -1.56 -8.50 9.82
C HIS A 922 -2.93 -8.87 9.28
N SER A 923 -3.64 -7.87 8.74
CA SER A 923 -4.99 -8.06 8.21
C SER A 923 -5.14 -7.48 6.81
N ASN A 924 -4.04 -7.42 6.06
CA ASN A 924 -4.05 -6.90 4.70
C ASN A 924 -4.06 -8.06 3.72
N TYR A 925 -5.22 -8.68 3.58
CA TYR A 925 -5.39 -9.84 2.71
C TYR A 925 -6.55 -9.62 1.76
N LYS A 926 -6.34 -9.99 0.50
CA LYS A 926 -7.45 -10.17 -0.42
C LYS A 926 -8.16 -11.47 -0.07
N SER A 927 -9.48 -11.42 0.07
CA SER A 927 -10.31 -12.50 0.60
C SER A 927 -10.08 -12.64 2.10
N ALA A 928 -11.15 -12.84 2.85
CA ALA A 928 -11.08 -12.91 4.30
C ALA A 928 -10.95 -14.34 4.82
N ASP A 929 -11.01 -15.36 3.96
CA ASP A 929 -10.82 -16.72 4.41
C ASP A 929 -9.41 -16.91 4.96
N ASN A 930 -8.41 -16.84 4.08
CA ASN A 930 -7.00 -16.66 4.40
C ASN A 930 -6.51 -17.49 5.60
N PRO A 931 -6.18 -18.76 5.40
CA PRO A 931 -5.79 -19.63 6.52
C PRO A 931 -4.89 -19.02 7.59
N ASN A 932 -3.97 -18.13 7.22
CA ASN A 932 -3.06 -17.54 8.20
C ASN A 932 -3.81 -16.70 9.22
N MET A 933 -4.66 -15.79 8.74
CA MET A 933 -5.46 -14.98 9.64
C MET A 933 -6.38 -15.85 10.48
N TYR A 934 -6.92 -16.92 9.89
CA TYR A 934 -7.79 -17.82 10.64
C TYR A 934 -7.03 -18.49 11.78
N LEU A 935 -5.79 -18.91 11.51
CA LEU A 935 -4.97 -19.54 12.53
C LEU A 935 -4.74 -18.59 13.70
N VAL A 936 -4.36 -17.35 13.41
CA VAL A 936 -4.10 -16.42 14.49
C VAL A 936 -5.39 -16.08 15.24
N THR A 937 -6.51 -15.95 14.52
CA THR A 937 -7.77 -15.64 15.17
C THR A 937 -8.20 -16.74 16.12
N GLU A 938 -8.06 -18.00 15.70
CA GLU A 938 -8.42 -19.11 16.57
C GLU A 938 -7.52 -19.15 17.80
N TYR A 939 -6.22 -18.91 17.61
CA TYR A 939 -5.32 -18.87 18.77
C TYR A 939 -5.75 -17.77 19.74
N ASN A 940 -6.09 -16.59 19.23
CA ASN A 940 -6.53 -15.52 20.10
C ASN A 940 -7.84 -15.86 20.79
N LYS A 941 -8.69 -16.66 20.15
CA LYS A 941 -9.95 -17.04 20.75
C LYS A 941 -9.77 -18.04 21.89
N ASN A 942 -8.79 -18.94 21.77
CA ASN A 942 -8.65 -20.02 22.73
C ASN A 942 -7.54 -19.83 23.76
N ASN A 943 -6.88 -18.67 23.78
CA ASN A 943 -5.74 -18.49 24.65
C ASN A 943 -5.79 -17.13 25.32
N PRO A 944 -5.19 -17.00 26.51
CA PRO A 944 -5.20 -15.69 27.20
C PRO A 944 -4.35 -14.64 26.54
N GLU A 945 -3.09 -14.97 26.26
CA GLU A 945 -2.19 -14.01 25.63
C GLU A 945 -2.56 -13.85 24.16
N THR A 946 -2.65 -12.60 23.72
CA THR A 946 -3.15 -12.28 22.39
C THR A 946 -2.01 -11.80 21.51
N ILE A 947 -1.97 -12.31 20.28
CA ILE A 947 -1.01 -11.86 19.28
C ILE A 947 -1.57 -10.61 18.62
N GLU A 948 -0.75 -9.55 18.57
CA GLU A 948 -1.20 -8.25 18.09
C GLU A 948 -0.98 -8.13 16.59
N LEU A 949 -1.18 -6.94 16.05
CA LEU A 949 -1.33 -6.74 14.61
C LEU A 949 -0.03 -6.41 13.90
N GLY A 950 1.10 -6.37 14.61
CA GLY A 950 2.37 -6.20 13.94
C GLY A 950 3.43 -7.08 14.58
N GLU A 951 3.01 -8.21 15.12
CA GLU A 951 3.83 -9.03 16.00
C GLU A 951 4.25 -10.31 15.29
N ARG A 952 5.51 -10.69 15.45
CA ARG A 952 6.03 -11.93 14.91
C ARG A 952 5.78 -13.07 15.88
N TYR A 953 5.39 -14.22 15.34
CA TYR A 953 5.10 -15.39 16.15
C TYR A 953 5.74 -16.62 15.50
N TYR A 954 5.93 -17.64 16.32
CA TYR A 954 6.47 -18.93 15.89
C TYR A 954 5.35 -19.90 15.56
N PHE A 955 5.63 -20.80 14.61
CA PHE A 955 4.72 -21.88 14.27
C PHE A 955 5.52 -23.05 13.72
N ALA A 956 4.88 -24.22 13.70
CA ALA A 956 5.52 -25.44 13.23
C ALA A 956 4.47 -26.34 12.59
N TYR A 957 4.94 -27.46 12.03
CA TYR A 957 4.07 -28.46 11.41
C TYR A 957 4.01 -29.69 12.31
N ILE A 958 2.79 -30.07 12.70
CA ILE A 958 2.56 -31.17 13.65
C ILE A 958 1.52 -32.11 13.06
N CYS A 959 1.70 -33.40 13.29
CA CYS A 959 0.78 -34.43 12.83
C CYS A 959 0.61 -35.48 13.92
N PRO A 960 -0.46 -36.29 13.84
CA PRO A 960 -0.62 -37.38 14.81
C PRO A 960 0.55 -38.35 14.76
N ALA A 961 0.84 -38.93 15.92
CA ALA A 961 2.06 -39.72 16.08
C ALA A 961 2.00 -41.05 15.33
N ASN A 962 0.83 -41.64 15.21
CA ASN A 962 0.72 -42.97 14.63
C ASN A 962 0.80 -42.99 13.11
N VAL A 963 0.74 -41.84 12.46
CA VAL A 963 0.80 -41.82 11.00
C VAL A 963 2.20 -42.26 10.54
N PRO A 964 2.30 -43.09 9.52
CA PRO A 964 3.64 -43.49 9.05
C PRO A 964 4.21 -42.47 8.08
N TRP A 965 5.35 -42.80 7.47
CA TRP A 965 5.94 -41.93 6.46
C TRP A 965 4.94 -41.66 5.35
N THR A 966 4.75 -40.39 5.04
CA THR A 966 3.76 -39.95 4.06
C THR A 966 4.46 -39.56 2.77
N LYS A 967 3.99 -40.11 1.65
CA LYS A 967 4.58 -39.81 0.35
C LYS A 967 3.92 -38.60 -0.29
N LYS A 968 2.62 -38.66 -0.53
CA LYS A 968 1.89 -37.57 -1.17
C LYS A 968 1.34 -36.64 -0.10
N LEU A 969 1.93 -35.45 0.01
CA LEU A 969 1.47 -34.44 0.94
C LEU A 969 0.41 -33.59 0.25
N VAL A 970 -0.82 -33.62 0.75
CA VAL A 970 -1.93 -33.00 0.05
C VAL A 970 -2.28 -31.65 0.65
N ASN A 971 -2.64 -31.61 1.93
CA ASN A 971 -2.96 -30.37 2.63
C ASN A 971 -1.89 -30.14 3.68
N ILE A 972 -1.21 -28.99 3.60
CA ILE A 972 -0.09 -28.68 4.47
C ILE A 972 -0.44 -27.59 5.47
N LYS A 973 -1.22 -26.59 5.05
CA LYS A 973 -1.56 -25.50 5.93
C LYS A 973 -2.47 -25.94 7.07
N THR A 974 -3.11 -27.10 6.94
CA THR A 974 -3.96 -27.62 8.00
C THR A 974 -3.14 -28.03 9.23
N TYR A 975 -1.86 -28.35 9.03
CA TYR A 975 -1.01 -28.87 10.09
C TYR A 975 -0.20 -27.80 10.80
N GLU A 976 -0.38 -26.53 10.49
CA GLU A 976 0.36 -25.49 11.18
C GLU A 976 -0.21 -25.27 12.58
N THR A 977 0.67 -25.20 13.58
CA THR A 977 0.27 -24.90 14.94
C THR A 977 1.19 -23.81 15.49
N ILE A 978 0.63 -22.94 16.31
CA ILE A 978 1.36 -21.83 16.90
C ILE A 978 2.05 -22.31 18.17
N ILE A 979 3.35 -22.08 18.26
CA ILE A 979 4.17 -22.55 19.37
C ILE A 979 4.42 -21.37 20.29
N ASP A 980 3.70 -21.32 21.41
CA ASP A 980 3.93 -20.30 22.41
C ASP A 980 5.03 -20.76 23.37
N ARG A 981 5.30 -19.95 24.39
CA ARG A 981 6.40 -20.23 25.29
C ARG A 981 6.13 -21.39 26.23
N SER A 982 4.86 -21.79 26.40
CA SER A 982 4.49 -22.87 27.29
C SER A 982 4.01 -24.10 26.53
N PHE A 983 4.40 -24.25 25.27
CA PHE A 983 3.98 -25.38 24.47
C PHE A 983 4.81 -26.61 24.78
N LYS A 984 4.14 -27.75 24.89
CA LYS A 984 4.78 -29.04 25.11
C LYS A 984 4.19 -30.04 24.11
N LEU A 985 5.06 -30.75 23.40
CA LEU A 985 4.60 -31.71 22.41
C LEU A 985 3.93 -32.89 23.10
N GLY A 986 2.70 -33.20 22.70
CA GLY A 986 1.97 -34.27 23.32
C GLY A 986 2.54 -35.63 22.98
N SER A 987 2.12 -36.62 23.76
CA SER A 987 2.55 -38.00 23.53
C SER A 987 1.92 -38.61 22.29
N ASN A 988 0.90 -37.97 21.72
CA ASN A 988 0.27 -38.45 20.49
C ASN A 988 0.55 -37.54 19.30
N GLN A 989 1.56 -36.68 19.41
CA GLN A 989 1.90 -35.72 18.36
C GLN A 989 3.35 -35.84 17.98
N ARG A 990 3.65 -35.62 16.71
CA ARG A 990 5.03 -35.62 16.22
C ARG A 990 5.21 -34.52 15.19
N ILE A 991 6.46 -34.10 15.02
CA ILE A 991 6.79 -33.11 14.02
C ILE A 991 6.63 -33.72 12.64
N PHE A 992 5.98 -32.99 11.73
CA PHE A 992 5.82 -33.44 10.36
C PHE A 992 7.13 -33.22 9.62
N TYR A 993 8.04 -34.18 9.77
CA TYR A 993 9.37 -34.06 9.18
C TYR A 993 9.33 -33.99 7.66
N GLU A 994 8.24 -34.44 7.04
CA GLU A 994 8.23 -34.60 5.59
C GLU A 994 8.36 -33.27 4.87
N VAL A 995 7.69 -32.23 5.37
CA VAL A 995 7.74 -30.92 4.72
C VAL A 995 9.16 -30.36 4.74
N TYR A 996 9.77 -30.38 5.92
CA TYR A 996 11.13 -29.87 6.06
C TYR A 996 12.10 -30.68 5.20
N PHE A 997 11.96 -32.00 5.20
CA PHE A 997 12.86 -32.84 4.42
C PHE A 997 12.71 -32.57 2.94
N LYS A 998 11.48 -32.38 2.46
CA LYS A 998 11.28 -32.08 1.06
C LYS A 998 11.92 -30.76 0.67
N ARG A 999 11.77 -29.74 1.51
CA ARG A 999 12.40 -28.46 1.19
C ARG A 999 13.93 -28.58 1.17
N LEU A 1000 14.50 -29.27 2.16
CA LEU A 1000 15.95 -29.42 2.21
C LEU A 1000 16.47 -30.19 1.02
N THR A 1001 15.78 -31.25 0.60
CA THR A 1001 16.27 -32.03 -0.51
C THR A 1001 16.08 -31.29 -1.84
N SER A 1002 15.04 -30.47 -1.96
CA SER A 1002 14.92 -29.62 -3.13
C SER A 1002 16.07 -28.63 -3.20
N GLU A 1003 16.52 -28.13 -2.05
CA GLU A 1003 17.69 -27.26 -2.04
C GLU A 1003 18.95 -28.02 -2.45
N ILE A 1004 19.17 -29.20 -1.89
CA ILE A 1004 20.39 -29.96 -2.17
C ILE A 1004 20.47 -30.34 -3.65
N VAL A 1005 19.35 -30.79 -4.23
CA VAL A 1005 19.38 -31.35 -5.58
C VAL A 1005 19.86 -30.32 -6.59
N ASN A 1006 19.43 -29.07 -6.44
CA ASN A 1006 19.81 -28.02 -7.40
C ASN A 1006 21.30 -27.76 -7.41
N LEU A 1007 22.02 -28.11 -6.35
CA LEU A 1007 23.46 -27.87 -6.32
C LEU A 1007 24.24 -28.88 -7.17
N LEU A 1008 23.77 -30.12 -7.24
CA LEU A 1008 24.49 -31.15 -7.97
C LEU A 1008 24.30 -30.98 -9.48
N ASP A 1009 24.81 -31.93 -10.26
CA ASP A 1009 24.77 -31.88 -11.71
C ASP A 1009 23.99 -33.01 -12.35
N ASN A 1010 23.88 -34.16 -11.71
CA ASN A 1010 23.09 -35.25 -12.28
C ASN A 1010 21.60 -34.92 -12.21
N LYS A 1011 20.84 -35.51 -13.12
CA LYS A 1011 19.40 -35.27 -13.19
C LYS A 1011 18.57 -36.53 -13.10
N VAL A 1012 19.01 -37.64 -13.72
CA VAL A 1012 18.23 -38.87 -13.68
C VAL A 1012 18.22 -39.45 -12.27
N LEU A 1013 19.40 -39.55 -11.64
CA LEU A 1013 19.47 -40.10 -10.31
C LEU A 1013 18.73 -39.24 -9.29
N CYS A 1014 18.85 -37.91 -9.42
CA CYS A 1014 18.15 -37.01 -8.52
C CYS A 1014 16.65 -37.16 -8.66
N ILE A 1015 16.15 -37.26 -9.90
CA ILE A 1015 14.72 -37.42 -10.10
C ILE A 1015 14.24 -38.74 -9.53
N SER A 1016 15.01 -39.81 -9.74
CA SER A 1016 14.63 -41.11 -9.19
C SER A 1016 14.58 -41.06 -7.66
N PHE A 1017 15.58 -40.45 -7.03
CA PHE A 1017 15.61 -40.35 -5.57
C PHE A 1017 14.42 -39.54 -5.06
N PHE A 1018 14.13 -38.42 -5.71
CA PHE A 1018 13.00 -37.59 -5.28
C PHE A 1018 11.68 -38.34 -5.42
N GLN A 1019 11.51 -39.08 -6.52
CA GLN A 1019 10.27 -39.80 -6.72
C GLN A 1019 10.14 -40.98 -5.77
N ARG A 1020 11.26 -41.58 -5.37
CA ARG A 1020 11.19 -42.65 -4.37
C ARG A 1020 10.86 -42.11 -3.00
N MET A 1021 11.55 -41.04 -2.58
CA MET A 1021 11.43 -40.57 -1.20
C MET A 1021 10.14 -39.80 -0.97
N PHE A 1022 9.68 -39.03 -1.95
CA PHE A 1022 8.52 -38.18 -1.79
C PHE A 1022 7.42 -38.40 -2.82
N GLY A 1023 7.68 -39.14 -3.89
CA GLY A 1023 6.64 -39.36 -4.89
C GLY A 1023 6.19 -38.11 -5.60
N SER A 1024 7.13 -37.27 -6.03
CA SER A 1024 6.80 -36.07 -6.78
C SER A 1024 8.00 -35.71 -7.66
N ARG A 1025 7.73 -34.87 -8.65
CA ARG A 1025 8.77 -34.45 -9.58
C ARG A 1025 9.46 -33.19 -9.07
N PRO A 1026 10.79 -33.16 -9.02
CA PRO A 1026 11.48 -31.97 -8.54
C PRO A 1026 11.43 -30.84 -9.56
N THR A 1027 11.80 -29.66 -9.10
CA THR A 1027 11.95 -28.49 -9.95
C THR A 1027 13.41 -28.05 -9.92
N PHE A 1028 13.94 -27.72 -11.09
CA PHE A 1028 15.33 -27.32 -11.24
C PHE A 1028 15.39 -25.85 -11.65
N TYR A 1029 16.61 -25.37 -11.88
CA TYR A 1029 16.83 -24.00 -12.29
C TYR A 1029 16.44 -23.80 -13.75
N MET B 1 -35.60 -20.53 23.33
CA MET B 1 -35.21 -19.90 24.58
C MET B 1 -34.59 -20.90 25.54
N ASN B 2 -33.29 -20.74 25.80
CA ASN B 2 -32.57 -21.62 26.69
C ASN B 2 -31.97 -20.81 27.84
N SER B 3 -31.90 -21.42 29.01
CA SER B 3 -31.41 -20.75 30.21
C SER B 3 -30.12 -21.41 30.69
N VAL B 4 -29.16 -20.57 31.07
CA VAL B 4 -27.90 -21.02 31.63
C VAL B 4 -27.67 -20.28 32.94
N THR B 5 -26.89 -20.89 33.83
CA THR B 5 -26.68 -20.39 35.17
C THR B 5 -25.24 -19.93 35.36
N ILE B 6 -25.07 -18.87 36.15
CA ILE B 6 -23.77 -18.30 36.45
C ILE B 6 -23.64 -18.19 37.96
N SER B 7 -22.38 -18.08 38.42
CA SER B 7 -22.11 -18.10 39.85
C SER B 7 -22.70 -16.89 40.56
N HIS B 8 -22.61 -15.71 39.95
CA HIS B 8 -23.01 -14.47 40.58
C HIS B 8 -24.32 -13.96 39.98
N ALA B 9 -24.74 -12.77 40.41
CA ALA B 9 -25.97 -12.17 39.92
C ALA B 9 -25.85 -11.87 38.43
N PRO B 10 -26.95 -11.99 37.66
CA PRO B 10 -28.32 -12.29 38.06
C PRO B 10 -28.65 -13.79 38.14
N TYR B 11 -27.63 -14.64 38.24
CA TYR B 11 -27.80 -16.07 38.46
C TYR B 11 -28.54 -16.78 37.33
N THR B 12 -28.87 -16.06 36.26
CA THR B 12 -29.69 -16.64 35.20
C THR B 12 -29.53 -15.81 33.93
N ILE B 13 -29.25 -16.48 32.81
CA ILE B 13 -29.25 -15.83 31.51
C ILE B 13 -30.12 -16.69 30.58
N THR B 14 -31.20 -16.10 30.08
CA THR B 14 -32.07 -16.76 29.10
C THR B 14 -31.87 -16.11 27.75
N TYR B 15 -31.65 -16.92 26.72
CA TYR B 15 -31.27 -16.42 25.41
C TYR B 15 -32.02 -17.14 24.31
N HIS B 16 -32.07 -16.48 23.15
CA HIS B 16 -32.57 -17.05 21.92
C HIS B 16 -31.55 -18.02 21.34
N ASP B 17 -32.04 -18.95 20.52
CA ASP B 17 -31.17 -19.98 19.96
C ASP B 17 -30.06 -19.39 19.10
N ASP B 18 -30.31 -18.25 18.46
CA ASP B 18 -29.33 -17.65 17.57
C ASP B 18 -28.08 -17.21 18.31
N TRP B 19 -28.14 -17.06 19.63
CA TRP B 19 -27.00 -16.69 20.43
C TRP B 19 -26.29 -17.90 21.03
N GLU B 20 -26.69 -19.11 20.66
CA GLU B 20 -26.14 -20.31 21.28
C GLU B 20 -24.62 -20.43 21.20
N PRO B 21 -23.96 -20.17 20.06
CA PRO B 21 -22.54 -20.54 19.98
C PRO B 21 -21.62 -19.53 20.64
N VAL B 22 -22.16 -18.69 21.52
CA VAL B 22 -21.35 -17.68 22.18
C VAL B 22 -21.48 -17.83 23.70
N MET B 23 -22.63 -18.34 24.15
CA MET B 23 -22.99 -18.24 25.56
C MET B 23 -21.96 -18.88 26.46
N SER B 24 -21.48 -20.07 26.10
CA SER B 24 -20.51 -20.76 26.94
C SER B 24 -19.32 -19.85 27.23
N GLN B 25 -18.73 -19.28 26.19
CA GLN B 25 -17.57 -18.41 26.41
C GLN B 25 -17.97 -17.23 27.27
N LEU B 26 -19.15 -16.64 27.00
CA LEU B 26 -19.64 -15.53 27.79
C LEU B 26 -19.62 -15.87 29.28
N VAL B 27 -20.09 -17.06 29.64
CA VAL B 27 -20.15 -17.43 31.05
C VAL B 27 -18.75 -17.44 31.64
N GLU B 28 -17.80 -18.05 30.93
CA GLU B 28 -16.44 -18.12 31.45
C GLU B 28 -15.82 -16.75 31.58
N PHE B 29 -16.34 -15.76 30.86
CA PHE B 29 -15.81 -14.41 30.94
C PHE B 29 -16.51 -13.58 32.00
N TYR B 30 -17.71 -13.99 32.43
CA TYR B 30 -18.46 -13.21 33.40
C TYR B 30 -18.20 -13.62 34.84
N ASN B 31 -17.66 -14.81 35.06
CA ASN B 31 -17.41 -15.30 36.41
C ASN B 31 -16.15 -14.71 37.04
N GLU B 32 -15.34 -13.99 36.27
CA GLU B 32 -14.12 -13.39 36.80
C GLU B 32 -14.19 -11.89 36.94
N VAL B 33 -15.30 -11.26 36.54
CA VAL B 33 -15.43 -9.81 36.64
C VAL B 33 -16.69 -9.46 37.40
N ALA B 34 -17.51 -10.47 37.71
CA ALA B 34 -18.79 -10.20 38.37
C ALA B 34 -18.59 -9.66 39.77
N SER B 35 -17.68 -10.27 40.54
CA SER B 35 -17.50 -9.86 41.93
C SER B 35 -17.04 -8.40 42.04
N TRP B 36 -16.10 -8.00 41.20
CA TRP B 36 -15.63 -6.62 41.23
C TRP B 36 -16.69 -5.67 40.69
N LEU B 37 -17.38 -6.06 39.62
CA LEU B 37 -18.37 -5.19 39.01
C LEU B 37 -19.52 -4.91 39.95
N LEU B 38 -19.98 -5.90 40.68
CA LEU B 38 -21.17 -5.78 41.51
C LEU B 38 -20.91 -5.16 42.87
N ARG B 39 -19.80 -4.44 43.03
CA ARG B 39 -19.54 -3.68 44.24
C ARG B 39 -20.08 -2.26 44.17
N ASP B 40 -20.67 -1.87 43.04
CA ASP B 40 -21.13 -0.51 42.84
C ASP B 40 -22.55 -0.53 42.27
N GLU B 41 -23.33 0.50 42.62
CA GLU B 41 -24.65 0.66 42.04
C GLU B 41 -24.52 0.99 40.56
N THR B 42 -25.22 0.25 39.72
CA THR B 42 -25.05 0.33 38.28
C THR B 42 -26.38 0.53 37.58
N SER B 43 -26.34 1.29 36.49
CA SER B 43 -27.48 1.47 35.61
C SER B 43 -27.14 0.87 34.26
N PRO B 44 -27.86 -0.14 33.78
CA PRO B 44 -29.05 -0.74 34.38
C PRO B 44 -28.80 -1.67 35.56
N ILE B 45 -29.89 -2.05 36.21
CA ILE B 45 -29.92 -2.98 37.33
C ILE B 45 -29.36 -4.31 36.84
N PRO B 46 -28.69 -5.09 37.70
CA PRO B 46 -28.10 -6.35 37.23
C PRO B 46 -29.07 -7.29 36.52
N ASP B 47 -30.34 -7.30 36.92
CA ASP B 47 -31.28 -8.21 36.31
C ASP B 47 -31.57 -7.89 34.84
N LYS B 48 -31.16 -6.73 34.36
CA LYS B 48 -31.47 -6.30 32.99
C LYS B 48 -30.21 -6.12 32.15
N PHE B 49 -29.11 -6.78 32.49
CA PHE B 49 -27.91 -6.67 31.67
C PHE B 49 -28.12 -7.32 30.31
N PHE B 50 -28.71 -8.50 30.28
CA PHE B 50 -28.72 -9.37 29.10
C PHE B 50 -30.12 -9.53 28.51
N ILE B 51 -30.92 -8.47 28.52
CA ILE B 51 -32.28 -8.61 27.99
C ILE B 51 -32.33 -8.47 26.48
N GLN B 52 -31.25 -8.02 25.85
CA GLN B 52 -31.19 -7.98 24.41
C GLN B 52 -30.78 -9.31 23.79
N LEU B 53 -30.49 -10.32 24.62
CA LEU B 53 -30.09 -11.63 24.12
C LEU B 53 -31.28 -12.49 23.73
N LYS B 54 -32.50 -12.03 23.97
CA LYS B 54 -33.69 -12.77 23.55
C LYS B 54 -34.14 -12.40 22.14
N GLN B 55 -33.55 -11.39 21.53
CA GLN B 55 -33.93 -11.00 20.18
C GLN B 55 -33.26 -11.92 19.18
N PRO B 56 -34.00 -12.46 18.21
CA PRO B 56 -33.36 -13.24 17.15
C PRO B 56 -32.46 -12.38 16.28
N LEU B 57 -31.41 -12.99 15.76
CA LEU B 57 -30.44 -12.30 14.92
C LEU B 57 -30.51 -12.69 13.46
N ARG B 58 -31.27 -13.74 13.11
CA ARG B 58 -31.33 -14.22 11.74
C ARG B 58 -32.33 -13.44 10.89
N ASN B 59 -33.08 -12.51 11.47
CA ASN B 59 -34.01 -11.68 10.71
C ASN B 59 -33.68 -10.19 10.76
N LYS B 60 -32.48 -9.83 11.22
CA LYS B 60 -32.09 -8.44 11.36
C LYS B 60 -31.16 -8.02 10.23
N ARG B 61 -31.13 -6.72 9.94
CA ARG B 61 -30.40 -6.21 8.79
C ARG B 61 -29.49 -5.04 9.14
N VAL B 62 -29.83 -4.30 10.18
CA VAL B 62 -29.07 -3.11 10.58
C VAL B 62 -28.83 -3.17 12.09
N CYS B 63 -27.70 -2.59 12.52
CA CYS B 63 -27.38 -2.45 13.93
C CYS B 63 -27.00 -1.00 14.21
N VAL B 64 -27.66 -0.40 15.19
CA VAL B 64 -27.40 0.98 15.62
C VAL B 64 -26.74 0.89 16.99
N CYS B 65 -25.48 1.33 17.07
CA CYS B 65 -24.62 1.00 18.19
C CYS B 65 -24.25 2.26 18.97
N GLY B 66 -24.48 2.23 20.28
CA GLY B 66 -23.93 3.21 21.19
C GLY B 66 -22.62 2.73 21.79
N ILE B 67 -22.20 3.42 22.84
CA ILE B 67 -20.95 3.05 23.50
C ILE B 67 -21.21 2.69 24.96
N ASP B 68 -22.22 3.30 25.56
CA ASP B 68 -22.51 3.03 26.99
C ASP B 68 -23.93 3.48 27.29
N PRO B 69 -24.63 2.85 28.25
CA PRO B 69 -26.02 3.21 28.55
C PRO B 69 -26.15 4.62 29.09
N TYR B 70 -27.37 5.06 29.34
CA TYR B 70 -27.57 6.34 30.00
C TYR B 70 -26.96 6.29 31.40
N PRO B 71 -26.31 7.37 31.86
CA PRO B 71 -25.78 7.36 33.23
C PRO B 71 -26.83 7.06 34.29
N LYS B 72 -28.04 7.55 34.10
CA LYS B 72 -29.13 7.29 35.04
C LYS B 72 -30.37 6.89 34.27
N ASP B 73 -31.23 6.12 34.93
CA ASP B 73 -32.50 5.66 34.36
C ASP B 73 -32.27 4.87 33.08
N GLY B 74 -31.58 3.74 33.23
CA GLY B 74 -31.35 2.82 32.13
C GLY B 74 -32.34 1.68 32.18
N THR B 75 -32.97 1.41 31.03
CA THR B 75 -34.03 0.43 30.96
C THR B 75 -33.57 -0.94 30.47
N GLY B 76 -32.32 -1.06 30.01
CA GLY B 76 -31.83 -2.34 29.56
C GLY B 76 -31.81 -2.49 28.06
N VAL B 77 -32.87 -2.02 27.40
CA VAL B 77 -32.90 -1.97 25.94
C VAL B 77 -32.31 -0.64 25.50
N PRO B 78 -31.29 -0.65 24.65
CA PRO B 78 -30.54 0.58 24.37
C PRO B 78 -31.41 1.65 23.71
N PHE B 79 -31.05 2.90 23.99
CA PHE B 79 -31.67 4.06 23.36
C PHE B 79 -33.18 4.11 23.60
N GLU B 80 -33.59 3.88 24.84
CA GLU B 80 -35.00 3.89 25.17
C GLU B 80 -35.26 4.80 26.37
N SER B 81 -36.23 5.70 26.22
CA SER B 81 -36.77 6.46 27.33
C SER B 81 -38.26 6.20 27.40
N PRO B 82 -38.76 5.50 28.42
CA PRO B 82 -40.19 5.17 28.44
C PRO B 82 -41.10 6.39 28.51
N ASN B 83 -40.53 7.53 28.93
CA ASN B 83 -41.27 8.82 29.11
C ASN B 83 -40.71 9.92 28.21
N PHE B 84 -39.82 9.60 27.27
CA PHE B 84 -39.32 10.52 26.25
C PHE B 84 -38.75 11.80 26.88
N THR B 85 -37.68 11.62 27.64
CA THR B 85 -36.96 12.73 28.26
C THR B 85 -35.49 12.80 27.89
N LYS B 86 -34.85 11.68 27.55
CA LYS B 86 -33.43 11.71 27.21
C LYS B 86 -33.22 12.47 25.91
N LYS B 87 -32.12 13.22 25.85
CA LYS B 87 -31.88 14.10 24.72
C LYS B 87 -31.64 13.32 23.43
N SER B 88 -30.91 12.21 23.52
CA SER B 88 -30.51 11.49 22.31
C SER B 88 -31.70 10.96 21.55
N ILE B 89 -32.63 10.31 22.24
CA ILE B 89 -33.80 9.76 21.56
C ILE B 89 -34.68 10.88 21.03
N LYS B 90 -34.78 11.99 21.78
CA LYS B 90 -35.57 13.11 21.31
C LYS B 90 -35.04 13.65 20.00
N GLU B 91 -33.72 13.83 19.90
CA GLU B 91 -33.17 14.41 18.70
C GLU B 91 -33.15 13.42 17.54
N ILE B 92 -32.97 12.13 17.82
CA ILE B 92 -33.07 11.15 16.74
C ILE B 92 -34.50 11.10 16.20
N ALA B 93 -35.49 11.25 17.09
CA ALA B 93 -36.88 11.30 16.66
C ALA B 93 -37.14 12.56 15.84
N SER B 94 -36.55 13.69 16.24
CA SER B 94 -36.71 14.91 15.47
C SER B 94 -36.15 14.74 14.05
N SER B 95 -34.96 14.15 13.94
CA SER B 95 -34.35 13.96 12.63
C SER B 95 -35.18 13.01 11.77
N ILE B 96 -35.67 11.92 12.36
CA ILE B 96 -36.41 10.96 11.56
C ILE B 96 -37.76 11.53 11.15
N SER B 97 -38.37 12.36 12.00
CA SER B 97 -39.59 13.05 11.61
C SER B 97 -39.34 14.02 10.48
N ARG B 98 -38.24 14.76 10.54
CA ARG B 98 -37.88 15.65 9.45
C ARG B 98 -37.69 14.86 8.15
N LEU B 99 -37.13 13.65 8.26
CA LEU B 99 -36.94 12.83 7.06
C LEU B 99 -38.26 12.35 6.50
N THR B 100 -39.14 11.83 7.35
CA THR B 100 -40.34 11.16 6.86
C THR B 100 -41.57 12.04 6.77
N GLY B 101 -41.58 13.18 7.47
CA GLY B 101 -42.68 14.12 7.38
C GLY B 101 -43.66 14.11 8.53
N VAL B 102 -43.62 13.09 9.40
CA VAL B 102 -44.52 13.07 10.55
C VAL B 102 -44.17 14.22 11.48
N ILE B 103 -45.20 14.90 11.99
CA ILE B 103 -45.03 16.07 12.83
C ILE B 103 -45.56 15.83 14.24
N ASP B 104 -46.69 15.14 14.38
CA ASP B 104 -47.31 14.90 15.67
C ASP B 104 -46.99 13.50 16.16
N TYR B 105 -46.32 13.41 17.30
CA TYR B 105 -46.00 12.13 17.92
C TYR B 105 -45.79 12.36 19.40
N LYS B 106 -45.59 11.26 20.13
CA LYS B 106 -45.32 11.33 21.56
C LYS B 106 -44.18 10.43 22.01
N GLY B 107 -43.66 9.55 21.16
CA GLY B 107 -42.56 8.69 21.56
C GLY B 107 -41.92 7.95 20.40
N TYR B 108 -40.63 7.63 20.54
CA TYR B 108 -39.91 6.86 19.54
C TYR B 108 -39.11 5.76 20.21
N ASN B 109 -39.17 4.56 19.63
CA ASN B 109 -38.48 3.39 20.16
C ASN B 109 -37.83 2.66 18.99
N LEU B 110 -36.50 2.57 19.01
CA LEU B 110 -35.79 1.88 17.95
C LEU B 110 -35.94 0.37 18.01
N ASN B 111 -36.53 -0.16 19.07
CA ASN B 111 -36.66 -1.60 19.28
C ASN B 111 -37.84 -2.21 18.56
N ILE B 112 -38.67 -1.42 17.89
CA ILE B 112 -39.90 -1.91 17.29
C ILE B 112 -39.69 -2.12 15.78
N ILE B 113 -38.82 -1.32 15.18
CA ILE B 113 -38.58 -1.41 13.74
C ILE B 113 -38.10 -2.81 13.38
N ASP B 114 -38.66 -3.35 12.31
CA ASP B 114 -38.28 -4.67 11.84
C ASP B 114 -36.94 -4.59 11.11
N GLY B 115 -36.04 -5.51 11.45
CA GLY B 115 -34.74 -5.58 10.82
C GLY B 115 -33.66 -4.76 11.47
N VAL B 116 -33.94 -4.09 12.58
CA VAL B 116 -32.99 -3.23 13.26
C VAL B 116 -32.83 -3.71 14.69
N ILE B 117 -31.58 -3.87 15.13
CA ILE B 117 -31.25 -4.21 16.50
C ILE B 117 -30.43 -3.09 17.10
N PRO B 118 -30.87 -2.45 18.17
CA PRO B 118 -30.04 -1.48 18.88
C PRO B 118 -29.16 -2.15 19.93
N TRP B 119 -27.97 -1.59 20.11
CA TRP B 119 -26.96 -2.25 20.91
C TRP B 119 -26.13 -1.22 21.68
N ASN B 120 -25.53 -1.69 22.77
CA ASN B 120 -24.59 -0.93 23.58
C ASN B 120 -23.29 -1.73 23.68
N TYR B 121 -22.16 -1.07 23.44
CA TYR B 121 -20.88 -1.77 23.54
C TYR B 121 -20.60 -2.19 24.98
N TYR B 122 -20.78 -1.27 25.93
CA TYR B 122 -20.63 -1.59 27.34
C TYR B 122 -22.00 -1.74 27.95
N LEU B 123 -22.22 -2.87 28.61
CA LEU B 123 -23.55 -3.23 29.10
C LEU B 123 -23.86 -2.62 30.45
N SER B 124 -22.94 -1.86 31.05
CA SER B 124 -23.19 -1.27 32.35
C SER B 124 -22.34 -0.03 32.52
N CYS B 125 -22.73 0.79 33.49
CA CYS B 125 -22.09 2.08 33.74
C CYS B 125 -22.50 2.54 35.12
N LYS B 126 -21.54 3.06 35.88
CA LYS B 126 -21.83 3.52 37.23
C LYS B 126 -22.74 4.74 37.20
N LEU B 127 -23.50 4.92 38.28
CA LEU B 127 -24.46 6.02 38.36
C LEU B 127 -23.71 7.34 38.34
N GLY B 128 -23.78 8.05 37.22
CA GLY B 128 -23.15 9.35 37.10
C GLY B 128 -21.77 9.34 36.52
N GLU B 129 -21.19 8.17 36.23
CA GLU B 129 -19.85 8.06 35.67
C GLU B 129 -19.94 7.19 34.41
N THR B 130 -19.98 7.84 33.26
CA THR B 130 -20.06 7.11 32.00
C THR B 130 -18.69 6.52 31.65
N LYS B 131 -18.71 5.44 30.88
CA LYS B 131 -17.51 4.76 30.41
C LYS B 131 -16.63 4.30 31.57
N SER B 132 -17.23 4.02 32.71
CA SER B 132 -16.49 3.66 33.91
C SER B 132 -16.30 2.16 34.08
N HIS B 133 -16.81 1.35 33.17
CA HIS B 133 -16.75 -0.11 33.28
C HIS B 133 -16.20 -0.72 32.01
N ALA B 134 -15.22 -0.07 31.38
CA ALA B 134 -14.67 -0.61 30.14
C ALA B 134 -13.88 -1.88 30.39
N ILE B 135 -13.10 -1.91 31.47
CA ILE B 135 -12.20 -3.04 31.71
C ILE B 135 -12.99 -4.30 32.02
N TYR B 136 -14.10 -4.16 32.75
CA TYR B 136 -14.91 -5.34 33.06
C TYR B 136 -15.53 -5.94 31.82
N TRP B 137 -15.99 -5.11 30.89
CA TRP B 137 -16.83 -5.56 29.79
C TRP B 137 -16.06 -5.88 28.51
N ASP B 138 -14.80 -5.44 28.39
CA ASP B 138 -14.08 -5.46 27.12
C ASP B 138 -14.26 -6.74 26.30
N LYS B 139 -13.88 -7.88 26.87
CA LYS B 139 -13.90 -9.13 26.12
C LYS B 139 -15.32 -9.51 25.70
N ILE B 140 -16.28 -9.39 26.63
CA ILE B 140 -17.67 -9.68 26.34
C ILE B 140 -18.17 -8.80 25.21
N SER B 141 -17.77 -7.53 25.23
CA SER B 141 -18.20 -6.58 24.21
C SER B 141 -17.70 -7.00 22.84
N LYS B 142 -16.41 -7.31 22.74
CA LYS B 142 -15.86 -7.74 21.45
C LYS B 142 -16.58 -8.99 20.96
N LEU B 143 -16.78 -9.96 21.85
CA LEU B 143 -17.38 -11.23 21.47
C LEU B 143 -18.81 -11.04 20.95
N LEU B 144 -19.62 -10.28 21.69
CA LEU B 144 -21.02 -10.11 21.31
C LEU B 144 -21.16 -9.26 20.05
N LEU B 145 -20.36 -8.20 19.91
CA LEU B 145 -20.45 -7.40 18.70
C LEU B 145 -19.99 -8.18 17.48
N GLN B 146 -18.96 -9.02 17.63
CA GLN B 146 -18.53 -9.85 16.51
C GLN B 146 -19.61 -10.85 16.13
N HIS B 147 -20.34 -11.38 17.11
CA HIS B 147 -21.46 -12.25 16.76
C HIS B 147 -22.55 -11.50 16.00
N ILE B 148 -22.88 -10.28 16.44
CA ILE B 148 -23.93 -9.52 15.78
C ILE B 148 -23.54 -9.20 14.34
N THR B 149 -22.29 -8.78 14.13
CA THR B 149 -21.84 -8.37 12.80
C THR B 149 -21.93 -9.51 11.80
N LYS B 150 -21.82 -10.76 12.26
CA LYS B 150 -21.88 -11.91 11.38
C LYS B 150 -23.26 -12.12 10.76
N HIS B 151 -24.28 -11.40 11.23
CA HIS B 151 -25.65 -11.57 10.75
C HIS B 151 -26.20 -10.34 10.03
N VAL B 152 -25.89 -9.14 10.50
CA VAL B 152 -26.43 -7.92 9.91
C VAL B 152 -25.64 -7.54 8.68
N SER B 153 -26.17 -6.63 7.87
CA SER B 153 -25.51 -6.18 6.65
C SER B 153 -24.89 -4.80 6.77
N VAL B 154 -25.45 -3.91 7.57
CA VAL B 154 -24.92 -2.57 7.78
C VAL B 154 -24.76 -2.36 9.28
N LEU B 155 -23.59 -1.89 9.67
CA LEU B 155 -23.31 -1.52 11.05
C LEU B 155 -23.15 0.00 11.13
N TYR B 156 -24.03 0.64 11.87
CA TYR B 156 -24.03 2.09 12.02
C TYR B 156 -23.53 2.40 13.42
N CYS B 157 -22.37 3.04 13.52
CA CYS B 157 -21.77 3.38 14.79
C CYS B 157 -21.96 4.86 15.07
N LEU B 158 -22.50 5.18 16.24
CA LEU B 158 -22.72 6.56 16.65
C LEU B 158 -21.61 6.95 17.61
N GLY B 159 -20.87 8.01 17.26
CA GLY B 159 -19.74 8.43 18.06
C GLY B 159 -18.44 8.37 17.29
N LYS B 160 -17.89 9.53 16.96
CA LYS B 160 -16.72 9.59 16.08
C LYS B 160 -15.47 9.09 16.79
N THR B 161 -15.18 9.63 17.97
CA THR B 161 -13.94 9.28 18.65
C THR B 161 -13.99 7.92 19.30
N ASP B 162 -15.17 7.48 19.74
CA ASP B 162 -15.28 6.22 20.47
C ASP B 162 -15.01 5.02 19.56
N PHE B 163 -15.50 5.07 18.33
CA PHE B 163 -15.34 3.98 17.38
C PHE B 163 -14.30 4.30 16.31
N SER B 164 -13.24 5.01 16.70
CA SER B 164 -12.21 5.37 15.75
C SER B 164 -11.43 4.16 15.24
N ASN B 165 -11.41 3.07 15.99
CA ASN B 165 -10.68 1.86 15.63
C ASN B 165 -11.59 0.65 15.61
N ILE B 166 -12.79 0.81 15.06
CA ILE B 166 -13.75 -0.29 15.03
C ILE B 166 -13.28 -1.40 14.10
N ARG B 167 -12.52 -1.05 13.06
CA ARG B 167 -12.05 -2.06 12.12
C ARG B 167 -11.00 -2.96 12.75
N ALA B 168 -10.22 -2.45 13.71
CA ALA B 168 -9.28 -3.28 14.42
C ALA B 168 -9.95 -4.21 15.41
N LYS B 169 -11.13 -3.84 15.91
CA LYS B 169 -11.85 -4.65 16.87
C LYS B 169 -12.66 -5.76 16.23
N LEU B 170 -12.84 -5.71 14.90
CA LEU B 170 -13.60 -6.71 14.17
C LEU B 170 -12.69 -7.40 13.17
N GLU B 171 -12.78 -8.72 13.10
CA GLU B 171 -11.93 -9.47 12.19
C GLU B 171 -12.50 -9.46 10.77
N SER B 172 -13.70 -9.96 10.61
CA SER B 172 -14.33 -10.01 9.28
C SER B 172 -14.83 -8.64 8.90
N PRO B 173 -14.58 -8.19 7.67
CA PRO B 173 -15.11 -6.90 7.23
C PRO B 173 -16.63 -6.90 7.12
N VAL B 174 -17.21 -5.72 7.33
CA VAL B 174 -18.65 -5.50 7.22
C VAL B 174 -18.88 -4.04 6.85
N THR B 175 -20.06 -3.75 6.32
CA THR B 175 -20.38 -2.38 5.93
C THR B 175 -20.49 -1.51 7.18
N THR B 176 -19.67 -0.47 7.25
CA THR B 176 -19.52 0.32 8.46
C THR B 176 -19.73 1.80 8.17
N ILE B 177 -20.47 2.46 9.05
CA ILE B 177 -20.71 3.89 9.00
C ILE B 177 -20.43 4.45 10.39
N VAL B 178 -19.59 5.48 10.46
CA VAL B 178 -19.29 6.16 11.71
C VAL B 178 -19.78 7.59 11.60
N GLY B 179 -20.58 8.02 12.57
CA GLY B 179 -21.17 9.34 12.55
C GLY B 179 -21.10 10.00 13.91
N TYR B 180 -21.55 11.25 13.95
CA TYR B 180 -21.52 12.00 15.19
C TYR B 180 -22.62 11.52 16.13
N HIS B 181 -22.35 11.61 17.42
CA HIS B 181 -23.35 11.27 18.42
C HIS B 181 -24.46 12.31 18.40
N PRO B 182 -25.70 11.90 18.71
CA PRO B 182 -26.78 12.90 18.75
C PRO B 182 -26.51 14.02 19.74
N ALA B 183 -26.28 13.69 21.00
CA ALA B 183 -26.08 14.70 22.04
C ALA B 183 -24.80 15.50 21.85
N ALA B 184 -24.05 15.27 20.76
CA ALA B 184 -22.87 16.06 20.50
C ALA B 184 -23.24 17.53 20.33
N ARG B 185 -22.47 18.40 21.00
CA ARG B 185 -22.71 19.83 20.90
C ARG B 185 -22.14 20.38 19.59
N ASP B 186 -22.51 21.61 19.23
CA ASP B 186 -22.04 22.25 17.97
C ASP B 186 -22.97 21.86 16.81
N HIS B 187 -24.10 21.21 17.11
CA HIS B 187 -25.10 20.93 16.08
C HIS B 187 -24.48 20.28 14.85
N GLN B 188 -23.91 19.09 15.06
CA GLN B 188 -23.33 18.32 13.97
C GLN B 188 -24.21 17.17 13.52
N PHE B 189 -25.07 16.65 14.39
CA PHE B 189 -25.95 15.56 14.00
C PHE B 189 -27.12 16.02 13.13
N GLU B 190 -27.46 17.31 13.18
CA GLU B 190 -28.59 17.80 12.40
C GLU B 190 -28.33 17.66 10.91
N LYS B 191 -27.10 17.91 10.48
CA LYS B 191 -26.76 17.87 9.06
C LYS B 191 -26.42 16.46 8.58
N ASP B 192 -26.48 15.45 9.45
CA ASP B 192 -26.15 14.09 9.06
C ASP B 192 -27.33 13.44 8.36
N ARG B 193 -27.04 12.72 7.29
CA ARG B 193 -28.06 12.03 6.50
C ARG B 193 -27.80 10.54 6.48
N SER B 194 -27.51 9.96 7.64
CA SER B 194 -27.07 8.58 7.70
C SER B 194 -28.17 7.59 7.33
N PHE B 195 -29.42 7.91 7.63
CA PHE B 195 -30.50 6.95 7.42
C PHE B 195 -30.76 6.71 5.93
N GLU B 196 -30.73 7.77 5.13
CA GLU B 196 -30.87 7.60 3.69
C GLU B 196 -29.71 6.81 3.11
N ILE B 197 -28.49 7.05 3.61
CA ILE B 197 -27.34 6.29 3.17
C ILE B 197 -27.51 4.82 3.52
N ILE B 198 -28.05 4.54 4.70
CA ILE B 198 -28.30 3.16 5.10
C ILE B 198 -29.26 2.50 4.12
N ASN B 199 -30.35 3.20 3.77
CA ASN B 199 -31.31 2.62 2.84
C ASN B 199 -30.71 2.39 1.47
N VAL B 200 -29.89 3.34 1.00
CA VAL B 200 -29.25 3.19 -0.30
C VAL B 200 -28.32 1.99 -0.30
N LEU B 201 -27.50 1.84 0.75
CA LEU B 201 -26.60 0.70 0.83
C LEU B 201 -27.36 -0.62 0.89
N LEU B 202 -28.43 -0.66 1.69
CA LEU B 202 -29.20 -1.89 1.82
C LEU B 202 -29.81 -2.29 0.48
N GLU B 203 -30.41 -1.33 -0.22
CA GLU B 203 -31.00 -1.66 -1.52
C GLU B 203 -29.93 -1.92 -2.57
N LEU B 204 -28.70 -1.47 -2.32
CA LEU B 204 -27.59 -1.82 -3.19
C LEU B 204 -27.06 -3.22 -2.92
N ASP B 205 -27.38 -3.78 -1.75
CA ASP B 205 -27.01 -5.16 -1.42
C ASP B 205 -28.17 -6.13 -1.57
N ASN B 206 -29.15 -5.82 -2.44
CA ASN B 206 -30.31 -6.67 -2.67
C ASN B 206 -31.06 -6.97 -1.38
N LYS B 207 -31.34 -5.93 -0.61
CA LYS B 207 -32.01 -6.05 0.67
C LYS B 207 -33.11 -5.01 0.77
N THR B 208 -34.13 -5.32 1.55
CA THR B 208 -35.26 -4.42 1.69
C THR B 208 -34.87 -3.19 2.51
N PRO B 209 -35.28 -2.00 2.09
CA PRO B 209 -35.05 -0.81 2.92
C PRO B 209 -35.85 -0.86 4.21
N ILE B 210 -35.40 -0.05 5.17
CA ILE B 210 -35.97 -0.05 6.51
C ILE B 210 -37.10 0.96 6.58
N ASN B 211 -38.27 0.51 7.06
CA ASN B 211 -39.41 1.40 7.26
C ASN B 211 -39.14 2.22 8.52
N TRP B 212 -38.46 3.35 8.33
CA TRP B 212 -37.95 4.12 9.45
C TRP B 212 -39.04 4.81 10.25
N ALA B 213 -40.24 4.96 9.71
CA ALA B 213 -41.34 5.57 10.43
C ALA B 213 -42.11 4.58 11.28
N GLN B 214 -41.71 3.30 11.25
CA GLN B 214 -42.42 2.27 11.99
C GLN B 214 -42.28 2.40 13.50
N GLY B 215 -41.23 3.07 13.95
CA GLY B 215 -40.94 3.12 15.36
C GLY B 215 -41.66 4.18 16.16
N PHE B 216 -42.43 5.05 15.52
CA PHE B 216 -43.13 6.08 16.25
C PHE B 216 -44.19 5.47 17.16
N ILE B 217 -44.36 6.05 18.34
CA ILE B 217 -45.32 5.59 19.32
C ILE B 217 -46.43 6.62 19.43
N TYR B 218 -47.68 6.18 19.26
CA TYR B 218 -48.82 7.08 19.33
C TYR B 218 -49.69 6.76 20.55
N THR C 2 -21.65 10.11 4.47
CA THR C 2 -22.26 10.76 5.62
C THR C 2 -22.86 12.11 5.23
N SER C 3 -22.13 12.87 4.42
CA SER C 3 -22.62 14.16 3.95
C SER C 3 -23.52 13.96 2.73
N SER C 4 -23.98 15.07 2.16
CA SER C 4 -24.87 15.00 1.01
C SER C 4 -24.17 14.42 -0.21
N ALA C 5 -22.90 14.80 -0.40
CA ALA C 5 -22.15 14.33 -1.56
C ALA C 5 -22.06 12.81 -1.58
N ASP C 6 -21.90 12.20 -0.41
CA ASP C 6 -21.86 10.75 -0.34
C ASP C 6 -23.19 10.14 -0.78
N LEU C 7 -24.30 10.76 -0.38
CA LEU C 7 -25.60 10.27 -0.81
C LEU C 7 -25.74 10.36 -2.32
N THR C 8 -25.32 11.48 -2.91
CA THR C 8 -25.40 11.61 -4.37
C THR C 8 -24.51 10.59 -5.07
N ASN C 9 -23.31 10.37 -4.56
CA ASN C 9 -22.41 9.40 -5.16
C ASN C 9 -23.00 8.00 -5.12
N LEU C 10 -23.55 7.60 -3.97
CA LEU C 10 -24.14 6.28 -3.86
C LEU C 10 -25.38 6.15 -4.75
N LYS C 11 -26.18 7.21 -4.85
CA LYS C 11 -27.35 7.18 -5.70
C LYS C 11 -26.95 6.97 -7.15
N GLU C 12 -25.93 7.69 -7.61
CA GLU C 12 -25.52 7.54 -9.00
C GLU C 12 -24.89 6.18 -9.23
N LEU C 13 -24.18 5.65 -8.22
CA LEU C 13 -23.61 4.31 -8.34
C LEU C 13 -24.71 3.28 -8.50
N LEU C 14 -25.78 3.40 -7.71
CA LEU C 14 -26.91 2.49 -7.86
C LEU C 14 -27.55 2.61 -9.23
N SER C 15 -27.75 3.85 -9.70
CA SER C 15 -28.36 4.06 -11.00
C SER C 15 -27.52 3.45 -12.11
N LEU C 16 -26.20 3.60 -12.02
CA LEU C 16 -25.31 2.99 -13.01
C LEU C 16 -25.33 1.47 -12.90
N TYR C 17 -25.47 0.93 -11.70
CA TYR C 17 -25.54 -0.52 -11.56
C TYR C 17 -26.79 -1.08 -12.22
N LYS C 18 -27.90 -0.34 -12.16
CA LYS C 18 -29.12 -0.79 -12.82
C LYS C 18 -28.90 -0.98 -14.31
N SER C 19 -28.32 0.01 -14.98
CA SER C 19 -28.11 -0.01 -16.43
C SER C 19 -26.63 -0.29 -16.68
N LEU C 20 -26.27 -1.57 -16.69
CA LEU C 20 -24.90 -2.01 -16.89
C LEU C 20 -24.66 -2.68 -18.22
N ARG C 21 -25.58 -3.55 -18.65
CA ARG C 21 -25.47 -4.16 -19.97
C ARG C 21 -25.57 -3.11 -21.07
N PHE C 22 -26.39 -2.08 -20.87
CA PHE C 22 -26.56 -1.02 -21.85
C PHE C 22 -25.61 0.15 -21.58
N SER C 23 -24.31 -0.15 -21.46
CA SER C 23 -23.34 0.86 -21.08
C SER C 23 -22.08 0.70 -21.91
N ASP C 24 -21.35 1.81 -22.04
CA ASP C 24 -20.12 1.88 -22.81
C ASP C 24 -18.92 1.83 -21.88
N SER C 25 -17.74 2.07 -22.46
CA SER C 25 -16.50 2.00 -21.69
C SER C 25 -16.42 3.09 -20.64
N VAL C 26 -16.84 4.31 -20.98
CA VAL C 26 -16.73 5.43 -20.05
C VAL C 26 -17.60 5.21 -18.82
N ALA C 27 -18.84 4.78 -19.04
CA ALA C 27 -19.73 4.50 -17.92
C ALA C 27 -19.19 3.37 -17.05
N ILE C 28 -18.64 2.33 -17.68
CA ILE C 28 -18.07 1.23 -16.92
C ILE C 28 -16.91 1.71 -16.07
N GLU C 29 -16.04 2.55 -16.64
CA GLU C 29 -14.90 3.06 -15.89
C GLU C 29 -15.36 3.90 -14.71
N LYS C 30 -16.35 4.77 -14.92
CA LYS C 30 -16.86 5.59 -13.82
C LYS C 30 -17.47 4.72 -12.71
N TYR C 31 -18.24 3.71 -13.10
CA TYR C 31 -18.85 2.82 -12.13
C TYR C 31 -17.78 2.07 -11.34
N ASN C 32 -16.73 1.61 -12.01
CA ASN C 32 -15.64 0.93 -11.30
C ASN C 32 -14.94 1.87 -10.34
N SER C 33 -14.71 3.12 -10.75
CA SER C 33 -14.05 4.08 -9.87
C SER C 33 -14.89 4.34 -8.63
N LEU C 34 -16.20 4.52 -8.79
CA LEU C 34 -17.03 4.78 -7.63
C LEU C 34 -17.18 3.53 -6.76
N VAL C 35 -17.12 2.33 -7.36
CA VAL C 35 -17.12 1.11 -6.57
C VAL C 35 -15.88 1.06 -5.70
N GLU C 36 -14.72 1.40 -6.27
CA GLU C 36 -13.49 1.45 -5.48
C GLU C 36 -13.61 2.47 -4.35
N TRP C 37 -14.13 3.65 -4.65
CA TRP C 37 -14.28 4.68 -3.62
C TRP C 37 -15.19 4.21 -2.49
N GLY C 38 -16.32 3.60 -2.84
CA GLY C 38 -17.26 3.15 -1.81
C GLY C 38 -16.68 2.04 -0.96
N THR C 39 -15.99 1.09 -1.59
CA THR C 39 -15.32 0.04 -0.81
C THR C 39 -14.29 0.64 0.13
N SER C 40 -13.57 1.66 -0.33
CA SER C 40 -12.58 2.29 0.53
C SER C 40 -13.21 2.98 1.73
N THR C 41 -14.32 3.70 1.52
CA THR C 41 -14.83 4.52 2.61
C THR C 41 -15.72 3.75 3.56
N TYR C 42 -16.43 2.72 3.10
CA TYR C 42 -17.33 1.96 3.96
C TYR C 42 -16.84 0.55 4.28
N TRP C 43 -15.63 0.19 3.84
CA TRP C 43 -14.96 -1.06 4.21
C TRP C 43 -15.61 -2.29 3.59
N LYS C 44 -16.77 -2.11 2.97
CA LYS C 44 -17.49 -3.20 2.35
C LYS C 44 -18.66 -2.63 1.58
N ILE C 45 -19.02 -3.29 0.48
CA ILE C 45 -20.09 -2.83 -0.38
C ILE C 45 -20.67 -4.03 -1.10
N GLY C 46 -21.95 -3.94 -1.46
CA GLY C 46 -22.64 -5.08 -2.00
C GLY C 46 -22.39 -5.38 -3.46
N VAL C 47 -21.62 -4.53 -4.14
CA VAL C 47 -21.35 -4.69 -5.56
C VAL C 47 -19.85 -4.79 -5.77
N GLN C 48 -19.45 -5.47 -6.83
CA GLN C 48 -18.04 -5.69 -7.15
C GLN C 48 -17.71 -4.97 -8.45
N LYS C 49 -16.45 -5.09 -8.86
CA LYS C 49 -15.97 -4.50 -10.11
C LYS C 49 -16.17 -5.50 -11.24
N VAL C 50 -17.01 -5.07 -12.19
CA VAL C 50 -17.30 -5.90 -13.39
C VAL C 50 -16.54 -5.28 -14.56
N THR C 51 -15.81 -6.10 -15.32
CA THR C 51 -14.97 -5.56 -16.43
C THR C 51 -15.49 -5.96 -17.81
N ASN C 52 -15.67 -7.26 -18.07
CA ASN C 52 -16.08 -7.75 -19.42
C ASN C 52 -17.39 -7.08 -19.87
N VAL C 53 -18.51 -7.37 -19.19
CA VAL C 53 -19.82 -6.79 -19.49
C VAL C 53 -20.21 -7.08 -20.94
N GLU C 54 -20.74 -8.28 -21.19
CA GLU C 54 -21.20 -8.66 -22.52
C GLU C 54 -22.56 -8.01 -22.76
N THR C 55 -22.62 -7.10 -23.73
CA THR C 55 -23.85 -6.38 -24.00
C THR C 55 -24.92 -7.32 -24.54
N SER C 56 -26.13 -7.17 -24.02
CA SER C 56 -27.26 -7.99 -24.45
C SER C 56 -28.55 -7.22 -24.20
N ILE C 57 -29.56 -7.50 -25.01
CA ILE C 57 -30.85 -6.83 -24.92
C ILE C 57 -31.99 -7.83 -24.87
N SER C 58 -31.69 -9.08 -24.52
CA SER C 58 -32.71 -10.12 -24.46
C SER C 58 -33.68 -9.93 -23.30
N ASP C 59 -33.41 -9.00 -22.39
CA ASP C 59 -34.31 -8.78 -21.26
C ASP C 59 -35.66 -8.26 -21.71
N TYR C 60 -35.67 -7.37 -22.70
CA TYR C 60 -36.90 -6.77 -23.20
C TYR C 60 -37.52 -7.51 -24.37
N TYR C 61 -36.96 -8.66 -24.75
CA TYR C 61 -37.47 -9.43 -25.89
C TYR C 61 -37.55 -10.90 -25.51
N ASP C 62 -38.37 -11.63 -26.26
CA ASP C 62 -38.57 -13.06 -26.03
C ASP C 62 -38.26 -13.81 -27.33
N GLU C 63 -38.55 -15.12 -27.32
CA GLU C 63 -38.32 -15.94 -28.49
C GLU C 63 -39.22 -15.50 -29.64
N VAL C 64 -38.68 -15.61 -30.85
CA VAL C 64 -39.41 -15.18 -32.05
C VAL C 64 -40.41 -16.25 -32.43
N LYS C 65 -41.67 -15.86 -32.58
CA LYS C 65 -42.70 -16.79 -33.01
C LYS C 65 -42.53 -17.13 -34.48
N ASN C 66 -42.76 -18.39 -34.83
CA ASN C 66 -42.63 -18.86 -36.21
C ASN C 66 -43.90 -19.51 -36.75
N LYS C 67 -44.99 -19.53 -35.98
CA LYS C 67 -46.23 -20.15 -36.39
C LYS C 67 -47.39 -19.21 -36.12
N PRO C 68 -48.50 -19.35 -36.86
CA PRO C 68 -49.67 -18.52 -36.60
C PRO C 68 -50.18 -18.71 -35.18
N PHE C 69 -50.64 -17.62 -34.57
CA PHE C 69 -51.10 -17.65 -33.18
C PHE C 69 -52.38 -16.83 -33.10
N ASN C 70 -52.84 -16.55 -31.87
CA ASN C 70 -54.12 -15.91 -31.64
C ASN C 70 -53.93 -14.60 -30.90
N ILE C 71 -54.59 -13.54 -31.37
CA ILE C 71 -54.59 -12.24 -30.72
C ILE C 71 -56.03 -11.76 -30.59
N ASP C 72 -56.24 -10.82 -29.66
CA ASP C 72 -57.58 -10.32 -29.35
C ASP C 72 -57.54 -9.03 -28.53
N PRO C 73 -57.04 -9.05 -27.28
CA PRO C 73 -57.35 -7.95 -26.36
C PRO C 73 -56.44 -6.75 -26.52
N GLY C 74 -57.03 -5.57 -26.36
CA GLY C 74 -56.28 -4.34 -26.26
C GLY C 74 -55.85 -3.79 -27.60
N TYR C 75 -55.53 -2.50 -27.59
CA TYR C 75 -54.97 -1.86 -28.77
C TYR C 75 -53.51 -2.27 -28.95
N TYR C 76 -53.11 -2.42 -30.21
CA TYR C 76 -51.77 -2.91 -30.54
C TYR C 76 -51.00 -1.85 -31.30
N ILE C 77 -49.74 -1.66 -30.91
CA ILE C 77 -48.81 -0.77 -31.61
C ILE C 77 -47.77 -1.61 -32.32
N PHE C 78 -47.62 -1.37 -33.62
CA PHE C 78 -46.75 -2.14 -34.49
C PHE C 78 -45.56 -1.30 -34.91
N LEU C 79 -44.37 -1.87 -34.78
CA LEU C 79 -43.12 -1.22 -35.20
C LEU C 79 -42.33 -2.23 -36.04
N PRO C 80 -41.93 -1.89 -37.25
CA PRO C 80 -41.24 -2.85 -38.11
C PRO C 80 -39.73 -2.85 -37.86
N VAL C 81 -39.09 -3.92 -38.33
CA VAL C 81 -37.66 -4.11 -38.17
C VAL C 81 -37.06 -4.44 -39.54
N TYR C 82 -36.02 -3.70 -39.92
CA TYR C 82 -35.35 -3.91 -41.20
C TYR C 82 -34.15 -4.83 -41.03
N PHE C 83 -33.33 -4.91 -42.07
CA PHE C 83 -32.06 -5.62 -42.05
C PHE C 83 -30.94 -4.60 -41.92
N GLY C 84 -30.04 -4.85 -40.98
CA GLY C 84 -28.93 -3.94 -40.78
C GLY C 84 -28.31 -4.14 -39.41
N SER C 85 -27.35 -3.28 -39.10
CA SER C 85 -26.64 -3.37 -37.84
C SER C 85 -27.49 -2.79 -36.72
N VAL C 86 -27.48 -3.47 -35.58
CA VAL C 86 -28.27 -3.07 -34.42
C VAL C 86 -27.35 -2.37 -33.44
N PHE C 87 -27.75 -1.18 -33.00
CA PHE C 87 -26.96 -0.35 -32.12
C PHE C 87 -27.77 0.03 -30.88
N ILE C 88 -27.06 0.39 -29.82
CA ILE C 88 -27.67 0.83 -28.57
C ILE C 88 -27.16 2.22 -28.24
N TYR C 89 -28.06 3.13 -27.89
CA TYR C 89 -27.71 4.44 -27.38
C TYR C 89 -28.40 4.64 -26.04
N SER C 90 -27.62 5.04 -25.03
CA SER C 90 -28.11 5.20 -23.68
C SER C 90 -28.27 6.68 -23.33
N LYS C 91 -28.65 6.95 -22.09
CA LYS C 91 -28.87 8.32 -21.63
C LYS C 91 -27.52 8.99 -21.38
N GLY C 92 -27.15 9.92 -22.27
CA GLY C 92 -25.88 10.62 -22.13
C GLY C 92 -24.67 9.71 -22.22
N LYS C 93 -24.73 8.70 -23.08
CA LYS C 93 -23.64 7.74 -23.20
C LYS C 93 -23.18 7.61 -24.65
N ASN C 94 -22.36 6.61 -24.93
CA ASN C 94 -21.80 6.43 -26.26
C ASN C 94 -22.84 5.78 -27.18
N MET C 95 -22.38 5.32 -28.35
CA MET C 95 -23.25 4.89 -29.45
C MET C 95 -22.71 3.54 -29.90
N VAL C 96 -23.16 2.46 -29.25
CA VAL C 96 -22.40 1.23 -29.20
C VAL C 96 -23.01 0.15 -30.09
N GLU C 97 -22.15 -0.78 -30.50
CA GLU C 97 -22.52 -1.99 -31.23
C GLU C 97 -23.20 -2.97 -30.30
N LEU C 98 -24.01 -3.87 -30.86
CA LEU C 98 -24.54 -4.96 -30.06
C LEU C 98 -23.58 -6.15 -30.09
N GLY C 99 -23.26 -6.68 -28.90
CA GLY C 99 -22.38 -7.82 -28.80
C GLY C 99 -20.92 -7.46 -28.84
N SER C 100 -20.56 -6.50 -29.70
CA SER C 100 -19.19 -6.03 -29.87
C SER C 100 -19.12 -4.51 -29.70
N GLY C 101 -19.75 -4.03 -28.63
CA GLY C 101 -19.86 -2.60 -28.35
C GLY C 101 -18.57 -1.82 -28.48
N ASN C 102 -18.54 -0.90 -29.44
CA ASN C 102 -17.37 -0.09 -29.71
C ASN C 102 -17.80 1.34 -30.02
N SER C 103 -16.86 2.27 -29.87
CA SER C 103 -17.13 3.68 -30.13
C SER C 103 -17.19 3.87 -31.64
N PHE C 104 -18.30 3.45 -32.24
CA PHE C 104 -18.49 3.58 -33.67
C PHE C 104 -18.67 5.04 -34.05
N GLN C 105 -17.93 5.48 -35.07
CA GLN C 105 -18.00 6.87 -35.50
C GLN C 105 -19.35 7.17 -36.13
N ILE C 106 -19.97 8.27 -35.72
CA ILE C 106 -21.29 8.66 -36.19
C ILE C 106 -21.26 10.11 -36.64
N PRO C 107 -22.15 10.53 -37.54
CA PRO C 107 -22.16 11.92 -37.98
C PRO C 107 -22.41 12.89 -36.83
N ASP C 108 -21.72 14.03 -36.88
CA ASP C 108 -21.88 15.03 -35.83
C ASP C 108 -23.30 15.54 -35.74
N GLU C 109 -24.00 15.62 -36.89
CA GLU C 109 -25.40 16.00 -36.86
C GLU C 109 -26.23 14.98 -36.08
N ILE C 110 -25.93 13.70 -36.26
CA ILE C 110 -26.62 12.66 -35.51
C ILE C 110 -26.30 12.78 -34.03
N ARG C 111 -25.06 13.13 -33.69
CA ARG C 111 -24.70 13.35 -32.30
C ARG C 111 -25.50 14.49 -31.69
N SER C 112 -25.63 15.60 -32.43
CA SER C 112 -26.40 16.74 -31.94
C SER C 112 -27.87 16.37 -31.78
N ALA C 113 -28.42 15.62 -32.74
CA ALA C 113 -29.82 15.20 -32.65
C ALA C 113 -30.04 14.32 -31.43
N CYS C 114 -29.12 13.37 -31.18
CA CYS C 114 -29.24 12.52 -30.01
C CYS C 114 -29.11 13.33 -28.73
N ASN C 115 -28.19 14.29 -28.69
CA ASN C 115 -28.02 15.12 -27.50
C ASN C 115 -29.27 15.93 -27.20
N LYS C 116 -29.88 16.53 -28.24
CA LYS C 116 -31.08 17.32 -28.01
C LYS C 116 -32.28 16.44 -27.66
N VAL C 117 -32.38 15.25 -28.25
CA VAL C 117 -33.49 14.36 -27.91
C VAL C 117 -33.33 13.83 -26.48
N LEU C 118 -32.10 13.68 -26.01
CA LEU C 118 -31.89 13.28 -24.62
C LEU C 118 -32.16 14.44 -23.67
N ASP C 119 -31.78 15.66 -24.06
CA ASP C 119 -32.06 16.82 -23.24
C ASP C 119 -33.54 17.19 -23.23
N SER C 120 -34.31 16.67 -24.19
CA SER C 120 -35.74 16.95 -24.22
C SER C 120 -36.44 16.42 -22.95
N ASP C 121 -36.11 15.21 -22.54
CA ASP C 121 -36.69 14.64 -21.33
C ASP C 121 -35.79 13.52 -20.83
N ASN C 122 -35.92 13.21 -19.55
CA ASN C 122 -35.10 12.18 -18.90
C ASN C 122 -35.78 10.82 -18.88
N GLY C 123 -37.00 10.70 -19.40
CA GLY C 123 -37.71 9.44 -19.35
C GLY C 123 -37.40 8.51 -20.50
N ILE C 124 -36.12 8.20 -20.70
CA ILE C 124 -35.69 7.28 -21.75
C ILE C 124 -34.78 6.23 -21.13
N ASP C 125 -35.11 4.96 -21.34
CA ASP C 125 -34.25 3.88 -20.88
C ASP C 125 -33.11 3.61 -21.86
N PHE C 126 -33.44 3.26 -23.10
CA PHE C 126 -32.44 3.01 -24.13
C PHE C 126 -33.09 3.23 -25.49
N LEU C 127 -32.24 3.40 -26.50
CA LEU C 127 -32.66 3.56 -27.88
C LEU C 127 -31.99 2.50 -28.74
N ARG C 128 -32.78 1.82 -29.58
CA ARG C 128 -32.28 0.79 -30.47
C ARG C 128 -32.22 1.36 -31.88
N PHE C 129 -31.00 1.44 -32.42
CA PHE C 129 -30.72 1.92 -33.77
C PHE C 129 -30.63 0.74 -34.73
N VAL C 130 -31.06 0.96 -35.96
CA VAL C 130 -30.84 0.02 -37.06
C VAL C 130 -30.20 0.77 -38.21
N LEU C 131 -29.12 0.22 -38.75
CA LEU C 131 -28.37 0.83 -39.84
C LEU C 131 -28.39 -0.06 -41.07
N LEU C 132 -28.44 0.57 -42.25
CA LEU C 132 -28.32 -0.15 -43.51
C LEU C 132 -27.82 0.83 -44.55
N ASN C 133 -26.55 0.68 -44.97
CA ASN C 133 -25.95 1.52 -46.00
C ASN C 133 -26.03 3.00 -45.63
N ASN C 134 -25.49 3.32 -44.46
CA ASN C 134 -25.42 4.70 -43.95
C ASN C 134 -26.80 5.34 -43.82
N ARG C 135 -27.85 4.54 -43.61
CA ARG C 135 -29.21 5.05 -43.48
C ARG C 135 -29.62 4.80 -42.03
N TRP C 136 -29.62 5.87 -41.23
CA TRP C 136 -29.75 5.75 -39.78
C TRP C 136 -31.22 5.83 -39.38
N ILE C 137 -31.70 4.83 -38.64
CA ILE C 137 -33.10 4.74 -38.24
C ILE C 137 -33.19 4.55 -36.73
N MET C 138 -34.12 5.26 -36.09
CA MET C 138 -34.66 4.85 -34.81
C MET C 138 -35.50 3.60 -34.99
N GLU C 139 -34.96 2.45 -34.61
CA GLU C 139 -35.73 1.21 -34.62
C GLU C 139 -36.70 1.18 -33.45
N ASP C 140 -36.18 1.32 -32.24
CA ASP C 140 -37.00 1.21 -31.03
C ASP C 140 -36.68 2.32 -30.05
N ALA C 141 -37.72 2.87 -29.42
CA ALA C 141 -37.59 3.85 -28.37
C ALA C 141 -38.52 3.46 -27.23
N ILE C 142 -37.95 3.01 -26.12
CA ILE C 142 -38.73 2.51 -25.00
C ILE C 142 -38.66 3.52 -23.85
N SER C 143 -39.69 3.50 -23.01
CA SER C 143 -39.76 4.40 -21.87
C SER C 143 -40.70 3.82 -20.84
N LYS C 144 -40.48 4.18 -19.58
CA LYS C 144 -41.35 3.74 -18.49
C LYS C 144 -42.41 4.76 -18.12
N TYR C 145 -42.31 6.00 -18.61
CA TYR C 145 -43.26 7.04 -18.29
C TYR C 145 -44.04 7.54 -19.50
N GLN C 146 -43.34 7.89 -20.58
CA GLN C 146 -43.98 8.45 -21.76
C GLN C 146 -44.60 7.33 -22.60
N SER C 147 -45.06 7.68 -23.80
CA SER C 147 -45.71 6.74 -24.69
C SER C 147 -44.98 6.71 -26.02
N PRO C 148 -44.93 5.55 -26.68
CA PRO C 148 -44.19 5.46 -27.96
C PRO C 148 -44.94 6.09 -29.12
N VAL C 149 -45.38 7.34 -28.96
CA VAL C 149 -46.04 8.06 -30.04
C VAL C 149 -45.36 9.40 -30.25
N ASN C 150 -45.29 10.21 -29.19
CA ASN C 150 -44.80 11.58 -29.30
C ASN C 150 -43.29 11.61 -29.52
N ILE C 151 -42.57 10.63 -28.97
CA ILE C 151 -41.12 10.65 -29.04
C ILE C 151 -40.66 10.60 -30.50
N PHE C 152 -41.24 9.71 -31.30
CA PHE C 152 -40.87 9.66 -32.71
C PHE C 152 -41.33 10.90 -33.45
N LYS C 153 -42.43 11.52 -33.01
CA LYS C 153 -42.87 12.76 -33.64
C LYS C 153 -41.84 13.87 -33.44
N LEU C 154 -41.36 14.03 -32.21
CA LEU C 154 -40.37 15.08 -31.96
C LEU C 154 -39.02 14.73 -32.57
N ALA C 155 -38.69 13.45 -32.66
CA ALA C 155 -37.46 13.07 -33.33
C ALA C 155 -37.55 13.34 -34.83
N SER C 156 -38.73 13.13 -35.42
CA SER C 156 -38.94 13.49 -36.82
C SER C 156 -38.81 14.99 -37.02
N GLU C 157 -39.43 15.77 -36.13
CA GLU C 157 -39.32 17.22 -36.22
C GLU C 157 -37.89 17.69 -35.95
N TYR C 158 -37.08 16.88 -35.28
CA TYR C 158 -35.70 17.26 -35.01
C TYR C 158 -34.85 17.21 -36.28
N GLY C 159 -35.16 16.33 -37.22
CA GLY C 159 -34.47 16.31 -38.49
C GLY C 159 -34.12 14.92 -39.01
N LEU C 160 -34.51 13.88 -38.28
CA LEU C 160 -34.23 12.52 -38.67
C LEU C 160 -35.55 11.75 -38.73
N ASN C 161 -35.69 10.88 -39.73
CA ASN C 161 -36.96 10.24 -40.03
C ASN C 161 -37.10 8.92 -39.29
N ILE C 162 -38.35 8.51 -39.06
CA ILE C 162 -38.69 7.35 -38.25
C ILE C 162 -39.77 6.54 -38.98
N PRO C 163 -39.79 5.21 -38.85
CA PRO C 163 -40.87 4.44 -39.48
C PRO C 163 -42.23 4.79 -38.93
N ASN C 164 -43.24 4.56 -39.76
CA ASN C 164 -44.62 4.86 -39.41
C ASN C 164 -45.15 3.84 -38.40
N TYR C 165 -44.97 4.12 -37.11
CA TYR C 165 -45.56 3.28 -36.07
C TYR C 165 -47.07 3.21 -36.25
N LEU C 166 -47.62 2.00 -36.14
CA LEU C 166 -49.02 1.77 -36.47
C LEU C 166 -49.82 1.46 -35.21
N GLU C 167 -51.05 1.96 -35.17
CA GLU C 167 -51.97 1.71 -34.07
C GLU C 167 -53.21 1.02 -34.60
N ILE C 168 -53.57 -0.11 -34.01
CA ILE C 168 -54.73 -0.87 -34.44
C ILE C 168 -55.55 -1.30 -33.23
N GLU C 169 -56.83 -1.56 -33.46
CA GLU C 169 -57.76 -1.95 -32.42
C GLU C 169 -58.39 -3.29 -32.78
N ILE C 170 -58.45 -4.20 -31.81
CA ILE C 170 -58.99 -5.53 -32.00
C ILE C 170 -60.02 -5.81 -30.91
N GLU C 171 -61.19 -6.29 -31.30
CA GLU C 171 -62.26 -6.63 -30.37
C GLU C 171 -62.64 -8.10 -30.37
N GLU C 172 -62.44 -8.82 -31.48
CA GLU C 172 -62.81 -10.21 -31.60
C GLU C 172 -61.58 -11.09 -31.68
N ASP C 173 -61.76 -12.36 -31.33
CA ASP C 173 -60.68 -13.34 -31.38
C ASP C 173 -60.25 -13.55 -32.83
N THR C 174 -59.01 -13.19 -33.15
CA THR C 174 -58.51 -13.34 -34.51
C THR C 174 -57.18 -14.10 -34.48
N LEU C 175 -56.84 -14.67 -35.64
CA LEU C 175 -55.65 -15.48 -35.81
C LEU C 175 -54.64 -14.73 -36.65
N PHE C 176 -53.47 -14.46 -36.07
CA PHE C 176 -52.36 -13.86 -36.80
C PHE C 176 -51.61 -14.96 -37.55
N ASP C 177 -51.58 -14.86 -38.87
CA ASP C 177 -51.02 -15.89 -39.73
C ASP C 177 -50.32 -15.21 -40.91
N ASP C 178 -50.02 -16.00 -41.94
CA ASP C 178 -49.28 -15.48 -43.10
C ASP C 178 -50.07 -14.39 -43.81
N GLU C 179 -51.39 -14.56 -43.93
CA GLU C 179 -52.20 -13.54 -44.59
C GLU C 179 -52.14 -12.21 -43.83
N LEU C 180 -52.25 -12.27 -42.50
CA LEU C 180 -52.12 -11.04 -41.72
C LEU C 180 -50.72 -10.46 -41.80
N TYR C 181 -49.70 -11.32 -41.93
CA TYR C 181 -48.34 -10.81 -42.14
C TYR C 181 -48.24 -10.06 -43.46
N SER C 182 -48.86 -10.60 -44.51
CA SER C 182 -48.86 -9.90 -45.80
C SER C 182 -49.61 -8.58 -45.68
N ILE C 183 -50.72 -8.57 -44.95
CA ILE C 183 -51.48 -7.34 -44.75
C ILE C 183 -50.63 -6.29 -44.05
N MET C 184 -49.94 -6.69 -42.98
CA MET C 184 -49.09 -5.77 -42.24
C MET C 184 -47.94 -5.27 -43.12
N GLU C 185 -47.37 -6.16 -43.93
CA GLU C 185 -46.28 -5.80 -44.83
C GLU C 185 -46.72 -4.76 -45.83
N ARG C 186 -47.89 -4.94 -46.43
CA ARG C 186 -48.44 -3.89 -47.28
C ARG C 186 -48.88 -2.67 -46.45
N SER C 187 -49.05 -2.84 -45.15
CA SER C 187 -49.52 -1.75 -44.30
C SER C 187 -48.42 -0.76 -43.94
N PHE C 188 -47.17 -1.20 -43.77
CA PHE C 188 -46.11 -0.19 -43.61
C PHE C 188 -45.98 0.68 -44.85
N ASP C 189 -46.12 0.10 -46.04
CA ASP C 189 -46.03 0.83 -47.31
C ASP C 189 -44.66 1.47 -47.48
N ASP C 190 -43.62 0.63 -47.49
CA ASP C 190 -42.26 1.09 -47.70
C ASP C 190 -41.52 0.09 -48.58
N THR C 191 -40.54 0.60 -49.34
CA THR C 191 -39.71 -0.22 -50.19
C THR C 191 -38.49 -0.79 -49.48
N PHE C 192 -38.24 -0.36 -48.24
CA PHE C 192 -37.12 -0.87 -47.48
C PHE C 192 -37.35 -2.33 -47.12
N PRO C 193 -36.28 -3.11 -46.96
CA PRO C 193 -36.43 -4.53 -46.61
C PRO C 193 -36.94 -4.68 -45.18
N LYS C 194 -38.09 -5.34 -45.03
CA LYS C 194 -38.68 -5.57 -43.73
C LYS C 194 -38.43 -7.02 -43.30
N ILE C 195 -38.19 -7.21 -42.01
CA ILE C 195 -37.81 -8.52 -41.50
C ILE C 195 -38.85 -9.03 -40.50
N SER C 196 -39.09 -8.27 -39.44
CA SER C 196 -40.00 -8.69 -38.39
C SER C 196 -40.86 -7.52 -37.96
N ILE C 197 -41.90 -7.83 -37.18
CA ILE C 197 -42.82 -6.82 -36.68
C ILE C 197 -42.96 -6.99 -35.18
N SER C 198 -42.84 -5.90 -34.44
CA SER C 198 -42.96 -5.91 -32.99
C SER C 198 -44.30 -5.30 -32.60
N TYR C 199 -45.08 -6.03 -31.82
CA TYR C 199 -46.38 -5.57 -31.34
C TYR C 199 -46.31 -5.37 -29.84
N ILE C 200 -46.80 -4.21 -29.38
CA ILE C 200 -46.81 -3.87 -27.96
C ILE C 200 -48.20 -3.38 -27.59
N LYS C 201 -48.47 -3.40 -26.29
CA LYS C 201 -49.74 -2.96 -25.74
C LYS C 201 -49.52 -1.81 -24.78
N LEU C 202 -50.53 -0.96 -24.62
CA LEU C 202 -50.45 0.20 -23.73
C LEU C 202 -50.35 -0.29 -22.29
N GLY C 203 -49.22 0.00 -21.64
CA GLY C 203 -49.02 -0.38 -20.26
C GLY C 203 -47.94 -1.41 -20.06
N GLU C 204 -47.85 -2.37 -20.99
CA GLU C 204 -46.86 -3.44 -20.88
C GLU C 204 -45.52 -2.96 -21.43
N LEU C 205 -44.47 -3.07 -20.60
CA LEU C 205 -43.14 -2.68 -21.03
C LEU C 205 -42.51 -3.70 -21.96
N LYS C 206 -42.81 -4.99 -21.78
CA LYS C 206 -42.24 -6.02 -22.63
C LYS C 206 -42.74 -5.89 -24.06
N ARG C 207 -41.86 -6.12 -25.01
CA ARG C 207 -42.18 -6.05 -26.43
C ARG C 207 -41.98 -7.43 -27.06
N GLN C 208 -42.99 -7.87 -27.81
CA GLN C 208 -42.96 -9.17 -28.47
C GLN C 208 -42.89 -8.96 -29.98
N VAL C 209 -41.90 -9.59 -30.61
CA VAL C 209 -41.70 -9.48 -32.06
C VAL C 209 -42.01 -10.84 -32.68
N VAL C 210 -42.46 -10.79 -33.93
CA VAL C 210 -42.75 -11.99 -34.70
C VAL C 210 -42.17 -11.84 -36.10
N ASP C 211 -41.68 -12.97 -36.63
CA ASP C 211 -41.09 -13.04 -37.96
C ASP C 211 -41.45 -14.38 -38.59
N PHE C 212 -41.73 -14.36 -39.90
CA PHE C 212 -42.07 -15.55 -40.65
C PHE C 212 -41.06 -15.72 -41.78
N PHE C 213 -40.59 -16.95 -41.98
CA PHE C 213 -39.58 -17.22 -42.98
C PHE C 213 -39.62 -18.71 -43.34
N LYS C 214 -38.99 -19.03 -44.47
CA LYS C 214 -38.89 -20.40 -44.94
C LYS C 214 -37.52 -20.61 -45.58
N PHE C 215 -37.12 -21.87 -45.68
CA PHE C 215 -35.80 -22.23 -46.21
C PHE C 215 -35.84 -22.37 -47.72
N SER C 216 -34.71 -22.12 -48.36
CA SER C 216 -34.54 -22.38 -49.78
C SER C 216 -33.07 -22.60 -50.08
N PHE C 217 -32.80 -23.23 -51.22
CA PHE C 217 -31.44 -23.48 -51.68
C PHE C 217 -31.23 -22.73 -52.98
N MET C 218 -30.18 -21.91 -53.04
CA MET C 218 -29.90 -21.12 -54.23
C MET C 218 -28.42 -21.13 -54.54
N TYR C 219 -28.09 -21.16 -55.83
CA TYR C 219 -26.71 -21.12 -56.28
C TYR C 219 -26.13 -19.71 -56.16
N ILE C 220 -24.81 -19.64 -56.05
CA ILE C 220 -24.07 -18.39 -55.99
C ILE C 220 -23.25 -18.26 -57.26
N GLU C 221 -23.38 -17.10 -57.93
CA GLU C 221 -22.73 -16.90 -59.23
C GLU C 221 -21.44 -16.10 -59.12
N SER C 222 -21.51 -14.88 -58.60
CA SER C 222 -20.34 -14.01 -58.56
C SER C 222 -20.57 -12.88 -57.57
N ILE C 223 -19.51 -12.13 -57.31
CA ILE C 223 -19.52 -11.02 -56.36
C ILE C 223 -19.19 -9.74 -57.12
N LYS C 224 -20.00 -8.71 -56.93
CA LYS C 224 -19.83 -7.44 -57.62
C LYS C 224 -20.11 -6.29 -56.67
N VAL C 225 -19.29 -5.24 -56.74
CA VAL C 225 -19.48 -4.06 -55.90
C VAL C 225 -20.58 -3.21 -56.49
N ASP C 226 -21.23 -2.42 -55.64
CA ASP C 226 -22.28 -1.53 -56.06
C ASP C 226 -22.02 -0.18 -55.42
N ARG C 227 -22.43 0.87 -56.13
CA ARG C 227 -22.09 2.24 -55.79
C ARG C 227 -23.08 2.75 -54.76
N ILE C 228 -22.62 3.05 -53.54
CA ILE C 228 -23.55 3.55 -52.53
C ILE C 228 -23.05 4.81 -51.83
N GLY C 229 -22.21 5.58 -52.49
CA GLY C 229 -21.80 6.83 -51.89
C GLY C 229 -20.47 7.31 -52.46
N ASP C 230 -19.61 7.79 -51.56
CA ASP C 230 -18.30 8.32 -51.93
C ASP C 230 -17.21 7.42 -51.37
N ASN C 231 -16.42 6.83 -52.26
CA ASN C 231 -15.32 5.92 -51.92
C ASN C 231 -15.77 4.75 -51.04
N ILE C 232 -17.01 4.30 -51.21
CA ILE C 232 -17.55 3.19 -50.44
C ILE C 232 -18.36 2.29 -51.38
N PHE C 233 -18.19 0.99 -51.23
CA PHE C 233 -18.85 0.02 -52.09
C PHE C 233 -19.64 -0.97 -51.24
N ILE C 234 -20.72 -1.50 -51.81
CA ILE C 234 -21.45 -2.56 -51.13
C ILE C 234 -21.37 -3.82 -51.97
N PRO C 235 -20.96 -4.95 -51.40
CA PRO C 235 -20.93 -6.19 -52.17
C PRO C 235 -22.34 -6.68 -52.47
N SER C 236 -22.46 -7.41 -53.58
CA SER C 236 -23.74 -7.99 -53.97
C SER C 236 -23.47 -9.24 -54.80
N VAL C 237 -24.26 -10.27 -54.56
CA VAL C 237 -24.17 -11.53 -55.28
C VAL C 237 -25.49 -11.74 -56.01
N ILE C 238 -25.41 -12.07 -57.30
CA ILE C 238 -26.59 -12.31 -58.11
C ILE C 238 -26.79 -13.80 -58.27
N THR C 239 -28.02 -14.19 -58.58
CA THR C 239 -28.40 -15.59 -58.72
C THR C 239 -28.41 -16.01 -60.18
N LYS C 240 -28.52 -17.31 -60.39
CA LYS C 240 -28.68 -17.83 -61.75
C LYS C 240 -29.97 -17.30 -62.37
N SER C 241 -31.02 -17.17 -61.57
CA SER C 241 -32.27 -16.58 -62.03
C SER C 241 -32.27 -15.06 -61.98
N GLY C 242 -31.18 -14.46 -61.51
CA GLY C 242 -31.10 -13.02 -61.42
C GLY C 242 -31.73 -12.41 -60.19
N LYS C 243 -32.14 -13.22 -59.21
CA LYS C 243 -32.74 -12.70 -58.00
C LYS C 243 -31.73 -11.91 -57.18
N LYS C 244 -32.23 -10.95 -56.40
CA LYS C 244 -31.39 -10.09 -55.59
C LYS C 244 -31.41 -10.61 -54.15
N ILE C 245 -30.29 -11.19 -53.72
CA ILE C 245 -30.12 -11.65 -52.35
C ILE C 245 -29.32 -10.59 -51.60
N LEU C 246 -29.95 -9.98 -50.59
CA LEU C 246 -29.36 -8.89 -49.84
C LEU C 246 -28.54 -9.41 -48.66
N VAL C 247 -27.73 -8.53 -48.09
CA VAL C 247 -26.85 -8.88 -46.99
C VAL C 247 -26.64 -7.65 -46.10
N LYS C 248 -26.52 -7.89 -44.80
CA LYS C 248 -26.33 -6.79 -43.85
C LYS C 248 -24.90 -6.25 -43.90
N ASP C 249 -23.91 -7.13 -43.93
CA ASP C 249 -22.53 -6.71 -43.75
C ASP C 249 -21.61 -7.57 -44.61
N VAL C 250 -20.43 -7.01 -44.93
CA VAL C 250 -19.38 -7.81 -45.55
C VAL C 250 -18.89 -8.88 -44.60
N ASP C 251 -19.04 -8.64 -43.29
CA ASP C 251 -18.73 -9.65 -42.30
C ASP C 251 -19.54 -10.91 -42.55
N HIS C 252 -20.79 -10.75 -42.99
CA HIS C 252 -21.63 -11.89 -43.31
C HIS C 252 -20.99 -12.73 -44.42
N LEU C 253 -20.46 -12.06 -45.45
CA LEU C 253 -19.82 -12.80 -46.54
C LEU C 253 -18.56 -13.51 -46.08
N ILE C 254 -17.65 -12.79 -45.41
CA ILE C 254 -16.35 -13.43 -45.14
C ILE C 254 -16.43 -14.39 -43.96
N ARG C 255 -17.53 -14.39 -43.21
CA ARG C 255 -17.78 -15.44 -42.24
C ARG C 255 -18.57 -16.59 -42.84
N SER C 256 -19.35 -16.32 -43.88
CA SER C 256 -20.10 -17.36 -44.55
C SER C 256 -19.21 -18.34 -45.29
N LYS C 257 -17.96 -17.96 -45.59
CA LYS C 257 -17.00 -18.82 -46.28
C LYS C 257 -17.57 -19.30 -47.62
N VAL C 258 -18.28 -18.41 -48.32
CA VAL C 258 -18.88 -18.77 -49.58
C VAL C 258 -17.80 -19.02 -50.63
N ARG C 259 -17.99 -20.07 -51.42
CA ARG C 259 -17.06 -20.45 -52.47
C ARG C 259 -17.65 -20.07 -53.83
N GLU C 260 -16.75 -19.83 -54.79
CA GLU C 260 -17.18 -19.46 -56.13
C GLU C 260 -17.99 -20.58 -56.77
N HIS C 261 -19.16 -20.24 -57.32
CA HIS C 261 -20.04 -21.17 -58.00
C HIS C 261 -20.44 -22.34 -57.09
N THR C 262 -21.17 -22.00 -56.03
CA THR C 262 -21.65 -22.99 -55.08
C THR C 262 -23.10 -22.67 -54.74
N PHE C 263 -23.76 -23.62 -54.08
CA PHE C 263 -25.15 -23.47 -53.66
C PHE C 263 -25.21 -23.43 -52.14
N VAL C 264 -26.02 -22.50 -51.62
CA VAL C 264 -26.15 -22.29 -50.18
C VAL C 264 -27.61 -22.13 -49.82
N LYS C 265 -27.90 -22.32 -48.53
CA LYS C 265 -29.23 -22.10 -47.99
C LYS C 265 -29.48 -20.61 -47.78
N VAL C 266 -30.76 -20.24 -47.80
CA VAL C 266 -31.16 -18.84 -47.71
C VAL C 266 -32.60 -18.79 -47.22
N LYS C 267 -32.88 -17.87 -46.30
CA LYS C 267 -34.24 -17.66 -45.82
C LYS C 267 -34.98 -16.79 -46.82
N LYS C 268 -35.95 -17.38 -47.52
CA LYS C 268 -36.69 -16.69 -48.56
C LYS C 268 -38.02 -16.20 -48.04
N LYS C 269 -38.39 -14.98 -48.44
CA LYS C 269 -39.65 -14.36 -48.06
C LYS C 269 -40.41 -13.96 -49.32
N ASN C 270 -41.55 -13.28 -49.12
CA ASN C 270 -42.40 -12.90 -50.25
C ASN C 270 -41.71 -11.88 -51.15
N THR C 271 -41.01 -10.91 -50.57
CA THR C 271 -40.39 -9.84 -51.34
C THR C 271 -38.92 -10.12 -51.64
N PHE C 272 -38.11 -10.32 -50.60
CA PHE C 272 -36.69 -10.55 -50.75
C PHE C 272 -36.28 -11.71 -49.83
N SER C 273 -34.98 -12.02 -49.84
CA SER C 273 -34.44 -13.12 -49.06
C SER C 273 -33.17 -12.66 -48.33
N ILE C 274 -32.78 -13.45 -47.32
CA ILE C 274 -31.63 -13.14 -46.49
C ILE C 274 -30.75 -14.38 -46.40
N LEU C 275 -29.45 -14.19 -46.63
CA LEU C 275 -28.49 -15.28 -46.48
C LEU C 275 -28.30 -15.61 -45.00
N TYR C 276 -28.14 -16.91 -44.72
CA TYR C 276 -28.01 -17.40 -43.35
C TYR C 276 -26.55 -17.66 -43.02
N ASP C 277 -26.11 -17.14 -41.88
CA ASP C 277 -24.73 -17.30 -41.43
C ASP C 277 -24.61 -18.57 -40.59
N TYR C 278 -23.47 -18.71 -39.91
CA TYR C 278 -23.19 -19.87 -39.06
C TYR C 278 -23.24 -21.17 -39.85
N ASP C 279 -22.35 -21.26 -40.85
CA ASP C 279 -22.28 -22.44 -41.70
C ASP C 279 -21.69 -23.63 -40.94
N THR C 285 -7.89 -20.09 -43.03
CA THR C 285 -9.27 -19.91 -42.60
C THR C 285 -9.78 -18.52 -42.97
N ARG C 286 -9.76 -17.60 -42.00
CA ARG C 286 -10.24 -16.25 -42.25
C ARG C 286 -9.37 -15.55 -43.30
N GLY C 287 -8.05 -15.71 -43.21
CA GLY C 287 -7.18 -15.13 -44.23
C GLY C 287 -7.42 -15.74 -45.60
N GLU C 288 -7.68 -17.04 -45.65
CA GLU C 288 -7.99 -17.68 -46.92
C GLU C 288 -9.26 -17.09 -47.54
N VAL C 289 -10.30 -16.90 -46.73
CA VAL C 289 -11.54 -16.33 -47.24
C VAL C 289 -11.33 -14.90 -47.70
N ILE C 290 -10.59 -14.10 -46.93
CA ILE C 290 -10.39 -12.71 -47.30
C ILE C 290 -9.58 -12.61 -48.59
N LYS C 291 -8.52 -13.41 -48.74
CA LYS C 291 -7.76 -13.35 -49.99
C LYS C 291 -8.59 -13.88 -51.15
N ARG C 292 -9.42 -14.90 -50.92
CA ARG C 292 -10.24 -15.46 -52.00
C ARG C 292 -11.22 -14.42 -52.51
N ILE C 293 -11.93 -13.74 -51.60
CA ILE C 293 -12.87 -12.72 -52.03
C ILE C 293 -12.13 -11.55 -52.67
N ILE C 294 -10.93 -11.24 -52.18
CA ILE C 294 -10.18 -10.12 -52.72
C ILE C 294 -9.80 -10.37 -54.18
N ASP C 295 -9.28 -11.57 -54.49
CA ASP C 295 -8.95 -11.79 -55.89
C ASP C 295 -10.18 -12.15 -56.71
N THR C 296 -11.30 -12.47 -56.07
CA THR C 296 -12.55 -12.65 -56.80
C THR C 296 -13.05 -11.31 -57.34
N ILE C 297 -13.27 -10.36 -56.44
CA ILE C 297 -13.89 -9.10 -56.86
C ILE C 297 -12.96 -8.31 -57.79
N GLY C 298 -11.66 -8.47 -57.61
CA GLY C 298 -10.68 -7.74 -58.40
C GLY C 298 -9.54 -7.27 -57.51
N ARG C 299 -8.33 -7.23 -58.09
CA ARG C 299 -7.16 -6.84 -57.33
C ARG C 299 -7.25 -5.40 -56.86
N ASP C 300 -7.87 -4.53 -57.67
CA ASP C 300 -7.95 -3.11 -57.36
C ASP C 300 -9.20 -2.91 -56.50
N TYR C 301 -9.06 -3.27 -55.23
CA TYR C 301 -10.09 -3.08 -54.21
C TYR C 301 -9.44 -3.23 -52.85
N TYR C 302 -10.14 -2.76 -51.82
CA TYR C 302 -9.71 -3.01 -50.45
C TYR C 302 -10.92 -2.99 -49.53
N VAL C 303 -10.73 -3.57 -48.35
CA VAL C 303 -11.81 -3.72 -47.36
C VAL C 303 -11.60 -2.70 -46.25
N ASN C 304 -12.58 -1.83 -46.08
CA ASN C 304 -12.53 -0.78 -45.08
C ASN C 304 -13.50 -1.15 -43.97
N GLY C 305 -13.02 -1.92 -43.01
CA GLY C 305 -13.86 -2.35 -41.90
C GLY C 305 -15.00 -3.22 -42.36
N LYS C 306 -16.22 -2.66 -42.33
CA LYS C 306 -17.40 -3.37 -42.78
C LYS C 306 -17.85 -2.97 -44.17
N TYR C 307 -17.04 -2.17 -44.89
CA TYR C 307 -17.37 -1.70 -46.22
C TYR C 307 -16.28 -2.12 -47.19
N PHE C 308 -16.51 -1.82 -48.46
CA PHE C 308 -15.52 -1.98 -49.51
C PHE C 308 -15.19 -0.62 -50.10
N SER C 309 -13.93 -0.44 -50.52
CA SER C 309 -13.49 0.87 -50.97
C SER C 309 -12.38 0.75 -52.00
N LYS C 310 -12.16 1.86 -52.71
CA LYS C 310 -11.26 1.96 -53.84
C LYS C 310 -9.87 2.43 -53.40
N VAL C 311 -8.92 2.34 -54.33
CA VAL C 311 -7.53 2.71 -54.09
C VAL C 311 -7.14 3.80 -55.09
N GLY C 312 -8.11 4.62 -55.49
CA GLY C 312 -7.91 5.58 -56.55
C GLY C 312 -6.86 6.63 -56.22
N ILE C 313 -6.57 7.45 -57.24
CA ILE C 313 -5.46 8.40 -57.17
C ILE C 313 -5.82 9.70 -56.47
N ALA C 314 -7.09 9.92 -56.15
CA ALA C 314 -7.54 11.03 -55.30
C ALA C 314 -7.13 12.36 -55.95
N GLY C 315 -6.85 13.37 -55.14
CA GLY C 315 -6.38 14.65 -55.65
C GLY C 315 -6.77 15.77 -54.72
N LEU C 316 -6.51 17.00 -55.18
CA LEU C 316 -6.82 18.18 -54.37
C LEU C 316 -8.32 18.35 -54.19
N LYS C 317 -9.13 17.85 -55.12
CA LYS C 317 -10.57 17.85 -54.94
C LYS C 317 -10.95 17.01 -53.73
N GLN C 318 -10.26 15.88 -53.53
CA GLN C 318 -10.49 15.02 -52.39
C GLN C 318 -10.10 15.66 -51.08
N LEU C 319 -9.41 16.79 -51.12
CA LEU C 319 -9.13 17.57 -49.93
C LEU C 319 -10.16 18.69 -49.78
N THR C 320 -10.49 19.36 -50.88
CA THR C 320 -11.41 20.50 -50.81
C THR C 320 -12.84 20.10 -50.50
N ASN C 321 -13.24 18.87 -50.85
CA ASN C 321 -14.63 18.46 -50.64
C ASN C 321 -14.97 18.45 -49.16
N LYS C 322 -14.12 17.84 -48.33
CA LYS C 322 -14.43 17.69 -46.92
C LYS C 322 -14.38 19.01 -46.18
N LEU C 323 -13.50 19.91 -46.61
CA LEU C 323 -13.32 21.19 -45.95
C LEU C 323 -14.48 22.14 -46.18
N ASP C 324 -15.48 21.72 -46.96
CA ASP C 324 -16.64 22.55 -47.28
C ASP C 324 -16.22 23.87 -47.92
N ILE C 325 -15.31 23.77 -48.90
CA ILE C 325 -14.77 24.92 -49.59
C ILE C 325 -14.89 24.71 -51.10
N ASN C 326 -14.88 25.81 -51.83
CA ASN C 326 -15.06 25.75 -53.28
C ASN C 326 -13.86 25.06 -53.94
N GLU C 327 -14.15 24.33 -55.01
CA GLU C 327 -13.11 23.63 -55.74
C GLU C 327 -12.16 24.61 -56.42
N CYS C 328 -10.87 24.31 -56.36
CA CYS C 328 -9.85 25.15 -56.96
C CYS C 328 -8.62 24.30 -57.22
N ALA C 329 -7.70 24.81 -58.04
CA ALA C 329 -6.50 24.08 -58.41
C ALA C 329 -5.24 24.90 -58.20
N THR C 330 -5.26 25.89 -57.32
CA THR C 330 -4.10 26.71 -57.02
C THR C 330 -3.86 26.72 -55.52
N VAL C 331 -2.62 26.44 -55.11
CA VAL C 331 -2.31 26.25 -53.70
C VAL C 331 -2.61 27.50 -52.88
N ASP C 332 -2.35 28.69 -53.44
CA ASP C 332 -2.61 29.92 -52.71
C ASP C 332 -4.10 30.10 -52.45
N GLU C 333 -4.93 29.72 -53.41
CA GLU C 333 -6.38 29.86 -53.22
C GLU C 333 -6.87 29.01 -52.07
N LEU C 334 -6.28 27.83 -51.87
CA LEU C 334 -6.71 26.91 -50.83
C LEU C 334 -6.52 27.47 -49.44
N VAL C 335 -6.07 28.72 -49.33
CA VAL C 335 -5.97 29.37 -48.04
C VAL C 335 -7.09 30.38 -47.79
N ASP C 336 -7.61 31.04 -48.83
CA ASP C 336 -8.51 32.17 -48.61
C ASP C 336 -9.81 31.73 -47.96
N GLU C 337 -10.45 30.70 -48.51
CA GLU C 337 -11.65 30.17 -47.88
C GLU C 337 -11.40 29.73 -46.44
N ILE C 338 -10.16 29.35 -46.12
CA ILE C 338 -9.84 28.98 -44.74
C ILE C 338 -10.10 30.14 -43.80
N ASN C 339 -9.72 31.36 -44.20
CA ASN C 339 -10.04 32.50 -43.36
C ASN C 339 -11.47 33.00 -43.55
N LYS C 340 -12.18 32.51 -44.57
CA LYS C 340 -13.55 32.93 -44.78
C LYS C 340 -14.51 32.27 -43.81
N SER C 341 -14.25 31.03 -43.42
CA SER C 341 -15.11 30.28 -42.52
C SER C 341 -14.35 29.97 -41.24
N GLY C 342 -14.94 30.34 -40.09
CA GLY C 342 -14.32 30.04 -38.82
C GLY C 342 -14.23 28.55 -38.53
N THR C 343 -15.24 27.80 -38.96
CA THR C 343 -15.23 26.36 -38.72
C THR C 343 -14.07 25.70 -39.45
N VAL C 344 -13.80 26.11 -40.68
CA VAL C 344 -12.75 25.48 -41.47
C VAL C 344 -11.38 25.72 -40.84
N LYS C 345 -11.10 26.96 -40.45
CA LYS C 345 -9.82 27.26 -39.83
C LYS C 345 -9.69 26.59 -38.47
N ARG C 346 -10.77 26.55 -37.70
CA ARG C 346 -10.71 25.86 -36.41
C ARG C 346 -10.41 24.38 -36.59
N LYS C 347 -11.07 23.73 -37.55
CA LYS C 347 -10.89 22.30 -37.74
C LYS C 347 -9.54 21.99 -38.39
N ILE C 348 -8.97 22.93 -39.13
CA ILE C 348 -7.64 22.66 -39.68
C ILE C 348 -6.58 22.89 -38.62
N LYS C 349 -6.79 23.85 -37.71
CA LYS C 349 -5.81 24.09 -36.66
C LYS C 349 -5.83 22.94 -35.65
N ASN C 350 -7.02 22.56 -35.18
CA ASN C 350 -7.11 21.63 -34.06
C ASN C 350 -6.61 20.24 -34.45
N GLN C 351 -7.07 19.73 -35.59
CA GLN C 351 -6.68 18.40 -36.01
C GLN C 351 -5.22 18.39 -36.45
N SER C 352 -4.62 17.20 -36.41
CA SER C 352 -3.20 17.06 -36.70
C SER C 352 -2.98 17.06 -38.21
N VAL C 353 -1.74 16.78 -38.62
CA VAL C 353 -1.40 16.73 -40.04
C VAL C 353 -1.50 15.31 -40.57
N PHE C 354 -0.98 14.34 -39.82
CA PHE C 354 -1.08 12.94 -40.23
C PHE C 354 -2.52 12.46 -40.25
N ASP C 355 -3.31 12.87 -39.26
CA ASP C 355 -4.69 12.42 -39.19
C ASP C 355 -5.52 12.98 -40.33
N LEU C 356 -5.37 14.28 -40.63
CA LEU C 356 -6.13 14.88 -41.70
C LEU C 356 -5.73 14.33 -43.06
N SER C 357 -4.43 14.15 -43.28
CA SER C 357 -3.96 13.58 -44.53
C SER C 357 -4.32 12.11 -44.65
N ARG C 358 -4.51 11.41 -43.53
CA ARG C 358 -4.98 10.03 -43.59
C ARG C 358 -6.46 9.98 -43.93
N GLU C 359 -7.25 10.85 -43.32
CA GLU C 359 -8.70 10.85 -43.56
C GLU C 359 -9.04 11.53 -44.87
N CYS C 360 -8.08 12.18 -45.52
CA CYS C 360 -8.27 12.62 -46.89
C CYS C 360 -8.54 11.43 -47.80
N LEU C 361 -7.66 10.44 -47.75
CA LEU C 361 -7.71 9.32 -48.69
C LEU C 361 -8.47 8.13 -48.15
N GLY C 362 -9.03 8.24 -46.95
CA GLY C 362 -9.95 7.24 -46.43
C GLY C 362 -9.38 5.86 -46.17
N TYR C 363 -8.12 5.78 -45.78
CA TYR C 363 -7.68 4.47 -45.29
C TYR C 363 -8.24 4.24 -43.89
N PRO C 364 -8.36 2.99 -43.47
CA PRO C 364 -8.77 2.71 -42.08
C PRO C 364 -7.67 3.04 -41.09
N GLU C 365 -7.91 2.74 -39.81
CA GLU C 365 -6.94 3.08 -38.78
C GLU C 365 -5.90 1.96 -38.58
N ALA C 366 -6.36 0.75 -38.30
CA ALA C 366 -5.46 -0.29 -37.82
C ALA C 366 -4.47 -0.73 -38.90
N ASP C 367 -4.96 -1.03 -40.10
CA ASP C 367 -4.09 -1.56 -41.14
C ASP C 367 -3.02 -0.55 -41.54
N PHE C 368 -3.41 0.72 -41.66
CA PHE C 368 -2.42 1.74 -42.01
C PHE C 368 -1.37 1.88 -40.91
N ILE C 369 -1.80 1.82 -39.65
CA ILE C 369 -0.85 1.99 -38.54
C ILE C 369 0.14 0.83 -38.51
N THR C 370 -0.36 -0.40 -38.67
CA THR C 370 0.56 -1.54 -38.66
C THR C 370 1.38 -1.61 -39.94
N LEU C 371 0.97 -0.90 -40.99
CA LEU C 371 1.84 -0.74 -42.16
C LEU C 371 2.96 0.25 -41.87
N VAL C 372 2.64 1.33 -41.17
CA VAL C 372 3.66 2.35 -40.92
C VAL C 372 4.70 1.84 -39.93
N ASN C 373 4.27 1.15 -38.88
CA ASN C 373 5.20 0.79 -37.81
C ASN C 373 6.17 -0.34 -38.18
N ASN C 374 6.24 -0.76 -39.44
CA ASN C 374 7.28 -1.69 -39.87
C ASN C 374 7.89 -1.24 -41.19
N MET C 375 8.25 0.04 -41.26
CA MET C 375 8.82 0.59 -42.49
C MET C 375 9.66 1.82 -42.15
N ARG C 376 10.81 1.92 -42.81
CA ARG C 376 11.79 2.97 -42.58
C ARG C 376 11.49 4.20 -43.42
N PHE C 377 11.77 5.36 -42.85
CA PHE C 377 11.54 6.65 -43.47
C PHE C 377 12.84 7.46 -43.53
N LYS C 378 12.89 8.38 -44.48
CA LYS C 378 13.97 9.34 -44.58
C LYS C 378 13.37 10.68 -44.97
N ILE C 379 13.55 11.68 -44.10
CA ILE C 379 12.82 12.94 -44.19
C ILE C 379 13.81 14.10 -44.22
N GLU C 380 13.31 15.25 -44.65
CA GLU C 380 14.11 16.47 -44.70
C GLU C 380 13.17 17.66 -44.61
N ASN C 381 13.31 18.46 -43.56
CA ASN C 381 12.50 19.65 -43.30
C ASN C 381 11.01 19.25 -43.38
N CYS C 382 10.62 18.46 -42.37
CA CYS C 382 9.23 18.10 -42.11
C CYS C 382 8.51 17.52 -43.33
N LYS C 383 9.25 16.95 -44.28
CA LYS C 383 8.65 16.35 -45.46
C LYS C 383 9.31 15.00 -45.73
N VAL C 384 8.53 14.08 -46.28
CA VAL C 384 9.00 12.73 -46.53
C VAL C 384 9.59 12.64 -47.94
N VAL C 385 10.81 12.14 -48.03
CA VAL C 385 11.48 12.01 -49.32
C VAL C 385 11.87 10.58 -49.64
N ASN C 386 11.94 9.67 -48.67
CA ASN C 386 12.25 8.28 -48.98
C ASN C 386 11.48 7.36 -48.04
N PHE C 387 10.90 6.31 -48.60
CA PHE C 387 10.27 5.28 -47.78
C PHE C 387 10.70 3.91 -48.28
N ASN C 388 11.00 3.02 -47.35
CA ASN C 388 11.37 1.65 -47.71
C ASN C 388 10.82 0.69 -46.67
N ILE C 389 10.70 -0.55 -47.06
CA ILE C 389 10.16 -1.58 -46.18
C ILE C 389 11.32 -2.26 -45.45
N GLU C 390 11.06 -2.70 -44.23
CA GLU C 390 12.04 -3.39 -43.42
C GLU C 390 11.61 -4.81 -43.06
N ASN C 391 10.37 -5.00 -42.64
CA ASN C 391 9.85 -6.31 -42.29
C ASN C 391 8.93 -6.79 -43.42
N THR C 392 9.23 -7.98 -43.94
CA THR C 392 8.49 -8.53 -45.06
C THR C 392 7.26 -9.33 -44.62
N ASN C 393 7.03 -9.48 -43.31
CA ASN C 393 5.90 -10.28 -42.85
C ASN C 393 4.58 -9.65 -43.29
N CYS C 394 4.47 -8.32 -43.20
CA CYS C 394 3.24 -7.64 -43.56
C CYS C 394 2.81 -7.90 -44.99
N LEU C 395 3.67 -8.51 -45.80
CA LEU C 395 3.30 -8.89 -47.17
C LEU C 395 2.31 -10.03 -47.21
N ASN C 396 1.91 -10.59 -46.07
CA ASN C 396 0.95 -11.70 -46.09
C ASN C 396 -0.45 -11.24 -46.46
N ASN C 397 -0.90 -10.12 -45.90
CA ASN C 397 -2.27 -9.67 -46.11
C ASN C 397 -2.38 -8.88 -47.41
N PRO C 398 -3.22 -9.31 -48.35
CA PRO C 398 -3.31 -8.59 -49.64
C PRO C 398 -3.80 -7.16 -49.52
N SER C 399 -4.68 -6.86 -48.55
CA SER C 399 -5.11 -5.49 -48.38
C SER C 399 -3.95 -4.58 -48.04
N ILE C 400 -2.95 -5.10 -47.33
CA ILE C 400 -1.74 -4.31 -47.08
C ILE C 400 -1.05 -3.97 -48.38
N GLU C 401 -1.07 -4.91 -49.34
CA GLU C 401 -0.52 -4.59 -50.66
C GLU C 401 -1.34 -3.53 -51.37
N THR C 402 -2.66 -3.54 -51.16
CA THR C 402 -3.49 -2.47 -51.70
C THR C 402 -3.09 -1.12 -51.12
N ILE C 403 -2.83 -1.07 -49.81
CA ILE C 403 -2.33 0.16 -49.19
C ILE C 403 -0.99 0.56 -49.77
N TYR C 404 -0.08 -0.40 -49.92
CA TYR C 404 1.25 -0.10 -50.46
C TYR C 404 1.18 0.43 -51.88
N GLY C 405 0.16 0.02 -52.63
CA GLY C 405 0.07 0.44 -54.02
C GLY C 405 0.00 1.94 -54.22
N ASN C 406 -0.51 2.66 -53.22
CA ASN C 406 -0.73 4.09 -53.42
C ASN C 406 -0.13 4.94 -52.30
N PHE C 407 1.13 4.66 -51.93
CA PHE C 407 1.78 5.50 -50.94
C PHE C 407 2.16 6.86 -51.50
N ASN C 408 2.40 6.95 -52.81
CA ASN C 408 2.86 8.21 -53.40
C ASN C 408 1.79 9.28 -53.30
N GLN C 409 0.54 8.92 -53.54
CA GLN C 409 -0.53 9.91 -53.40
C GLN C 409 -0.64 10.41 -51.97
N PHE C 410 -0.49 9.50 -51.00
CA PHE C 410 -0.55 9.90 -49.60
C PHE C 410 0.61 10.82 -49.25
N VAL C 411 1.82 10.52 -49.71
CA VAL C 411 2.93 11.39 -49.37
C VAL C 411 2.77 12.74 -50.05
N SER C 412 2.22 12.77 -51.27
CA SER C 412 1.99 14.05 -51.93
C SER C 412 0.99 14.90 -51.15
N ILE C 413 -0.11 14.29 -50.72
CA ILE C 413 -1.10 15.08 -49.97
C ILE C 413 -0.56 15.46 -48.61
N PHE C 414 0.29 14.62 -48.01
CA PHE C 414 0.92 14.96 -46.74
C PHE C 414 1.82 16.18 -46.88
N ASN C 415 2.65 16.20 -47.93
CA ASN C 415 3.54 17.33 -48.13
C ASN C 415 2.75 18.60 -48.42
N THR C 416 1.69 18.49 -49.23
CA THR C 416 0.85 19.65 -49.50
C THR C 416 0.22 20.18 -48.21
N VAL C 417 -0.29 19.27 -47.37
CA VAL C 417 -0.93 19.71 -46.13
C VAL C 417 0.11 20.34 -45.21
N THR C 418 1.33 19.82 -45.18
CA THR C 418 2.32 20.38 -44.27
C THR C 418 2.73 21.78 -44.71
N ASP C 419 2.94 22.01 -46.02
CA ASP C 419 3.38 23.37 -46.34
C ASP C 419 2.21 24.34 -46.44
N VAL C 420 0.97 23.87 -46.46
CA VAL C 420 -0.13 24.81 -46.31
C VAL C 420 -0.36 25.14 -44.84
N LYS C 421 -0.18 24.17 -43.94
CA LYS C 421 -0.23 24.46 -42.51
C LYS C 421 0.90 25.38 -42.09
N LYS C 422 2.06 25.27 -42.77
CA LYS C 422 3.16 26.18 -42.47
C LYS C 422 2.80 27.62 -42.75
N ARG C 423 1.75 27.87 -43.53
CA ARG C 423 1.35 29.23 -43.89
C ARG C 423 0.09 29.69 -43.19
N LEU C 424 -0.98 28.88 -43.15
CA LEU C 424 -2.22 29.36 -42.57
C LEU C 424 -2.13 29.45 -41.05
N PHE C 425 -1.19 28.72 -40.44
CA PHE C 425 -1.06 28.64 -38.99
C PHE C 425 -2.36 28.19 -38.32
C1 ORP E 4 -24.66 8.09 26.96
O1 ORP E 4 -23.82 7.18 27.62
C2 ORP E 4 -23.85 8.83 25.81
C3 ORP E 4 -24.23 10.29 25.93
O3 ORP E 4 -23.06 11.09 26.39
C4 ORP E 4 -25.20 10.33 26.85
O4 ORP E 4 -25.01 9.03 27.77
C5 ORP E 4 -26.55 10.28 26.19
O5 ORP E 4 -27.55 10.47 27.15
P ORP E 4 -28.58 11.75 26.98
O1P ORP E 4 -29.40 11.59 25.71
O2P ORP E 4 -29.50 11.85 28.16
MG MG F . 25.58 2.54 -4.47
PA TTP G . 22.41 1.04 -3.13
O1A TTP G . 23.60 0.93 -4.03
O2A TTP G . 22.39 -0.11 -2.17
O3A TTP G . 22.36 2.40 -2.30
PB TTP G . 23.43 3.58 -2.57
O1B TTP G . 23.68 3.75 -4.04
O2B TTP G . 22.93 4.85 -1.97
O3B TTP G . 24.73 3.03 -1.80
PG TTP G . 25.77 4.00 -1.09
O1G TTP G . 25.26 4.31 0.29
O2G TTP G . 27.10 3.31 -0.98
O3G TTP G . 25.92 5.28 -1.87
O5' TTP G . 21.06 1.13 -3.97
C5' TTP G . 21.11 1.36 -5.37
C4' TTP G . 19.84 2.07 -5.75
O4' TTP G . 18.73 1.32 -5.28
C3' TTP G . 19.76 3.41 -5.05
O3' TTP G . 20.17 4.46 -5.93
C2' TTP G . 18.30 3.57 -4.72
C1' TTP G . 17.71 2.18 -4.79
N1 TTP G . 17.34 1.79 -3.43
C2 TTP G . 16.12 2.24 -2.90
O2 TTP G . 15.37 2.93 -3.62
N3 TTP G . 15.73 1.94 -1.67
C4 TTP G . 16.52 1.19 -0.89
O4 TTP G . 16.16 0.92 0.27
C5 TTP G . 17.81 0.72 -1.40
C5M TTP G . 18.72 -0.11 -0.54
C6 TTP G . 18.17 1.06 -2.70
#